data_1S7Z
# 
_entry.id   1S7Z 
# 
_audit_conform.dict_name       mmcif_pdbx.dic 
_audit_conform.dict_version    5.398 
_audit_conform.dict_location   http://mmcif.pdb.org/dictionaries/ascii/mmcif_pdbx.dic 
# 
loop_
_database_2.database_id 
_database_2.database_code 
_database_2.pdbx_database_accession 
_database_2.pdbx_DOI 
PDB   1S7Z         pdb_00001s7z 10.2210/pdb1s7z/pdb 
RCSB  RCSB021481   ?            ?                   
WWPDB D_1000021481 ?            ?                   
# 
loop_
_pdbx_audit_revision_history.ordinal 
_pdbx_audit_revision_history.data_content_type 
_pdbx_audit_revision_history.major_revision 
_pdbx_audit_revision_history.minor_revision 
_pdbx_audit_revision_history.revision_date 
1 'Structure model' 1 0 2004-02-10 
2 'Structure model' 1 1 2008-04-29 
3 'Structure model' 1 2 2011-07-13 
4 'Structure model' 1 3 2024-10-30 
# 
_pdbx_audit_revision_details.ordinal             1 
_pdbx_audit_revision_details.revision_ordinal    1 
_pdbx_audit_revision_details.data_content_type   'Structure model' 
_pdbx_audit_revision_details.provider            repository 
_pdbx_audit_revision_details.type                'Initial release' 
_pdbx_audit_revision_details.description         ? 
_pdbx_audit_revision_details.details             ? 
# 
loop_
_pdbx_audit_revision_group.ordinal 
_pdbx_audit_revision_group.revision_ordinal 
_pdbx_audit_revision_group.data_content_type 
_pdbx_audit_revision_group.group 
1 2 'Structure model' 'Version format compliance' 
2 3 'Structure model' 'Derived calculations'      
3 3 'Structure model' 'Version format compliance' 
4 4 'Structure model' 'Data collection'           
5 4 'Structure model' 'Database references'       
6 4 'Structure model' 'Derived calculations'      
7 4 'Structure model' 'Structure summary'         
# 
loop_
_pdbx_audit_revision_category.ordinal 
_pdbx_audit_revision_category.revision_ordinal 
_pdbx_audit_revision_category.data_content_type 
_pdbx_audit_revision_category.category 
1 4 'Structure model' chem_comp_atom            
2 4 'Structure model' chem_comp_bond            
3 4 'Structure model' database_2                
4 4 'Structure model' pdbx_entry_details        
5 4 'Structure model' pdbx_modification_feature 
6 4 'Structure model' pdbx_struct_conn_angle    
7 4 'Structure model' struct_conn               
8 4 'Structure model' struct_ref_seq_dif        
9 4 'Structure model' struct_site               
# 
loop_
_pdbx_audit_revision_item.ordinal 
_pdbx_audit_revision_item.revision_ordinal 
_pdbx_audit_revision_item.data_content_type 
_pdbx_audit_revision_item.item 
1  4 'Structure model' '_database_2.pdbx_DOI'                        
2  4 'Structure model' '_database_2.pdbx_database_accession'         
3  4 'Structure model' '_pdbx_struct_conn_angle.ptnr1_auth_comp_id'  
4  4 'Structure model' '_pdbx_struct_conn_angle.ptnr1_auth_seq_id'   
5  4 'Structure model' '_pdbx_struct_conn_angle.ptnr1_label_asym_id' 
6  4 'Structure model' '_pdbx_struct_conn_angle.ptnr1_label_atom_id' 
7  4 'Structure model' '_pdbx_struct_conn_angle.ptnr1_label_comp_id' 
8  4 'Structure model' '_pdbx_struct_conn_angle.ptnr1_label_seq_id'  
9  4 'Structure model' '_pdbx_struct_conn_angle.ptnr1_symmetry'      
10 4 'Structure model' '_pdbx_struct_conn_angle.ptnr3_auth_comp_id'  
11 4 'Structure model' '_pdbx_struct_conn_angle.ptnr3_auth_seq_id'   
12 4 'Structure model' '_pdbx_struct_conn_angle.ptnr3_label_asym_id' 
13 4 'Structure model' '_pdbx_struct_conn_angle.ptnr3_label_atom_id' 
14 4 'Structure model' '_pdbx_struct_conn_angle.ptnr3_label_comp_id' 
15 4 'Structure model' '_pdbx_struct_conn_angle.ptnr3_label_seq_id'  
16 4 'Structure model' '_pdbx_struct_conn_angle.ptnr3_symmetry'      
17 4 'Structure model' '_pdbx_struct_conn_angle.value'               
18 4 'Structure model' '_struct_conn.pdbx_dist_value'                
19 4 'Structure model' '_struct_conn.pdbx_leaving_atom_flag'         
20 4 'Structure model' '_struct_conn.ptnr1_auth_comp_id'             
21 4 'Structure model' '_struct_conn.ptnr1_auth_seq_id'              
22 4 'Structure model' '_struct_conn.ptnr1_label_asym_id'            
23 4 'Structure model' '_struct_conn.ptnr1_label_atom_id'            
24 4 'Structure model' '_struct_conn.ptnr1_label_comp_id'            
25 4 'Structure model' '_struct_conn.ptnr1_label_seq_id'             
26 4 'Structure model' '_struct_conn.ptnr1_symmetry'                 
27 4 'Structure model' '_struct_conn.ptnr2_auth_comp_id'             
28 4 'Structure model' '_struct_conn.ptnr2_auth_seq_id'              
29 4 'Structure model' '_struct_conn.ptnr2_label_asym_id'            
30 4 'Structure model' '_struct_conn.ptnr2_label_atom_id'            
31 4 'Structure model' '_struct_conn.ptnr2_label_comp_id'            
32 4 'Structure model' '_struct_conn.ptnr2_label_seq_id'             
33 4 'Structure model' '_struct_conn.ptnr2_symmetry'                 
34 4 'Structure model' '_struct_ref_seq_dif.details'                 
35 4 'Structure model' '_struct_site.pdbx_auth_asym_id'              
36 4 'Structure model' '_struct_site.pdbx_auth_comp_id'              
37 4 'Structure model' '_struct_site.pdbx_auth_seq_id'               
# 
_pdbx_database_status.status_code                     REL 
_pdbx_database_status.entry_id                        1S7Z 
_pdbx_database_status.recvd_initial_deposition_date   2004-01-30 
_pdbx_database_status.deposit_site                    RCSB 
_pdbx_database_status.process_site                    RCSB 
_pdbx_database_status.status_code_sf                  REL 
_pdbx_database_status.SG_entry                        . 
_pdbx_database_status.pdb_format_compatible           Y 
_pdbx_database_status.status_code_mr                  ? 
_pdbx_database_status.status_code_cs                  ? 
_pdbx_database_status.status_code_nmr_data            ? 
_pdbx_database_status.methods_development_category    ? 
# 
loop_
_audit_author.name 
_audit_author.pdbx_ordinal 
'Walkinshaw, M.D.' 1 
'Taylor, P.'       2 
'Sturrock, S.S.'   3 
'Atanasiu, C.'     4 
'Berg, T.'         5 
'Henderson, R.M.'  6 
'Edwardson, J.M.'  7 
'Dryden, D.T.'     8 
# 
_citation.id                        primary 
_citation.title                     'Structure of Ocr from Bacteriophage T7, a Protein that Mimics B-Form DNA' 
_citation.journal_abbrev            Mol.Cell 
_citation.journal_volume            9 
_citation.page_first                187 
_citation.page_last                 194 
_citation.year                      2002 
_citation.journal_id_ASTM           MOCEFL 
_citation.country                   US 
_citation.journal_id_ISSN           1097-2765 
_citation.journal_id_CSD            2168 
_citation.book_publisher            ? 
_citation.pdbx_database_id_PubMed   11804597 
_citation.pdbx_database_id_DOI      '10.1016/S1097-2765(02)00435-5' 
# 
loop_
_citation_author.citation_id 
_citation_author.name 
_citation_author.ordinal 
_citation_author.identifier_ORCID 
primary 'Walkinshaw, M.D.' 1 ? 
primary 'Taylor, P.'       2 ? 
primary 'Sturrock, S.S.'   3 ? 
primary 'Atanasiu, C.'     4 ? 
primary 'Berg, T.'         5 ? 
primary 'Henderson, R.M.'  6 ? 
primary 'Edwardson, J.M.'  7 ? 
primary 'Dryden, D.T.'     8 ? 
# 
loop_
_entity.id 
_entity.type 
_entity.src_method 
_entity.pdbx_description 
_entity.formula_weight 
_entity.pdbx_number_of_molecules 
_entity.pdbx_ec 
_entity.pdbx_mutation 
_entity.pdbx_fragment 
_entity.details 
1 polymer     man 'Gene 0.3 protein' 14100.386 1   ? ? ? ? 
2 non-polymer syn 'CESIUM ION'       132.905   3   ? ? ? ? 
3 water       nat water              18.015    118 ? ? ? ? 
# 
_entity_poly.entity_id                      1 
_entity_poly.type                           'polypeptide(L)' 
_entity_poly.nstd_linkage                   no 
_entity_poly.nstd_monomer                   yes 
_entity_poly.pdbx_seq_one_letter_code       
;MA(MSE)SN(MSE)TYNNVFDHAYE(MSE)LKENIRYDDIRDTDDLHDAIH(MSE)AADNAVPHYYADIFSV(MSE)ASE
GIDLEFEDSGL(MSE)PDTKDVIRILQARIYEQLTIDLWEDAEDLLNEYLEEVEEYEEDEE
;
_entity_poly.pdbx_seq_one_letter_code_can   
;MAMSNMTYNNVFDHAYEMLKENIRYDDIRDTDDLHDAIHMAADNAVPHYYADIFSVMASEGIDLEFEDSGLMPDTKDVIR
ILQARIYEQLTIDLWEDAEDLLNEYLEEVEEYEEDEE
;
_entity_poly.pdbx_strand_id                 A 
_entity_poly.pdbx_target_identifier         ? 
# 
loop_
_pdbx_entity_nonpoly.entity_id 
_pdbx_entity_nonpoly.name 
_pdbx_entity_nonpoly.comp_id 
2 'CESIUM ION' CS  
3 water        HOH 
# 
loop_
_entity_poly_seq.entity_id 
_entity_poly_seq.num 
_entity_poly_seq.mon_id 
_entity_poly_seq.hetero 
1 1   MET n 
1 2   ALA n 
1 3   MSE n 
1 4   SER n 
1 5   ASN n 
1 6   MSE n 
1 7   THR n 
1 8   TYR n 
1 9   ASN n 
1 10  ASN n 
1 11  VAL n 
1 12  PHE n 
1 13  ASP n 
1 14  HIS n 
1 15  ALA n 
1 16  TYR n 
1 17  GLU n 
1 18  MSE n 
1 19  LEU n 
1 20  LYS n 
1 21  GLU n 
1 22  ASN n 
1 23  ILE n 
1 24  ARG n 
1 25  TYR n 
1 26  ASP n 
1 27  ASP n 
1 28  ILE n 
1 29  ARG n 
1 30  ASP n 
1 31  THR n 
1 32  ASP n 
1 33  ASP n 
1 34  LEU n 
1 35  HIS n 
1 36  ASP n 
1 37  ALA n 
1 38  ILE n 
1 39  HIS n 
1 40  MSE n 
1 41  ALA n 
1 42  ALA n 
1 43  ASP n 
1 44  ASN n 
1 45  ALA n 
1 46  VAL n 
1 47  PRO n 
1 48  HIS n 
1 49  TYR n 
1 50  TYR n 
1 51  ALA n 
1 52  ASP n 
1 53  ILE n 
1 54  PHE n 
1 55  SER n 
1 56  VAL n 
1 57  MSE n 
1 58  ALA n 
1 59  SER n 
1 60  GLU n 
1 61  GLY n 
1 62  ILE n 
1 63  ASP n 
1 64  LEU n 
1 65  GLU n 
1 66  PHE n 
1 67  GLU n 
1 68  ASP n 
1 69  SER n 
1 70  GLY n 
1 71  LEU n 
1 72  MSE n 
1 73  PRO n 
1 74  ASP n 
1 75  THR n 
1 76  LYS n 
1 77  ASP n 
1 78  VAL n 
1 79  ILE n 
1 80  ARG n 
1 81  ILE n 
1 82  LEU n 
1 83  GLN n 
1 84  ALA n 
1 85  ARG n 
1 86  ILE n 
1 87  TYR n 
1 88  GLU n 
1 89  GLN n 
1 90  LEU n 
1 91  THR n 
1 92  ILE n 
1 93  ASP n 
1 94  LEU n 
1 95  TRP n 
1 96  GLU n 
1 97  ASP n 
1 98  ALA n 
1 99  GLU n 
1 100 ASP n 
1 101 LEU n 
1 102 LEU n 
1 103 ASN n 
1 104 GLU n 
1 105 TYR n 
1 106 LEU n 
1 107 GLU n 
1 108 GLU n 
1 109 VAL n 
1 110 GLU n 
1 111 GLU n 
1 112 TYR n 
1 113 GLU n 
1 114 GLU n 
1 115 ASP n 
1 116 GLU n 
1 117 GLU n 
# 
_entity_src_gen.entity_id                          1 
_entity_src_gen.pdbx_src_id                        1 
_entity_src_gen.pdbx_alt_source_flag               sample 
_entity_src_gen.pdbx_seq_type                      ? 
_entity_src_gen.pdbx_beg_seq_num                   ? 
_entity_src_gen.pdbx_end_seq_num                   ? 
_entity_src_gen.gene_src_common_name               ? 
_entity_src_gen.gene_src_genus                     'T7-like viruses' 
_entity_src_gen.pdbx_gene_src_gene                 0.3 
_entity_src_gen.gene_src_species                   ? 
_entity_src_gen.gene_src_strain                    ? 
_entity_src_gen.gene_src_tissue                    ? 
_entity_src_gen.gene_src_tissue_fraction           ? 
_entity_src_gen.gene_src_details                   ? 
_entity_src_gen.pdbx_gene_src_fragment             ? 
_entity_src_gen.pdbx_gene_src_scientific_name      'Enterobacteria phage T7' 
_entity_src_gen.pdbx_gene_src_ncbi_taxonomy_id     10760 
_entity_src_gen.pdbx_gene_src_variant              ? 
_entity_src_gen.pdbx_gene_src_cell_line            ? 
_entity_src_gen.pdbx_gene_src_atcc                 ? 
_entity_src_gen.pdbx_gene_src_organ                ? 
_entity_src_gen.pdbx_gene_src_organelle            ? 
_entity_src_gen.pdbx_gene_src_cell                 ? 
_entity_src_gen.pdbx_gene_src_cellular_location    ? 
_entity_src_gen.host_org_common_name               ? 
_entity_src_gen.pdbx_host_org_scientific_name      'Escherichia coli' 
_entity_src_gen.pdbx_host_org_ncbi_taxonomy_id     562 
_entity_src_gen.host_org_genus                     Escherichia 
_entity_src_gen.pdbx_host_org_gene                 ? 
_entity_src_gen.pdbx_host_org_organ                ? 
_entity_src_gen.host_org_species                   ? 
_entity_src_gen.pdbx_host_org_tissue               ? 
_entity_src_gen.pdbx_host_org_tissue_fraction      ? 
_entity_src_gen.pdbx_host_org_strain               ? 
_entity_src_gen.pdbx_host_org_variant              ? 
_entity_src_gen.pdbx_host_org_cell_line            ? 
_entity_src_gen.pdbx_host_org_atcc                 ? 
_entity_src_gen.pdbx_host_org_culture_collection   ? 
_entity_src_gen.pdbx_host_org_cell                 ? 
_entity_src_gen.pdbx_host_org_organelle            ? 
_entity_src_gen.pdbx_host_org_cellular_location    ? 
_entity_src_gen.pdbx_host_org_vector_type          ? 
_entity_src_gen.pdbx_host_org_vector               ? 
_entity_src_gen.host_org_details                   ? 
_entity_src_gen.expression_system_id               ? 
_entity_src_gen.plasmid_name                       ? 
_entity_src_gen.plasmid_details                    ? 
_entity_src_gen.pdbx_description                   ? 
# 
loop_
_chem_comp.id 
_chem_comp.type 
_chem_comp.mon_nstd_flag 
_chem_comp.name 
_chem_comp.pdbx_synonyms 
_chem_comp.formula 
_chem_comp.formula_weight 
ALA 'L-peptide linking' y ALANINE          ? 'C3 H7 N O2'     89.093  
ARG 'L-peptide linking' y ARGININE         ? 'C6 H15 N4 O2 1' 175.209 
ASN 'L-peptide linking' y ASPARAGINE       ? 'C4 H8 N2 O3'    132.118 
ASP 'L-peptide linking' y 'ASPARTIC ACID'  ? 'C4 H7 N O4'     133.103 
CS  non-polymer         . 'CESIUM ION'     ? 'Cs 1'           132.905 
GLN 'L-peptide linking' y GLUTAMINE        ? 'C5 H10 N2 O3'   146.144 
GLU 'L-peptide linking' y 'GLUTAMIC ACID'  ? 'C5 H9 N O4'     147.129 
GLY 'peptide linking'   y GLYCINE          ? 'C2 H5 N O2'     75.067  
HIS 'L-peptide linking' y HISTIDINE        ? 'C6 H10 N3 O2 1' 156.162 
HOH non-polymer         . WATER            ? 'H2 O'           18.015  
ILE 'L-peptide linking' y ISOLEUCINE       ? 'C6 H13 N O2'    131.173 
LEU 'L-peptide linking' y LEUCINE          ? 'C6 H13 N O2'    131.173 
LYS 'L-peptide linking' y LYSINE           ? 'C6 H15 N2 O2 1' 147.195 
MET 'L-peptide linking' y METHIONINE       ? 'C5 H11 N O2 S'  149.211 
MSE 'L-peptide linking' n SELENOMETHIONINE ? 'C5 H11 N O2 Se' 196.106 
PHE 'L-peptide linking' y PHENYLALANINE    ? 'C9 H11 N O2'    165.189 
PRO 'L-peptide linking' y PROLINE          ? 'C5 H9 N O2'     115.130 
SER 'L-peptide linking' y SERINE           ? 'C3 H7 N O3'     105.093 
THR 'L-peptide linking' y THREONINE        ? 'C4 H9 N O3'     119.119 
TRP 'L-peptide linking' y TRYPTOPHAN       ? 'C11 H12 N2 O2'  204.225 
TYR 'L-peptide linking' y TYROSINE         ? 'C9 H11 N O3'    181.189 
VAL 'L-peptide linking' y VALINE           ? 'C5 H11 N O2'    117.146 
# 
loop_
_pdbx_poly_seq_scheme.asym_id 
_pdbx_poly_seq_scheme.entity_id 
_pdbx_poly_seq_scheme.seq_id 
_pdbx_poly_seq_scheme.mon_id 
_pdbx_poly_seq_scheme.ndb_seq_num 
_pdbx_poly_seq_scheme.pdb_seq_num 
_pdbx_poly_seq_scheme.auth_seq_num 
_pdbx_poly_seq_scheme.pdb_mon_id 
_pdbx_poly_seq_scheme.auth_mon_id 
_pdbx_poly_seq_scheme.pdb_strand_id 
_pdbx_poly_seq_scheme.pdb_ins_code 
_pdbx_poly_seq_scheme.hetero 
A 1 1   MET 1   0   ?   ?   ?   A . n 
A 1 2   ALA 2   1   ?   ?   ?   A . n 
A 1 3   MSE 3   2   ?   ?   ?   A . n 
A 1 4   SER 4   3   ?   ?   ?   A . n 
A 1 5   ASN 5   4   ?   ?   ?   A . n 
A 1 6   MSE 6   5   5   MSE MSE A . n 
A 1 7   THR 7   6   6   THR THR A . n 
A 1 8   TYR 8   7   7   TYR TYR A . n 
A 1 9   ASN 9   8   8   ASN ASN A . n 
A 1 10  ASN 10  9   9   ASN ASN A . n 
A 1 11  VAL 11  10  10  VAL VAL A . n 
A 1 12  PHE 12  11  11  PHE PHE A . n 
A 1 13  ASP 13  12  12  ASP ASP A . n 
A 1 14  HIS 14  13  13  HIS HIS A . n 
A 1 15  ALA 15  14  14  ALA ALA A . n 
A 1 16  TYR 16  15  15  TYR TYR A . n 
A 1 17  GLU 17  16  16  GLU GLU A . n 
A 1 18  MSE 18  17  17  MSE MSE A . n 
A 1 19  LEU 19  18  18  LEU LEU A . n 
A 1 20  LYS 20  19  19  LYS LYS A . n 
A 1 21  GLU 21  20  20  GLU GLU A . n 
A 1 22  ASN 22  21  21  ASN ASN A . n 
A 1 23  ILE 23  22  22  ILE ILE A . n 
A 1 24  ARG 24  23  23  ARG ARG A . n 
A 1 25  TYR 25  24  24  TYR TYR A . n 
A 1 26  ASP 26  25  25  ASP ASP A . n 
A 1 27  ASP 27  26  26  ASP ASP A . n 
A 1 28  ILE 28  27  27  ILE ILE A . n 
A 1 29  ARG 29  28  28  ARG ARG A . n 
A 1 30  ASP 30  29  29  ASP ASP A . n 
A 1 31  THR 31  30  30  THR THR A . n 
A 1 32  ASP 32  31  31  ASP ASP A . n 
A 1 33  ASP 33  32  32  ASP ASP A . n 
A 1 34  LEU 34  33  33  LEU LEU A . n 
A 1 35  HIS 35  34  34  HIS HIS A . n 
A 1 36  ASP 36  35  35  ASP ASP A . n 
A 1 37  ALA 37  36  36  ALA ALA A . n 
A 1 38  ILE 38  37  37  ILE ILE A . n 
A 1 39  HIS 39  38  38  HIS HIS A . n 
A 1 40  MSE 40  39  39  MSE MSE A . n 
A 1 41  ALA 41  40  40  ALA ALA A . n 
A 1 42  ALA 42  41  41  ALA ALA A . n 
A 1 43  ASP 43  42  42  ASP ASP A . n 
A 1 44  ASN 44  43  43  ASN ASN A . n 
A 1 45  ALA 45  44  44  ALA ALA A . n 
A 1 46  VAL 46  45  45  VAL VAL A . n 
A 1 47  PRO 47  46  46  PRO PRO A . n 
A 1 48  HIS 48  47  47  HIS HIS A . n 
A 1 49  TYR 49  48  48  TYR TYR A . n 
A 1 50  TYR 50  49  49  TYR TYR A . n 
A 1 51  ALA 51  50  50  ALA ALA A . n 
A 1 52  ASP 52  51  51  ASP ASP A . n 
A 1 53  ILE 53  52  52  ILE ILE A . n 
A 1 54  PHE 54  53  53  PHE PHE A . n 
A 1 55  SER 55  54  54  SER SER A . n 
A 1 56  VAL 56  55  55  VAL VAL A . n 
A 1 57  MSE 57  56  56  MSE MSE A . n 
A 1 58  ALA 58  57  57  ALA ALA A . n 
A 1 59  SER 59  58  58  SER SER A . n 
A 1 60  GLU 60  59  59  GLU GLU A . n 
A 1 61  GLY 61  60  60  GLY GLY A . n 
A 1 62  ILE 62  61  61  ILE ILE A . n 
A 1 63  ASP 63  62  62  ASP ASP A . n 
A 1 64  LEU 64  63  63  LEU LEU A . n 
A 1 65  GLU 65  64  64  GLU GLU A . n 
A 1 66  PHE 66  65  65  PHE PHE A . n 
A 1 67  GLU 67  66  66  GLU GLU A . n 
A 1 68  ASP 68  67  67  ASP ASP A . n 
A 1 69  SER 69  68  68  SER SER A . n 
A 1 70  GLY 70  69  69  GLY GLY A . n 
A 1 71  LEU 71  70  70  LEU LEU A . n 
A 1 72  MSE 72  71  71  MSE MSE A . n 
A 1 73  PRO 73  72  72  PRO PRO A . n 
A 1 74  ASP 74  73  73  ASP ASP A . n 
A 1 75  THR 75  74  74  THR THR A . n 
A 1 76  LYS 76  75  75  LYS LYS A . n 
A 1 77  ASP 77  76  76  ASP ASP A . n 
A 1 78  VAL 78  77  77  VAL VAL A . n 
A 1 79  ILE 79  78  78  ILE ILE A . n 
A 1 80  ARG 80  79  79  ARG ARG A . n 
A 1 81  ILE 81  80  80  ILE ILE A . n 
A 1 82  LEU 82  81  81  LEU LEU A . n 
A 1 83  GLN 83  82  82  GLN GLN A . n 
A 1 84  ALA 84  83  83  ALA ALA A . n 
A 1 85  ARG 85  84  84  ARG ARG A . n 
A 1 86  ILE 86  85  85  ILE ILE A . n 
A 1 87  TYR 87  86  86  TYR TYR A . n 
A 1 88  GLU 88  87  87  GLU GLU A . n 
A 1 89  GLN 89  88  88  GLN GLN A . n 
A 1 90  LEU 90  89  89  LEU LEU A . n 
A 1 91  THR 91  90  90  THR THR A . n 
A 1 92  ILE 92  91  91  ILE ILE A . n 
A 1 93  ASP 93  92  92  ASP ASP A . n 
A 1 94  LEU 94  93  93  LEU LEU A . n 
A 1 95  TRP 95  94  94  TRP TRP A . n 
A 1 96  GLU 96  95  95  GLU GLU A . n 
A 1 97  ASP 97  96  96  ASP ASP A . n 
A 1 98  ALA 98  97  97  ALA ALA A . n 
A 1 99  GLU 99  98  98  GLU GLU A . n 
A 1 100 ASP 100 99  99  ASP ASP A . n 
A 1 101 LEU 101 100 100 LEU LEU A . n 
A 1 102 LEU 102 101 101 LEU LEU A . n 
A 1 103 ASN 103 102 102 ASN ASN A . n 
A 1 104 GLU 104 103 103 GLU GLU A . n 
A 1 105 TYR 105 104 104 TYR TYR A . n 
A 1 106 LEU 106 105 105 LEU LEU A . n 
A 1 107 GLU 107 106 106 GLU GLU A . n 
A 1 108 GLU 108 107 107 GLU GLU A . n 
A 1 109 VAL 109 108 108 VAL VAL A . n 
A 1 110 GLU 110 109 109 GLU GLU A . n 
A 1 111 GLU 111 110 110 GLU GLU A . n 
A 1 112 TYR 112 111 ?   ?   ?   A . n 
A 1 113 GLU 113 112 ?   ?   ?   A . n 
A 1 114 GLU 114 113 ?   ?   ?   A . n 
A 1 115 ASP 115 114 ?   ?   ?   A . n 
A 1 116 GLU 116 115 ?   ?   ?   A . n 
A 1 117 GLU 117 116 ?   ?   ?   A . n 
# 
loop_
_pdbx_nonpoly_scheme.asym_id 
_pdbx_nonpoly_scheme.entity_id 
_pdbx_nonpoly_scheme.mon_id 
_pdbx_nonpoly_scheme.ndb_seq_num 
_pdbx_nonpoly_scheme.pdb_seq_num 
_pdbx_nonpoly_scheme.auth_seq_num 
_pdbx_nonpoly_scheme.pdb_mon_id 
_pdbx_nonpoly_scheme.auth_mon_id 
_pdbx_nonpoly_scheme.pdb_strand_id 
_pdbx_nonpoly_scheme.pdb_ins_code 
B 2 CS  1   201 201 CS  CS  A . 
C 2 CS  1   202 202 CS  CS  A . 
D 2 CS  1   203 203 CS  CS  A . 
E 3 HOH 1   204 1   HOH HOH A . 
E 3 HOH 2   205 2   HOH HOH A . 
E 3 HOH 3   206 3   HOH HOH A . 
E 3 HOH 4   207 4   HOH HOH A . 
E 3 HOH 5   208 5   HOH HOH A . 
E 3 HOH 6   209 6   HOH HOH A . 
E 3 HOH 7   210 7   HOH HOH A . 
E 3 HOH 8   211 8   HOH HOH A . 
E 3 HOH 9   212 9   HOH HOH A . 
E 3 HOH 10  213 10  HOH HOH A . 
E 3 HOH 11  214 11  HOH HOH A . 
E 3 HOH 12  215 12  HOH HOH A . 
E 3 HOH 13  216 13  HOH HOH A . 
E 3 HOH 14  217 14  HOH HOH A . 
E 3 HOH 15  218 15  HOH HOH A . 
E 3 HOH 16  219 16  HOH HOH A . 
E 3 HOH 17  220 17  HOH HOH A . 
E 3 HOH 18  221 18  HOH HOH A . 
E 3 HOH 19  222 19  HOH HOH A . 
E 3 HOH 20  223 20  HOH HOH A . 
E 3 HOH 21  224 21  HOH HOH A . 
E 3 HOH 22  225 22  HOH HOH A . 
E 3 HOH 23  226 23  HOH HOH A . 
E 3 HOH 24  227 24  HOH HOH A . 
E 3 HOH 25  228 25  HOH HOH A . 
E 3 HOH 26  229 26  HOH HOH A . 
E 3 HOH 27  230 27  HOH HOH A . 
E 3 HOH 28  231 28  HOH HOH A . 
E 3 HOH 29  232 29  HOH HOH A . 
E 3 HOH 30  233 30  HOH HOH A . 
E 3 HOH 31  234 31  HOH HOH A . 
E 3 HOH 32  235 32  HOH HOH A . 
E 3 HOH 33  236 33  HOH HOH A . 
E 3 HOH 34  237 34  HOH HOH A . 
E 3 HOH 35  238 35  HOH HOH A . 
E 3 HOH 36  239 36  HOH HOH A . 
E 3 HOH 37  240 37  HOH HOH A . 
E 3 HOH 38  241 38  HOH HOH A . 
E 3 HOH 39  242 39  HOH HOH A . 
E 3 HOH 40  243 40  HOH HOH A . 
E 3 HOH 41  244 41  HOH HOH A . 
E 3 HOH 42  245 42  HOH HOH A . 
E 3 HOH 43  246 43  HOH HOH A . 
E 3 HOH 44  247 44  HOH HOH A . 
E 3 HOH 45  248 45  HOH HOH A . 
E 3 HOH 46  249 46  HOH HOH A . 
E 3 HOH 47  250 47  HOH HOH A . 
E 3 HOH 48  251 48  HOH HOH A . 
E 3 HOH 49  252 49  HOH HOH A . 
E 3 HOH 50  253 50  HOH HOH A . 
E 3 HOH 51  254 51  HOH HOH A . 
E 3 HOH 52  255 52  HOH HOH A . 
E 3 HOH 53  256 53  HOH HOH A . 
E 3 HOH 54  257 54  HOH HOH A . 
E 3 HOH 55  258 55  HOH HOH A . 
E 3 HOH 56  259 56  HOH HOH A . 
E 3 HOH 57  260 57  HOH HOH A . 
E 3 HOH 58  261 58  HOH HOH A . 
E 3 HOH 59  262 59  HOH HOH A . 
E 3 HOH 60  263 60  HOH HOH A . 
E 3 HOH 61  264 61  HOH HOH A . 
E 3 HOH 62  265 62  HOH HOH A . 
E 3 HOH 63  266 63  HOH HOH A . 
E 3 HOH 64  267 64  HOH HOH A . 
E 3 HOH 65  268 65  HOH HOH A . 
E 3 HOH 66  269 66  HOH HOH A . 
E 3 HOH 67  270 67  HOH HOH A . 
E 3 HOH 68  271 68  HOH HOH A . 
E 3 HOH 69  272 69  HOH HOH A . 
E 3 HOH 70  273 70  HOH HOH A . 
E 3 HOH 71  274 71  HOH HOH A . 
E 3 HOH 72  275 72  HOH HOH A . 
E 3 HOH 73  276 73  HOH HOH A . 
E 3 HOH 74  277 74  HOH HOH A . 
E 3 HOH 75  278 75  HOH HOH A . 
E 3 HOH 76  279 76  HOH HOH A . 
E 3 HOH 77  280 77  HOH HOH A . 
E 3 HOH 78  281 78  HOH HOH A . 
E 3 HOH 79  282 79  HOH HOH A . 
E 3 HOH 80  283 80  HOH HOH A . 
E 3 HOH 81  284 81  HOH HOH A . 
E 3 HOH 82  285 82  HOH HOH A . 
E 3 HOH 83  286 83  HOH HOH A . 
E 3 HOH 84  287 84  HOH HOH A . 
E 3 HOH 85  288 85  HOH HOH A . 
E 3 HOH 86  289 86  HOH HOH A . 
E 3 HOH 87  290 87  HOH HOH A . 
E 3 HOH 88  291 88  HOH HOH A . 
E 3 HOH 89  292 89  HOH HOH A . 
E 3 HOH 90  293 90  HOH HOH A . 
E 3 HOH 91  294 91  HOH HOH A . 
E 3 HOH 92  295 92  HOH HOH A . 
E 3 HOH 93  296 93  HOH HOH A . 
E 3 HOH 94  297 94  HOH HOH A . 
E 3 HOH 95  298 95  HOH HOH A . 
E 3 HOH 96  299 96  HOH HOH A . 
E 3 HOH 97  300 97  HOH HOH A . 
E 3 HOH 98  301 98  HOH HOH A . 
E 3 HOH 99  302 99  HOH HOH A . 
E 3 HOH 100 303 100 HOH HOH A . 
E 3 HOH 101 304 101 HOH HOH A . 
E 3 HOH 102 305 102 HOH HOH A . 
E 3 HOH 103 306 103 HOH HOH A . 
E 3 HOH 104 307 104 HOH HOH A . 
E 3 HOH 105 308 105 HOH HOH A . 
E 3 HOH 106 309 106 HOH HOH A . 
E 3 HOH 107 310 107 HOH HOH A . 
E 3 HOH 108 311 108 HOH HOH A . 
E 3 HOH 109 312 109 HOH HOH A . 
E 3 HOH 110 313 110 HOH HOH A . 
E 3 HOH 111 314 111 HOH HOH A . 
E 3 HOH 112 315 112 HOH HOH A . 
E 3 HOH 113 316 113 HOH HOH A . 
E 3 HOH 114 317 114 HOH HOH A . 
E 3 HOH 115 318 115 HOH HOH A . 
E 3 HOH 116 319 116 HOH HOH A . 
E 3 HOH 117 320 117 HOH HOH A . 
E 3 HOH 118 321 118 HOH HOH A . 
# 
loop_
_software.name 
_software.classification 
_software.version 
_software.citation_id 
_software.pdbx_ordinal 
REFMAC refinement       5.0       ? 1 
DENZO  'data reduction' .         ? 2 
CCP4   'data scaling'   '(SCALA)' ? 3 
SOLVE  phasing          .         ? 4 
# 
_cell.entry_id           1S7Z 
_cell.length_a           78.777 
_cell.length_b           37.665 
_cell.length_c           35.490 
_cell.angle_alpha        90.00 
_cell.angle_beta         98.42 
_cell.angle_gamma        90.00 
_cell.Z_PDB              4 
_cell.pdbx_unique_axis   ? 
# 
_symmetry.entry_id                         1S7Z 
_symmetry.space_group_name_H-M             'C 1 2 1' 
_symmetry.pdbx_full_space_group_name_H-M   ? 
_symmetry.cell_setting                     ? 
_symmetry.Int_Tables_number                5 
# 
_exptl.entry_id          1S7Z 
_exptl.method            'X-RAY DIFFRACTION' 
_exptl.crystals_number   1 
# 
_exptl_crystal.id                    1 
_exptl_crystal.density_meas          ? 
_exptl_crystal.density_Matthews      1.85 
_exptl_crystal.density_percent_sol   33.39 
_exptl_crystal.description           ? 
# 
_exptl_crystal_grow.crystal_id      1 
_exptl_crystal_grow.method          'VAPOR DIFFUSION, HANGING DROP' 
_exptl_crystal_grow.temp            291 
_exptl_crystal_grow.temp_details    ? 
_exptl_crystal_grow.pH              8.2 
_exptl_crystal_grow.pdbx_details    
'32%PEG-8000, 0.1M Tris-HCl, 0.2M caesium chloride, pH 8.2, VAPOR DIFFUSION, HANGING DROP, temperature 291K' 
_exptl_crystal_grow.pdbx_pH_range   . 
# 
_diffrn.id                     1 
_diffrn.ambient_temp           100 
_diffrn.ambient_temp_details   ? 
_diffrn.crystal_id             1 
# 
_diffrn_detector.diffrn_id              1 
_diffrn_detector.detector               CCD 
_diffrn_detector.type                   MARRESEARCH 
_diffrn_detector.pdbx_collection_date   2000-03-01 
_diffrn_detector.details                'channel cut monochromator' 
# 
_diffrn_radiation.diffrn_id                        1 
_diffrn_radiation.wavelength_id                    1 
_diffrn_radiation.pdbx_monochromatic_or_laue_m_l   M 
_diffrn_radiation.monochromator                    Silicon 
_diffrn_radiation.pdbx_diffrn_protocol             MAD 
_diffrn_radiation.pdbx_scattering_type             x-ray 
# 
loop_
_diffrn_radiation_wavelength.id 
_diffrn_radiation_wavelength.wavelength 
_diffrn_radiation_wavelength.wt 
1 0.87   1.0 
2 1.2    1.0 
3 0.9777 1.0 
4 0.9793 1.0 
# 
_diffrn_source.diffrn_id                   1 
_diffrn_source.source                      SYNCHROTRON 
_diffrn_source.type                        'SRS BEAMLINE PX14.2' 
_diffrn_source.pdbx_synchrotron_site       SRS 
_diffrn_source.pdbx_synchrotron_beamline   PX14.2 
_diffrn_source.pdbx_wavelength             0.87 
_diffrn_source.pdbx_wavelength_list        '1.2, 0.9777,0.9793' 
# 
_reflns.entry_id                     1S7Z 
_reflns.observed_criterion_sigma_I   0. 
_reflns.observed_criterion_sigma_F   0. 
_reflns.d_resolution_low             38.9 
_reflns.d_resolution_high            1.83 
_reflns.number_obs                   8923 
_reflns.number_all                   8923 
_reflns.percent_possible_obs         ? 
_reflns.pdbx_Rmerge_I_obs            0.049 
_reflns.pdbx_Rsym_value              0.049 
_reflns.pdbx_netI_over_sigmaI        17.9 
_reflns.B_iso_Wilson_estimate        ? 
_reflns.pdbx_redundancy              8 
_reflns.R_free_details               ? 
_reflns.limit_h_max                  ? 
_reflns.limit_h_min                  ? 
_reflns.limit_k_max                  ? 
_reflns.limit_k_min                  ? 
_reflns.limit_l_max                  ? 
_reflns.limit_l_min                  ? 
_reflns.observed_criterion_F_max     ? 
_reflns.observed_criterion_F_min     ? 
_reflns.pdbx_ordinal                 1 
_reflns.pdbx_diffrn_id               1 
# 
_reflns_shell.d_res_high             1.83 
_reflns_shell.d_res_low              1.88 
_reflns_shell.percent_possible_all   98.5 
_reflns_shell.Rmerge_I_obs           0.096 
_reflns_shell.pdbx_Rsym_value        0.096 
_reflns_shell.meanI_over_sigI_obs    13.3 
_reflns_shell.pdbx_redundancy        ? 
_reflns_shell.percent_possible_obs   ? 
_reflns_shell.number_unique_all      ? 
_reflns_shell.pdbx_ordinal           1 
_reflns_shell.pdbx_diffrn_id         1 
# 
_refine.entry_id                                 1S7Z 
_refine.ls_number_reflns_obs                     8426 
_refine.ls_number_reflns_all                     8426 
_refine.pdbx_ls_sigma_I                          ? 
_refine.pdbx_ls_sigma_F                          ? 
_refine.pdbx_data_cutoff_high_absF               ? 
_refine.pdbx_data_cutoff_low_absF                ? 
_refine.pdbx_data_cutoff_high_rms_absF           ? 
_refine.ls_d_res_low                             38.9 
_refine.ls_d_res_high                            1.83 
_refine.ls_percent_reflns_obs                    96.91 
_refine.ls_R_factor_obs                          0.17349 
_refine.ls_R_factor_all                          ? 
_refine.ls_R_factor_R_work                       0.16975 
_refine.ls_R_factor_R_free                       0.23947 
_refine.ls_R_factor_R_free_error                 ? 
_refine.ls_R_factor_R_free_error_details         ? 
_refine.ls_percent_reflns_R_free                 5.5 
_refine.ls_number_reflns_R_free                  495 
_refine.ls_number_parameters                     ? 
_refine.ls_number_restraints                     ? 
_refine.occupancy_min                            ? 
_refine.occupancy_max                            ? 
_refine.correlation_coeff_Fo_to_Fc               0.940 
_refine.correlation_coeff_Fo_to_Fc_free          0.888 
_refine.B_iso_mean                               10.834 
_refine.aniso_B[1][1]                            -0.15 
_refine.aniso_B[2][2]                            0.30 
_refine.aniso_B[3][3]                            -0.29 
_refine.aniso_B[1][2]                            0.00 
_refine.aniso_B[1][3]                            -0.48 
_refine.aniso_B[2][3]                            0.00 
_refine.solvent_model_details                    'BABINET MODEL WITH MASK' 
_refine.solvent_model_param_ksol                 ? 
_refine.solvent_model_param_bsol                 ? 
_refine.pdbx_solvent_vdw_probe_radii             1.40 
_refine.pdbx_solvent_ion_probe_radii             0.80 
_refine.pdbx_solvent_shrinkage_radii             0.80 
_refine.pdbx_ls_cross_valid_method               THROUGHOUT 
_refine.details                                  'HYDROGENS HAVE BEEN ADDED IN THE RIDING POSITIONS' 
_refine.pdbx_starting_model                      ? 
_refine.pdbx_method_to_determine_struct          MAD 
_refine.pdbx_isotropic_thermal_model             ? 
_refine.pdbx_stereochemistry_target_values       'MAXIMUM LIKELIHOOD' 
_refine.pdbx_stereochem_target_val_spec_case     ? 
_refine.pdbx_R_Free_selection_details            RANDOM 
_refine.pdbx_overall_ESU_R                       0.152 
_refine.pdbx_overall_ESU_R_Free                  0.155 
_refine.overall_SU_ML                            0.132 
_refine.overall_SU_B                             4.209 
_refine.ls_redundancy_reflns_obs                 ? 
_refine.B_iso_min                                ? 
_refine.B_iso_max                                ? 
_refine.overall_SU_R_Cruickshank_DPI             ? 
_refine.overall_SU_R_free                        ? 
_refine.pdbx_refine_id                           'X-RAY DIFFRACTION' 
_refine.pdbx_diffrn_id                           1 
_refine.pdbx_TLS_residual_ADP_flag               ? 
_refine.pdbx_overall_phase_error                 ? 
_refine.pdbx_overall_SU_R_free_Cruickshank_DPI   ? 
_refine.pdbx_overall_SU_R_Blow_DPI               ? 
_refine.pdbx_overall_SU_R_free_Blow_DPI          ? 
# 
_refine_hist.pdbx_refine_id                   'X-RAY DIFFRACTION' 
_refine_hist.cycle_id                         LAST 
_refine_hist.pdbx_number_atoms_protein        876 
_refine_hist.pdbx_number_atoms_nucleic_acid   0 
_refine_hist.pdbx_number_atoms_ligand         3 
_refine_hist.number_atoms_solvent             118 
_refine_hist.number_atoms_total               997 
_refine_hist.d_res_high                       1.83 
_refine_hist.d_res_low                        38.9 
# 
loop_
_refine_ls_restr.type 
_refine_ls_restr.dev_ideal 
_refine_ls_restr.dev_ideal_target 
_refine_ls_restr.weight 
_refine_ls_restr.number 
_refine_ls_restr.pdbx_refine_id 
_refine_ls_restr.pdbx_restraint_function 
r_bond_refined_d         0.031  0.021  ? 893  'X-RAY DIFFRACTION' ? 
r_bond_other_d           0.001  0.020  ? 762  'X-RAY DIFFRACTION' ? 
r_angle_refined_deg      2.195  1.945  ? 1213 'X-RAY DIFFRACTION' ? 
r_angle_other_deg        0.958  3.000  ? 1774 'X-RAY DIFFRACTION' ? 
r_dihedral_angle_1_deg   3.552  3.000  ? 105  'X-RAY DIFFRACTION' ? 
r_dihedral_angle_2_deg   ?      ?      ? ?    'X-RAY DIFFRACTION' ? 
r_dihedral_angle_3_deg   16.936 15.000 ? 153  'X-RAY DIFFRACTION' ? 
r_dihedral_angle_4_deg   ?      ?      ? ?    'X-RAY DIFFRACTION' ? 
r_chiral_restr           0.120  0.200  ? 132  'X-RAY DIFFRACTION' ? 
r_gen_planes_refined     0.010  0.020  ? 1012 'X-RAY DIFFRACTION' ? 
r_gen_planes_other       0.003  0.020  ? 175  'X-RAY DIFFRACTION' ? 
r_nbd_refined            0.315  0.300  ? 222  'X-RAY DIFFRACTION' ? 
r_nbd_other              0.231  0.300  ? 722  'X-RAY DIFFRACTION' ? 
r_nbtor_refined          ?      ?      ? ?    'X-RAY DIFFRACTION' ? 
r_nbtor_other            ?      ?      ? ?    'X-RAY DIFFRACTION' ? 
r_xyhbond_nbd_refined    0.220  0.500  ? 50   'X-RAY DIFFRACTION' ? 
r_xyhbond_nbd_other      ?      ?      ? ?    'X-RAY DIFFRACTION' ? 
r_metal_ion_refined      0.442  0.500  ? 5    'X-RAY DIFFRACTION' ? 
r_metal_ion_other        ?      ?      ? ?    'X-RAY DIFFRACTION' ? 
r_symmetry_vdw_refined   0.311  0.300  ? 20   'X-RAY DIFFRACTION' ? 
r_symmetry_vdw_other     0.229  0.300  ? 41   'X-RAY DIFFRACTION' ? 
r_symmetry_hbond_refined 0.503  0.500  ? 20   'X-RAY DIFFRACTION' ? 
r_symmetry_hbond_other   ?      ?      ? ?    'X-RAY DIFFRACTION' ? 
r_mcbond_it              1.298  1.500  ? 529  'X-RAY DIFFRACTION' ? 
r_mcbond_other           ?      ?      ? ?    'X-RAY DIFFRACTION' ? 
r_mcangle_it             2.426  2.000  ? 854  'X-RAY DIFFRACTION' ? 
r_scbond_it              4.600  3.000  ? 364  'X-RAY DIFFRACTION' ? 
r_scangle_it             6.895  4.500  ? 359  'X-RAY DIFFRACTION' ? 
r_rigid_bond_restr       ?      ?      ? ?    'X-RAY DIFFRACTION' ? 
r_sphericity_free        ?      ?      ? ?    'X-RAY DIFFRACTION' ? 
r_sphericity_bonded      ?      ?      ? ?    'X-RAY DIFFRACTION' ? 
# 
_refine_ls_shell.pdbx_total_number_of_bins_used   20 
_refine_ls_shell.d_res_high                       1.83 
_refine_ls_shell.d_res_low                        1.879 
_refine_ls_shell.number_reflns_R_work             427 
_refine_ls_shell.R_factor_R_work                  0.164 
_refine_ls_shell.percent_reflns_obs               ? 
_refine_ls_shell.R_factor_R_free                  0.263 
_refine_ls_shell.R_factor_R_free_error            ? 
_refine_ls_shell.percent_reflns_R_free            ? 
_refine_ls_shell.number_reflns_R_free             25 
_refine_ls_shell.redundancy_reflns_obs            ? 
_refine_ls_shell.number_reflns_all                ? 
_refine_ls_shell.number_reflns_obs                ? 
_refine_ls_shell.pdbx_refine_id                   'X-RAY DIFFRACTION' 
_refine_ls_shell.R_factor_all                     ? 
# 
_struct.entry_id                  1S7Z 
_struct.title                     'Structure of Ocr from Bacteriophage T7' 
_struct.pdbx_model_details        ? 
_struct.pdbx_CASP_flag            ? 
_struct.pdbx_model_type_details   ? 
# 
_struct_keywords.entry_id        1S7Z 
_struct_keywords.pdbx_keywords   'GENE REGULATION' 
_struct_keywords.text            'all helical, gene regulation' 
# 
loop_
_struct_asym.id 
_struct_asym.pdbx_blank_PDB_chainid_flag 
_struct_asym.pdbx_modified 
_struct_asym.entity_id 
_struct_asym.details 
A N N 1 ? 
B N N 2 ? 
C N N 2 ? 
D N N 2 ? 
E N N 3 ? 
# 
_struct_ref.id                         1 
_struct_ref.db_name                    UNP 
_struct_ref.db_code                    V03_BPT7 
_struct_ref.pdbx_db_accession          P03775 
_struct_ref.entity_id                  1 
_struct_ref.pdbx_seq_one_letter_code   
;MAMSNMTYNNVFDHAYEMLKENIRYDDIRDTDDLHDAIHMAADNAVPHYYADIFSVMASEGIDLEFEDSGLMPDTKDVIR
ILQARIYEQLTIDLWEDAEDLLNEYLEEVEEYEEDEE
;
_struct_ref.pdbx_align_begin           1 
_struct_ref.pdbx_db_isoform            ? 
# 
_struct_ref_seq.align_id                      1 
_struct_ref_seq.ref_id                        1 
_struct_ref_seq.pdbx_PDB_id_code              1S7Z 
_struct_ref_seq.pdbx_strand_id                A 
_struct_ref_seq.seq_align_beg                 1 
_struct_ref_seq.pdbx_seq_align_beg_ins_code   ? 
_struct_ref_seq.seq_align_end                 117 
_struct_ref_seq.pdbx_seq_align_end_ins_code   ? 
_struct_ref_seq.pdbx_db_accession             P03775 
_struct_ref_seq.db_align_beg                  1 
_struct_ref_seq.pdbx_db_align_beg_ins_code    ? 
_struct_ref_seq.db_align_end                  117 
_struct_ref_seq.pdbx_db_align_end_ins_code    ? 
_struct_ref_seq.pdbx_auth_seq_align_beg       0 
_struct_ref_seq.pdbx_auth_seq_align_end       116 
# 
loop_
_struct_ref_seq_dif.align_id 
_struct_ref_seq_dif.pdbx_pdb_id_code 
_struct_ref_seq_dif.mon_id 
_struct_ref_seq_dif.pdbx_pdb_strand_id 
_struct_ref_seq_dif.seq_num 
_struct_ref_seq_dif.pdbx_pdb_ins_code 
_struct_ref_seq_dif.pdbx_seq_db_name 
_struct_ref_seq_dif.pdbx_seq_db_accession_code 
_struct_ref_seq_dif.db_mon_id 
_struct_ref_seq_dif.pdbx_seq_db_seq_num 
_struct_ref_seq_dif.details 
_struct_ref_seq_dif.pdbx_auth_seq_num 
_struct_ref_seq_dif.pdbx_ordinal 
1 1S7Z MSE A 3  ? UNP P03775 MET 3  'modified residue' 2  1 
1 1S7Z MSE A 6  ? UNP P03775 MET 6  'modified residue' 5  2 
1 1S7Z MSE A 18 ? UNP P03775 MET 18 'modified residue' 17 3 
1 1S7Z MSE A 40 ? UNP P03775 MET 40 'modified residue' 39 4 
1 1S7Z MSE A 57 ? UNP P03775 MET 57 'modified residue' 56 5 
1 1S7Z MSE A 72 ? UNP P03775 MET 72 'modified residue' 71 6 
# 
loop_
_pdbx_struct_assembly.id 
_pdbx_struct_assembly.details 
_pdbx_struct_assembly.method_details 
_pdbx_struct_assembly.oligomeric_details 
_pdbx_struct_assembly.oligomeric_count 
1 author_defined_assembly   ?    dimeric   2 
2 software_defined_assembly PISA dimeric   2 
3 software_defined_assembly PQS  monomeric 1 
# 
loop_
_pdbx_struct_assembly_prop.biol_id 
_pdbx_struct_assembly_prop.type 
_pdbx_struct_assembly_prop.value 
_pdbx_struct_assembly_prop.details 
2 'ABSA (A^2)' 2280  ? 
2 MORE         -180  ? 
2 'SSA (A^2)'  13010 ? 
# 
loop_
_pdbx_struct_assembly_gen.assembly_id 
_pdbx_struct_assembly_gen.oper_expression 
_pdbx_struct_assembly_gen.asym_id_list 
1 1,2 A,B,C,D,E 
2 1,3 A,B,C,D,E 
3 1   A,B,C,D,E 
# 
loop_
_pdbx_struct_oper_list.id 
_pdbx_struct_oper_list.type 
_pdbx_struct_oper_list.name 
_pdbx_struct_oper_list.symmetry_operation 
_pdbx_struct_oper_list.matrix[1][1] 
_pdbx_struct_oper_list.matrix[1][2] 
_pdbx_struct_oper_list.matrix[1][3] 
_pdbx_struct_oper_list.vector[1] 
_pdbx_struct_oper_list.matrix[2][1] 
_pdbx_struct_oper_list.matrix[2][2] 
_pdbx_struct_oper_list.matrix[2][3] 
_pdbx_struct_oper_list.vector[2] 
_pdbx_struct_oper_list.matrix[3][1] 
_pdbx_struct_oper_list.matrix[3][2] 
_pdbx_struct_oper_list.matrix[3][3] 
_pdbx_struct_oper_list.vector[3] 
1 'identity operation'         1_555 x,y,z             1.0000000000  0.0000000000 0.0000000000 0.0000000000   0.0000000000 1.0000000000  0.0000000000 0.0000000000   0.0000000000 0.0000000000 1.0000000000 0.0000000000   
2 'crystal symmetry operation' 4_556 -x+1/2,y+1/2,-z+1 -0.7914130767 0.0192541821 0.6109784108 -15.3324687934 0.0192541821 -0.9982226905 0.0563980205 -12.6590726742 0.6109784108 0.0563980205 0.7896357672 -14.2751855456 
3 'crystal symmetry operation' 2_555 -x,y,-z           -0.7914130767 0.0192541821 0.6109784108 35.1901106530  0.0192541821 -0.9982226905 0.0563980205 1.4417095369   0.6109784108 0.0563980205 0.7896357672 -12.0592736484  
# 
_struct_biol.id                    1 
_struct_biol.details               
;The tight (sub nanomolar) dimer in solution is retained in the crystal 
by a crystallographic two-fold axis 
The interface is only 250 Angstroms squared 
for each monomer
;
_struct_biol.pdbx_parent_biol_id   ? 
# 
loop_
_struct_conf.conf_type_id 
_struct_conf.id 
_struct_conf.pdbx_PDB_helix_id 
_struct_conf.beg_label_comp_id 
_struct_conf.beg_label_asym_id 
_struct_conf.beg_label_seq_id 
_struct_conf.pdbx_beg_PDB_ins_code 
_struct_conf.end_label_comp_id 
_struct_conf.end_label_asym_id 
_struct_conf.end_label_seq_id 
_struct_conf.pdbx_end_PDB_ins_code 
_struct_conf.beg_auth_comp_id 
_struct_conf.beg_auth_asym_id 
_struct_conf.beg_auth_seq_id 
_struct_conf.end_auth_comp_id 
_struct_conf.end_auth_asym_id 
_struct_conf.end_auth_seq_id 
_struct_conf.pdbx_PDB_helix_class 
_struct_conf.details 
_struct_conf.pdbx_PDB_helix_length 
HELX_P HELX_P1 1 THR A 7  ? ASP A 26  ? THR A 6  ASP A 25  1 ? 20 
HELX_P HELX_P2 2 ASP A 30 ? ASP A 33  ? ASP A 29 ASP A 32  5 ? 4  
HELX_P HELX_P3 3 LEU A 34 ? VAL A 46  ? LEU A 33 VAL A 45  1 ? 13 
HELX_P HELX_P4 4 TYR A 49 ? ALA A 58  ? TYR A 48 ALA A 57  1 ? 10 
HELX_P HELX_P5 5 ASP A 68 ? MSE A 72  ? ASP A 67 MSE A 71  5 ? 5  
HELX_P HELX_P6 6 ASP A 77 ? ASP A 97  ? ASP A 76 ASP A 96  1 ? 21 
HELX_P HELX_P7 7 ASP A 97 ? GLU A 107 ? ASP A 96 GLU A 106 1 ? 11 
# 
_struct_conf_type.id          HELX_P 
_struct_conf_type.criteria    ? 
_struct_conf_type.reference   ? 
# 
loop_
_struct_conn.id 
_struct_conn.conn_type_id 
_struct_conn.pdbx_leaving_atom_flag 
_struct_conn.pdbx_PDB_id 
_struct_conn.ptnr1_label_asym_id 
_struct_conn.ptnr1_label_comp_id 
_struct_conn.ptnr1_label_seq_id 
_struct_conn.ptnr1_label_atom_id 
_struct_conn.pdbx_ptnr1_label_alt_id 
_struct_conn.pdbx_ptnr1_PDB_ins_code 
_struct_conn.pdbx_ptnr1_standard_comp_id 
_struct_conn.ptnr1_symmetry 
_struct_conn.ptnr2_label_asym_id 
_struct_conn.ptnr2_label_comp_id 
_struct_conn.ptnr2_label_seq_id 
_struct_conn.ptnr2_label_atom_id 
_struct_conn.pdbx_ptnr2_label_alt_id 
_struct_conn.pdbx_ptnr2_PDB_ins_code 
_struct_conn.ptnr1_auth_asym_id 
_struct_conn.ptnr1_auth_comp_id 
_struct_conn.ptnr1_auth_seq_id 
_struct_conn.ptnr2_auth_asym_id 
_struct_conn.ptnr2_auth_comp_id 
_struct_conn.ptnr2_auth_seq_id 
_struct_conn.ptnr2_symmetry 
_struct_conn.pdbx_ptnr3_label_atom_id 
_struct_conn.pdbx_ptnr3_label_seq_id 
_struct_conn.pdbx_ptnr3_label_comp_id 
_struct_conn.pdbx_ptnr3_label_asym_id 
_struct_conn.pdbx_ptnr3_label_alt_id 
_struct_conn.pdbx_ptnr3_PDB_ins_code 
_struct_conn.details 
_struct_conn.pdbx_dist_value 
_struct_conn.pdbx_value_order 
_struct_conn.pdbx_role 
covale1  covale both ? A MSE 6   C   ? ? ? 1_555 A THR 7  N  ? ? A MSE 5   A THR 6   1_555 ? ? ? ? ? ? ? 1.333 ? ? 
covale2  covale both ? A GLU 17  C   ? ? ? 1_555 A MSE 18 N  ? ? A GLU 16  A MSE 17  1_555 ? ? ? ? ? ? ? 1.319 ? ? 
covale3  covale both ? A MSE 18  C   ? ? ? 1_555 A LEU 19 N  ? ? A MSE 17  A LEU 18  1_555 ? ? ? ? ? ? ? 1.331 ? ? 
covale4  covale both ? A HIS 39  C   ? ? ? 1_555 A MSE 40 N  ? ? A HIS 38  A MSE 39  1_555 ? ? ? ? ? ? ? 1.342 ? ? 
covale5  covale both ? A MSE 40  C   ? ? ? 1_555 A ALA 41 N  ? ? A MSE 39  A ALA 40  1_555 ? ? ? ? ? ? ? 1.334 ? ? 
covale6  covale both ? A VAL 56  C   ? ? ? 1_555 A MSE 57 N  ? ? A VAL 55  A MSE 56  1_555 ? ? ? ? ? ? ? 1.345 ? ? 
covale7  covale both ? A MSE 57  C   ? ? ? 1_555 A ALA 58 N  ? ? A MSE 56  A ALA 57  1_555 ? ? ? ? ? ? ? 1.333 ? ? 
covale8  covale both ? A LEU 71  C   ? ? ? 1_555 A MSE 72 N  ? ? A LEU 70  A MSE 71  1_555 ? ? ? ? ? ? ? 1.344 ? ? 
covale9  covale both ? A MSE 72  C   ? ? ? 1_555 A PRO 73 N  ? ? A MSE 71  A PRO 72  1_555 ? ? ? ? ? ? ? 1.324 ? ? 
metalc1  metalc ?    ? A TYR 25  O   ? ? ? 4_546 B CS  .  CS ? ? A TYR 24  A CS  201 1_555 ? ? ? ? ? ? ? 3.109 ? ? 
metalc2  metalc ?    ? A ASP 26  OD1 ? ? ? 4_546 B CS  .  CS ? ? A ASP 25  A CS  201 1_555 ? ? ? ? ? ? ? 3.194 ? ? 
metalc3  metalc ?    ? A MSE 57  O   ? ? ? 1_555 C CS  .  CS ? ? A MSE 56  A CS  202 1_555 ? ? ? ? ? ? ? 3.223 ? ? 
metalc4  metalc ?    ? A SER 59  O   ? ? ? 1_555 C CS  .  CS ? ? A SER 58  A CS  202 1_555 ? ? ? ? ? ? ? 2.710 ? ? 
metalc5  metalc ?    ? A ILE 62  O   ? ? ? 1_555 C CS  .  CS ? ? A ILE 61  A CS  202 1_555 ? ? ? ? ? ? ? 3.152 ? ? 
metalc6  metalc ?    ? A PHE 66  O   ? ? ? 4_555 D CS  .  CS ? ? A PHE 65  A CS  203 1_555 ? ? ? ? ? ? ? 3.128 ? ? 
metalc7  metalc ?    ? A SER 69  OG  ? ? ? 4_555 D CS  .  CS ? ? A SER 68  A CS  203 1_555 ? ? ? ? ? ? ? 3.019 ? ? 
metalc8  metalc ?    ? A GLY 70  O   ? ? ? 1_555 B CS  .  CS ? ? A GLY 69  A CS  201 1_555 ? ? ? ? ? ? ? 3.318 ? ? 
metalc9  metalc ?    ? A MSE 72  O   ? ? ? 1_555 B CS  .  CS ? ? A MSE 71  A CS  201 1_555 ? ? ? ? ? ? ? 3.101 ? ? 
metalc10 metalc ?    ? A GLU 96  O   ? ? ? 1_555 D CS  .  CS ? ? A GLU 95  A CS  203 1_555 ? ? ? ? ? ? ? 3.270 ? ? 
metalc11 metalc ?    ? A ASP 97  OD1 ? ? ? 1_555 D CS  .  CS ? ? A ASP 96  A CS  203 1_555 ? ? ? ? ? ? ? 2.768 ? ? 
metalc12 metalc ?    ? A ASP 100 OD2 ? ? ? 1_555 D CS  .  CS ? ? A ASP 99  A CS  203 1_555 ? ? ? ? ? ? ? 3.483 ? ? 
metalc13 metalc ?    ? B CS  .   CS  ? ? ? 1_555 E HOH .  O  ? ? A CS  201 A HOH 210 1_555 ? ? ? ? ? ? ? 3.422 ? ? 
metalc14 metalc ?    ? C CS  .   CS  ? ? ? 1_555 E HOH .  O  ? ? A CS  202 A HOH 215 1_555 ? ? ? ? ? ? ? 3.600 ? ? 
metalc15 metalc ?    ? C CS  .   CS  ? ? ? 1_555 E HOH .  O  ? ? A CS  202 A HOH 253 1_555 ? ? ? ? ? ? ? 3.094 ? ? 
metalc16 metalc ?    ? C CS  .   CS  ? ? ? 1_555 E HOH .  O  ? ? A CS  202 A HOH 255 2_555 ? ? ? ? ? ? ? 2.845 ? ? 
metalc17 metalc ?    ? C CS  .   CS  ? ? ? 1_555 E HOH .  O  ? ? A CS  202 A HOH 309 1_555 ? ? ? ? ? ? ? 3.054 ? ? 
metalc18 metalc ?    ? D CS  .   CS  ? ? ? 1_555 E HOH .  O  ? ? A CS  203 A HOH 224 1_555 ? ? ? ? ? ? ? 3.163 ? ? 
metalc19 metalc ?    ? D CS  .   CS  ? ? ? 1_555 E HOH .  O  ? ? A CS  203 A HOH 244 1_555 ? ? ? ? ? ? ? 3.707 ? ? 
metalc20 metalc ?    ? D CS  .   CS  ? ? ? 1_555 E HOH .  O  ? ? A CS  203 A HOH 285 1_555 ? ? ? ? ? ? ? 2.273 ? ? 
# 
loop_
_struct_conn_type.id 
_struct_conn_type.criteria 
_struct_conn_type.reference 
covale ? ? 
metalc ? ? 
# 
loop_
_pdbx_struct_conn_angle.id 
_pdbx_struct_conn_angle.ptnr1_label_atom_id 
_pdbx_struct_conn_angle.ptnr1_label_alt_id 
_pdbx_struct_conn_angle.ptnr1_label_asym_id 
_pdbx_struct_conn_angle.ptnr1_label_comp_id 
_pdbx_struct_conn_angle.ptnr1_label_seq_id 
_pdbx_struct_conn_angle.ptnr1_auth_atom_id 
_pdbx_struct_conn_angle.ptnr1_auth_asym_id 
_pdbx_struct_conn_angle.ptnr1_auth_comp_id 
_pdbx_struct_conn_angle.ptnr1_auth_seq_id 
_pdbx_struct_conn_angle.ptnr1_PDB_ins_code 
_pdbx_struct_conn_angle.ptnr1_symmetry 
_pdbx_struct_conn_angle.ptnr2_label_atom_id 
_pdbx_struct_conn_angle.ptnr2_label_alt_id 
_pdbx_struct_conn_angle.ptnr2_label_asym_id 
_pdbx_struct_conn_angle.ptnr2_label_comp_id 
_pdbx_struct_conn_angle.ptnr2_label_seq_id 
_pdbx_struct_conn_angle.ptnr2_auth_atom_id 
_pdbx_struct_conn_angle.ptnr2_auth_asym_id 
_pdbx_struct_conn_angle.ptnr2_auth_comp_id 
_pdbx_struct_conn_angle.ptnr2_auth_seq_id 
_pdbx_struct_conn_angle.ptnr2_PDB_ins_code 
_pdbx_struct_conn_angle.ptnr2_symmetry 
_pdbx_struct_conn_angle.ptnr3_label_atom_id 
_pdbx_struct_conn_angle.ptnr3_label_alt_id 
_pdbx_struct_conn_angle.ptnr3_label_asym_id 
_pdbx_struct_conn_angle.ptnr3_label_comp_id 
_pdbx_struct_conn_angle.ptnr3_label_seq_id 
_pdbx_struct_conn_angle.ptnr3_auth_atom_id 
_pdbx_struct_conn_angle.ptnr3_auth_asym_id 
_pdbx_struct_conn_angle.ptnr3_auth_comp_id 
_pdbx_struct_conn_angle.ptnr3_auth_seq_id 
_pdbx_struct_conn_angle.ptnr3_PDB_ins_code 
_pdbx_struct_conn_angle.ptnr3_symmetry 
_pdbx_struct_conn_angle.value 
_pdbx_struct_conn_angle.value_esd 
1  O   ? A TYR 25  ? A TYR 24  ? 4_546 CS ? B CS . ? A CS 201 ? 1_555 OD1 ? A ASP 26  ? A ASP 25  ? 4_546 62.3  ? 
2  O   ? A TYR 25  ? A TYR 24  ? 4_546 CS ? B CS . ? A CS 201 ? 1_555 O   ? A GLY 70  ? A GLY 69  ? 1_555 86.5  ? 
3  OD1 ? A ASP 26  ? A ASP 25  ? 4_546 CS ? B CS . ? A CS 201 ? 1_555 O   ? A GLY 70  ? A GLY 69  ? 1_555 97.5  ? 
4  O   ? A TYR 25  ? A TYR 24  ? 4_546 CS ? B CS . ? A CS 201 ? 1_555 O   ? A MSE 72  ? A MSE 71  ? 1_555 71.3  ? 
5  OD1 ? A ASP 26  ? A ASP 25  ? 4_546 CS ? B CS . ? A CS 201 ? 1_555 O   ? A MSE 72  ? A MSE 71  ? 1_555 131.6 ? 
6  O   ? A GLY 70  ? A GLY 69  ? 1_555 CS ? B CS . ? A CS 201 ? 1_555 O   ? A MSE 72  ? A MSE 71  ? 1_555 92.2  ? 
7  O   ? A TYR 25  ? A TYR 24  ? 4_546 CS ? B CS . ? A CS 201 ? 1_555 O   ? E HOH .   ? A HOH 210 ? 1_555 71.3  ? 
8  OD1 ? A ASP 26  ? A ASP 25  ? 4_546 CS ? B CS . ? A CS 201 ? 1_555 O   ? E HOH .   ? A HOH 210 ? 1_555 70.4  ? 
9  O   ? A GLY 70  ? A GLY 69  ? 1_555 CS ? B CS . ? A CS 201 ? 1_555 O   ? E HOH .   ? A HOH 210 ? 1_555 157.7 ? 
10 O   ? A MSE 72  ? A MSE 71  ? 1_555 CS ? B CS . ? A CS 201 ? 1_555 O   ? E HOH .   ? A HOH 210 ? 1_555 83.2  ? 
11 O   ? A MSE 57  ? A MSE 56  ? 1_555 CS ? C CS . ? A CS 202 ? 1_555 O   ? A SER 59  ? A SER 58  ? 1_555 88.0  ? 
12 O   ? A MSE 57  ? A MSE 56  ? 1_555 CS ? C CS . ? A CS 202 ? 1_555 O   ? A ILE 62  ? A ILE 61  ? 1_555 83.4  ? 
13 O   ? A SER 59  ? A SER 58  ? 1_555 CS ? C CS . ? A CS 202 ? 1_555 O   ? A ILE 62  ? A ILE 61  ? 1_555 88.4  ? 
14 O   ? A MSE 57  ? A MSE 56  ? 1_555 CS ? C CS . ? A CS 202 ? 1_555 O   ? E HOH .   ? A HOH 215 ? 1_555 44.3  ? 
15 O   ? A SER 59  ? A SER 58  ? 1_555 CS ? C CS . ? A CS 202 ? 1_555 O   ? E HOH .   ? A HOH 215 ? 1_555 112.0 ? 
16 O   ? A ILE 62  ? A ILE 61  ? 1_555 CS ? C CS . ? A CS 202 ? 1_555 O   ? E HOH .   ? A HOH 215 ? 1_555 50.1  ? 
17 O   ? A MSE 57  ? A MSE 56  ? 1_555 CS ? C CS . ? A CS 202 ? 1_555 O   ? E HOH .   ? A HOH 253 ? 1_555 152.8 ? 
18 O   ? A SER 59  ? A SER 58  ? 1_555 CS ? C CS . ? A CS 202 ? 1_555 O   ? E HOH .   ? A HOH 253 ? 1_555 86.1  ? 
19 O   ? A ILE 62  ? A ILE 61  ? 1_555 CS ? C CS . ? A CS 202 ? 1_555 O   ? E HOH .   ? A HOH 253 ? 1_555 69.9  ? 
20 O   ? E HOH .   ? A HOH 215 ? 1_555 CS ? C CS . ? A CS 202 ? 1_555 O   ? E HOH .   ? A HOH 253 ? 1_555 114.9 ? 
21 O   ? A MSE 57  ? A MSE 56  ? 1_555 CS ? C CS . ? A CS 202 ? 1_555 O   ? E HOH .   ? A HOH 255 ? 2_555 98.6  ? 
22 O   ? A SER 59  ? A SER 58  ? 1_555 CS ? C CS . ? A CS 202 ? 1_555 O   ? E HOH .   ? A HOH 255 ? 2_555 169.8 ? 
23 O   ? A ILE 62  ? A ILE 61  ? 1_555 CS ? C CS . ? A CS 202 ? 1_555 O   ? E HOH .   ? A HOH 255 ? 2_555 100.1 ? 
24 O   ? E HOH .   ? A HOH 215 ? 1_555 CS ? C CS . ? A CS 202 ? 1_555 O   ? E HOH .   ? A HOH 255 ? 2_555 78.0  ? 
25 O   ? E HOH .   ? A HOH 253 ? 1_555 CS ? C CS . ? A CS 202 ? 1_555 O   ? E HOH .   ? A HOH 255 ? 2_555 91.4  ? 
26 O   ? A MSE 57  ? A MSE 56  ? 1_555 CS ? C CS . ? A CS 202 ? 1_555 O   ? E HOH .   ? A HOH 309 ? 1_555 132.8 ? 
27 O   ? A SER 59  ? A SER 58  ? 1_555 CS ? C CS . ? A CS 202 ? 1_555 O   ? E HOH .   ? A HOH 309 ? 1_555 74.1  ? 
28 O   ? A ILE 62  ? A ILE 61  ? 1_555 CS ? C CS . ? A CS 202 ? 1_555 O   ? E HOH .   ? A HOH 309 ? 1_555 137.4 ? 
29 O   ? E HOH .   ? A HOH 215 ? 1_555 CS ? C CS . ? A CS 202 ? 1_555 O   ? E HOH .   ? A HOH 309 ? 1_555 171.6 ? 
30 O   ? E HOH .   ? A HOH 253 ? 1_555 CS ? C CS . ? A CS 202 ? 1_555 O   ? E HOH .   ? A HOH 309 ? 1_555 70.4  ? 
31 O   ? E HOH .   ? A HOH 255 ? 2_555 CS ? C CS . ? A CS 202 ? 1_555 O   ? E HOH .   ? A HOH 309 ? 1_555 95.7  ? 
32 O   ? A PHE 66  ? A PHE 65  ? 4_555 CS ? D CS . ? A CS 203 ? 1_555 OG  ? A SER 69  ? A SER 68  ? 4_555 111.1 ? 
33 O   ? A PHE 66  ? A PHE 65  ? 4_555 CS ? D CS . ? A CS 203 ? 1_555 O   ? A GLU 96  ? A GLU 95  ? 1_555 171.2 ? 
34 OG  ? A SER 69  ? A SER 68  ? 4_555 CS ? D CS . ? A CS 203 ? 1_555 O   ? A GLU 96  ? A GLU 95  ? 1_555 75.6  ? 
35 O   ? A PHE 66  ? A PHE 65  ? 4_555 CS ? D CS . ? A CS 203 ? 1_555 OD1 ? A ASP 97  ? A ASP 96  ? 1_555 97.2  ? 
36 OG  ? A SER 69  ? A SER 68  ? 4_555 CS ? D CS . ? A CS 203 ? 1_555 OD1 ? A ASP 97  ? A ASP 96  ? 1_555 127.0 ? 
37 O   ? A GLU 96  ? A GLU 95  ? 1_555 CS ? D CS . ? A CS 203 ? 1_555 OD1 ? A ASP 97  ? A ASP 96  ? 1_555 74.0  ? 
38 O   ? A PHE 66  ? A PHE 65  ? 4_555 CS ? D CS . ? A CS 203 ? 1_555 OD2 ? A ASP 100 ? A ASP 99  ? 1_555 94.2  ? 
39 OG  ? A SER 69  ? A SER 68  ? 4_555 CS ? D CS . ? A CS 203 ? 1_555 OD2 ? A ASP 100 ? A ASP 99  ? 1_555 131.0 ? 
40 O   ? A GLU 96  ? A GLU 95  ? 1_555 CS ? D CS . ? A CS 203 ? 1_555 OD2 ? A ASP 100 ? A ASP 99  ? 1_555 84.9  ? 
41 OD1 ? A ASP 97  ? A ASP 96  ? 1_555 CS ? D CS . ? A CS 203 ? 1_555 OD2 ? A ASP 100 ? A ASP 99  ? 1_555 88.0  ? 
42 O   ? A PHE 66  ? A PHE 65  ? 4_555 CS ? D CS . ? A CS 203 ? 1_555 O   ? E HOH .   ? A HOH 224 ? 1_555 75.8  ? 
43 OG  ? A SER 69  ? A SER 68  ? 4_555 CS ? D CS . ? A CS 203 ? 1_555 O   ? E HOH .   ? A HOH 224 ? 1_555 96.4  ? 
44 O   ? A GLU 96  ? A GLU 95  ? 1_555 CS ? D CS . ? A CS 203 ? 1_555 O   ? E HOH .   ? A HOH 224 ? 1_555 109.7 ? 
45 OD1 ? A ASP 97  ? A ASP 96  ? 1_555 CS ? D CS . ? A CS 203 ? 1_555 O   ? E HOH .   ? A HOH 224 ? 1_555 134.4 ? 
46 OD2 ? A ASP 100 ? A ASP 99  ? 1_555 CS ? D CS . ? A CS 203 ? 1_555 O   ? E HOH .   ? A HOH 224 ? 1_555 48.9  ? 
47 O   ? A PHE 66  ? A PHE 65  ? 4_555 CS ? D CS . ? A CS 203 ? 1_555 O   ? E HOH .   ? A HOH 244 ? 1_555 77.3  ? 
48 OG  ? A SER 69  ? A SER 68  ? 4_555 CS ? D CS . ? A CS 203 ? 1_555 O   ? E HOH .   ? A HOH 244 ? 1_555 170.9 ? 
49 O   ? A GLU 96  ? A GLU 95  ? 1_555 CS ? D CS . ? A CS 203 ? 1_555 O   ? E HOH .   ? A HOH 244 ? 1_555 96.4  ? 
50 OD1 ? A ASP 97  ? A ASP 96  ? 1_555 CS ? D CS . ? A CS 203 ? 1_555 O   ? E HOH .   ? A HOH 244 ? 1_555 53.0  ? 
51 OD2 ? A ASP 100 ? A ASP 99  ? 1_555 CS ? D CS . ? A CS 203 ? 1_555 O   ? E HOH .   ? A HOH 244 ? 1_555 42.4  ? 
52 O   ? E HOH .   ? A HOH 224 ? 1_555 CS ? D CS . ? A CS 203 ? 1_555 O   ? E HOH .   ? A HOH 244 ? 1_555 81.9  ? 
53 O   ? A PHE 66  ? A PHE 65  ? 4_555 CS ? D CS . ? A CS 203 ? 1_555 O   ? E HOH .   ? A HOH 285 ? 1_555 72.9  ? 
54 OG  ? A SER 69  ? A SER 68  ? 4_555 CS ? D CS . ? A CS 203 ? 1_555 O   ? E HOH .   ? A HOH 285 ? 1_555 76.4  ? 
55 O   ? A GLU 96  ? A GLU 95  ? 1_555 CS ? D CS . ? A CS 203 ? 1_555 O   ? E HOH .   ? A HOH 285 ? 1_555 104.1 ? 
56 OD1 ? A ASP 97  ? A ASP 96  ? 1_555 CS ? D CS . ? A CS 203 ? 1_555 O   ? E HOH .   ? A HOH 285 ? 1_555 70.4  ? 
57 OD2 ? A ASP 100 ? A ASP 99  ? 1_555 CS ? D CS . ? A CS 203 ? 1_555 O   ? E HOH .   ? A HOH 285 ? 1_555 152.6 ? 
58 O   ? E HOH .   ? A HOH 224 ? 1_555 CS ? D CS . ? A CS 203 ? 1_555 O   ? E HOH .   ? A HOH 285 ? 1_555 142.5 ? 
59 O   ? E HOH .   ? A HOH 244 ? 1_555 CS ? D CS . ? A CS 203 ? 1_555 O   ? E HOH .   ? A HOH 285 ? 1_555 110.4 ? 
# 
loop_
_pdbx_modification_feature.ordinal 
_pdbx_modification_feature.label_comp_id 
_pdbx_modification_feature.label_asym_id 
_pdbx_modification_feature.label_seq_id 
_pdbx_modification_feature.label_alt_id 
_pdbx_modification_feature.modified_residue_label_comp_id 
_pdbx_modification_feature.modified_residue_label_asym_id 
_pdbx_modification_feature.modified_residue_label_seq_id 
_pdbx_modification_feature.modified_residue_label_alt_id 
_pdbx_modification_feature.auth_comp_id 
_pdbx_modification_feature.auth_asym_id 
_pdbx_modification_feature.auth_seq_id 
_pdbx_modification_feature.PDB_ins_code 
_pdbx_modification_feature.symmetry 
_pdbx_modification_feature.modified_residue_auth_comp_id 
_pdbx_modification_feature.modified_residue_auth_asym_id 
_pdbx_modification_feature.modified_residue_auth_seq_id 
_pdbx_modification_feature.modified_residue_PDB_ins_code 
_pdbx_modification_feature.modified_residue_symmetry 
_pdbx_modification_feature.comp_id_linking_atom 
_pdbx_modification_feature.modified_residue_id_linking_atom 
_pdbx_modification_feature.modified_residue_id 
_pdbx_modification_feature.ref_pcm_id 
_pdbx_modification_feature.ref_comp_id 
_pdbx_modification_feature.type 
_pdbx_modification_feature.category 
1 MSE A 6  ? . . . . MSE A 5  ? 1_555 . . . . . . . MET 1 MSE Selenomethionine 'Named protein modification' 
2 MSE A 18 ? . . . . MSE A 17 ? 1_555 . . . . . . . MET 1 MSE Selenomethionine 'Named protein modification' 
3 MSE A 40 ? . . . . MSE A 39 ? 1_555 . . . . . . . MET 1 MSE Selenomethionine 'Named protein modification' 
4 MSE A 57 ? . . . . MSE A 56 ? 1_555 . . . . . . . MET 1 MSE Selenomethionine 'Named protein modification' 
5 MSE A 72 ? . . . . MSE A 71 ? 1_555 . . . . . . . MET 1 MSE Selenomethionine 'Named protein modification' 
# 
loop_
_struct_site.id 
_struct_site.pdbx_evidence_code 
_struct_site.pdbx_auth_asym_id 
_struct_site.pdbx_auth_comp_id 
_struct_site.pdbx_auth_seq_id 
_struct_site.pdbx_auth_ins_code 
_struct_site.pdbx_num_residues 
_struct_site.details 
AC1 Software A CS 201 ? 4 'BINDING SITE FOR RESIDUE CS A 201' 
AC2 Software A CS 202 ? 6 'BINDING SITE FOR RESIDUE CS A 202' 
AC3 Software A CS 203 ? 6 'BINDING SITE FOR RESIDUE CS A 203' 
# 
loop_
_struct_site_gen.id 
_struct_site_gen.site_id 
_struct_site_gen.pdbx_num_res 
_struct_site_gen.label_comp_id 
_struct_site_gen.label_asym_id 
_struct_site_gen.label_seq_id 
_struct_site_gen.pdbx_auth_ins_code 
_struct_site_gen.auth_comp_id 
_struct_site_gen.auth_asym_id 
_struct_site_gen.auth_seq_id 
_struct_site_gen.label_atom_id 
_struct_site_gen.label_alt_id 
_struct_site_gen.symmetry 
_struct_site_gen.details 
1  AC1 4 TYR A 25  ? TYR A 24  . ? 4_546 ? 
2  AC1 4 ASP A 26  ? ASP A 25  . ? 4_546 ? 
3  AC1 4 GLY A 70  ? GLY A 69  . ? 1_555 ? 
4  AC1 4 MSE A 72  ? MSE A 71  . ? 1_555 ? 
5  AC2 6 MSE A 57  ? MSE A 56  . ? 1_555 ? 
6  AC2 6 SER A 59  ? SER A 58  . ? 1_555 ? 
7  AC2 6 ILE A 62  ? ILE A 61  . ? 1_555 ? 
8  AC2 6 HOH E .   ? HOH A 253 . ? 1_555 ? 
9  AC2 6 HOH E .   ? HOH A 255 . ? 2_555 ? 
10 AC2 6 HOH E .   ? HOH A 309 . ? 1_555 ? 
11 AC3 6 PHE A 66  ? PHE A 65  . ? 4_555 ? 
12 AC3 6 SER A 69  ? SER A 68  . ? 4_555 ? 
13 AC3 6 GLU A 96  ? GLU A 95  . ? 1_555 ? 
14 AC3 6 ASP A 97  ? ASP A 96  . ? 1_555 ? 
15 AC3 6 ASP A 100 ? ASP A 99  . ? 1_555 ? 
16 AC3 6 HOH E .   ? HOH A 285 . ? 1_555 ? 
# 
_pdbx_entry_details.entry_id                   1S7Z 
_pdbx_entry_details.compound_details           ? 
_pdbx_entry_details.source_details             ? 
_pdbx_entry_details.nonpolymer_details         ? 
_pdbx_entry_details.sequence_details           ? 
_pdbx_entry_details.has_ligand_of_interest     ? 
_pdbx_entry_details.has_protein_modification   Y 
# 
loop_
_pdbx_validate_close_contact.id 
_pdbx_validate_close_contact.PDB_model_num 
_pdbx_validate_close_contact.auth_atom_id_1 
_pdbx_validate_close_contact.auth_asym_id_1 
_pdbx_validate_close_contact.auth_comp_id_1 
_pdbx_validate_close_contact.auth_seq_id_1 
_pdbx_validate_close_contact.PDB_ins_code_1 
_pdbx_validate_close_contact.label_alt_id_1 
_pdbx_validate_close_contact.auth_atom_id_2 
_pdbx_validate_close_contact.auth_asym_id_2 
_pdbx_validate_close_contact.auth_comp_id_2 
_pdbx_validate_close_contact.auth_seq_id_2 
_pdbx_validate_close_contact.PDB_ins_code_2 
_pdbx_validate_close_contact.label_alt_id_2 
_pdbx_validate_close_contact.dist 
1 1 OE2 A GLU 107 ? ? O   A HOH 318 ? ? 2.13 
2 1 CE  A MSE 5   ? ? OD1 A ASN 9   ? ? 2.16 
3 1 CG  A GLN 82  ? ? O   A HOH 321 ? ? 2.18 
# 
loop_
_pdbx_validate_symm_contact.id 
_pdbx_validate_symm_contact.PDB_model_num 
_pdbx_validate_symm_contact.auth_atom_id_1 
_pdbx_validate_symm_contact.auth_asym_id_1 
_pdbx_validate_symm_contact.auth_comp_id_1 
_pdbx_validate_symm_contact.auth_seq_id_1 
_pdbx_validate_symm_contact.PDB_ins_code_1 
_pdbx_validate_symm_contact.label_alt_id_1 
_pdbx_validate_symm_contact.site_symmetry_1 
_pdbx_validate_symm_contact.auth_atom_id_2 
_pdbx_validate_symm_contact.auth_asym_id_2 
_pdbx_validate_symm_contact.auth_comp_id_2 
_pdbx_validate_symm_contact.auth_seq_id_2 
_pdbx_validate_symm_contact.PDB_ins_code_2 
_pdbx_validate_symm_contact.label_alt_id_2 
_pdbx_validate_symm_contact.site_symmetry_2 
_pdbx_validate_symm_contact.dist 
1 1 O A HOH 243 ? ? 1_555 O A HOH 243 ? ? 2_656 1.07 
2 1 O A HOH 314 ? ? 1_555 O A HOH 314 ? ? 2_555 1.64 
3 1 O A HOH 214 ? ? 1_555 O A HOH 314 ? ? 2_555 2.10 
# 
loop_
_pdbx_validate_rmsd_bond.id 
_pdbx_validate_rmsd_bond.PDB_model_num 
_pdbx_validate_rmsd_bond.auth_atom_id_1 
_pdbx_validate_rmsd_bond.auth_asym_id_1 
_pdbx_validate_rmsd_bond.auth_comp_id_1 
_pdbx_validate_rmsd_bond.auth_seq_id_1 
_pdbx_validate_rmsd_bond.PDB_ins_code_1 
_pdbx_validate_rmsd_bond.label_alt_id_1 
_pdbx_validate_rmsd_bond.auth_atom_id_2 
_pdbx_validate_rmsd_bond.auth_asym_id_2 
_pdbx_validate_rmsd_bond.auth_comp_id_2 
_pdbx_validate_rmsd_bond.auth_seq_id_2 
_pdbx_validate_rmsd_bond.PDB_ins_code_2 
_pdbx_validate_rmsd_bond.label_alt_id_2 
_pdbx_validate_rmsd_bond.bond_value 
_pdbx_validate_rmsd_bond.bond_target_value 
_pdbx_validate_rmsd_bond.bond_deviation 
_pdbx_validate_rmsd_bond.bond_standard_deviation 
_pdbx_validate_rmsd_bond.linker_flag 
1 1 SE A MSE 39 ? ? CE  A MSE 39 ? ? 1.522 1.950 -0.428 0.059 N 
2 1 CD A GLU 64 ? ? OE1 A GLU 64 ? ? 1.185 1.252 -0.067 0.011 N 
# 
loop_
_pdbx_validate_rmsd_angle.id 
_pdbx_validate_rmsd_angle.PDB_model_num 
_pdbx_validate_rmsd_angle.auth_atom_id_1 
_pdbx_validate_rmsd_angle.auth_asym_id_1 
_pdbx_validate_rmsd_angle.auth_comp_id_1 
_pdbx_validate_rmsd_angle.auth_seq_id_1 
_pdbx_validate_rmsd_angle.PDB_ins_code_1 
_pdbx_validate_rmsd_angle.label_alt_id_1 
_pdbx_validate_rmsd_angle.auth_atom_id_2 
_pdbx_validate_rmsd_angle.auth_asym_id_2 
_pdbx_validate_rmsd_angle.auth_comp_id_2 
_pdbx_validate_rmsd_angle.auth_seq_id_2 
_pdbx_validate_rmsd_angle.PDB_ins_code_2 
_pdbx_validate_rmsd_angle.label_alt_id_2 
_pdbx_validate_rmsd_angle.auth_atom_id_3 
_pdbx_validate_rmsd_angle.auth_asym_id_3 
_pdbx_validate_rmsd_angle.auth_comp_id_3 
_pdbx_validate_rmsd_angle.auth_seq_id_3 
_pdbx_validate_rmsd_angle.PDB_ins_code_3 
_pdbx_validate_rmsd_angle.label_alt_id_3 
_pdbx_validate_rmsd_angle.angle_value 
_pdbx_validate_rmsd_angle.angle_target_value 
_pdbx_validate_rmsd_angle.angle_deviation 
_pdbx_validate_rmsd_angle.angle_standard_deviation 
_pdbx_validate_rmsd_angle.linker_flag 
1 1 CB A ASP 29 ? ? CG A ASP 29 ? ? OD2 A ASP 29 ? ? 123.80 118.30 5.50  0.90 N 
2 1 CB A LEU 33 ? ? CG A LEU 33 ? ? CD2 A LEU 33 ? ? 127.38 111.00 16.38 1.70 N 
3 1 CB A ASP 35 ? ? CG A ASP 35 ? ? OD1 A ASP 35 ? ? 124.61 118.30 6.31  0.90 N 
4 1 CB A TYR 49 ? ? CG A TYR 49 ? ? CD1 A TYR 49 ? ? 125.10 121.00 4.10  0.60 N 
5 1 CB A ASP 92 ? ? CG A ASP 92 ? ? OD2 A ASP 92 ? ? 123.87 118.30 5.57  0.90 N 
# 
loop_
_pdbx_struct_mod_residue.id 
_pdbx_struct_mod_residue.label_asym_id 
_pdbx_struct_mod_residue.label_comp_id 
_pdbx_struct_mod_residue.label_seq_id 
_pdbx_struct_mod_residue.auth_asym_id 
_pdbx_struct_mod_residue.auth_comp_id 
_pdbx_struct_mod_residue.auth_seq_id 
_pdbx_struct_mod_residue.PDB_ins_code 
_pdbx_struct_mod_residue.parent_comp_id 
_pdbx_struct_mod_residue.details 
1 A MSE 6  A MSE 5  ? MET SELENOMETHIONINE 
2 A MSE 18 A MSE 17 ? MET SELENOMETHIONINE 
3 A MSE 40 A MSE 39 ? MET SELENOMETHIONINE 
4 A MSE 57 A MSE 56 ? MET SELENOMETHIONINE 
5 A MSE 72 A MSE 71 ? MET SELENOMETHIONINE 
# 
loop_
_pdbx_unobs_or_zero_occ_residues.id 
_pdbx_unobs_or_zero_occ_residues.PDB_model_num 
_pdbx_unobs_or_zero_occ_residues.polymer_flag 
_pdbx_unobs_or_zero_occ_residues.occupancy_flag 
_pdbx_unobs_or_zero_occ_residues.auth_asym_id 
_pdbx_unobs_or_zero_occ_residues.auth_comp_id 
_pdbx_unobs_or_zero_occ_residues.auth_seq_id 
_pdbx_unobs_or_zero_occ_residues.PDB_ins_code 
_pdbx_unobs_or_zero_occ_residues.label_asym_id 
_pdbx_unobs_or_zero_occ_residues.label_comp_id 
_pdbx_unobs_or_zero_occ_residues.label_seq_id 
1  1 Y 1 A MET 0   ? A MET 1   
2  1 Y 1 A ALA 1   ? A ALA 2   
3  1 Y 1 A MSE 2   ? A MSE 3   
4  1 Y 1 A SER 3   ? A SER 4   
5  1 Y 1 A ASN 4   ? A ASN 5   
6  1 Y 1 A TYR 111 ? A TYR 112 
7  1 Y 1 A GLU 112 ? A GLU 113 
8  1 Y 1 A GLU 113 ? A GLU 114 
9  1 Y 1 A ASP 114 ? A ASP 115 
10 1 Y 1 A GLU 115 ? A GLU 116 
11 1 Y 1 A GLU 116 ? A GLU 117 
# 
loop_
_chem_comp_atom.comp_id 
_chem_comp_atom.atom_id 
_chem_comp_atom.type_symbol 
_chem_comp_atom.pdbx_aromatic_flag 
_chem_comp_atom.pdbx_stereo_config 
_chem_comp_atom.pdbx_ordinal 
ALA N    N  N N 1   
ALA CA   C  N S 2   
ALA C    C  N N 3   
ALA O    O  N N 4   
ALA CB   C  N N 5   
ALA OXT  O  N N 6   
ALA H    H  N N 7   
ALA H2   H  N N 8   
ALA HA   H  N N 9   
ALA HB1  H  N N 10  
ALA HB2  H  N N 11  
ALA HB3  H  N N 12  
ALA HXT  H  N N 13  
ARG N    N  N N 14  
ARG CA   C  N S 15  
ARG C    C  N N 16  
ARG O    O  N N 17  
ARG CB   C  N N 18  
ARG CG   C  N N 19  
ARG CD   C  N N 20  
ARG NE   N  N N 21  
ARG CZ   C  N N 22  
ARG NH1  N  N N 23  
ARG NH2  N  N N 24  
ARG OXT  O  N N 25  
ARG H    H  N N 26  
ARG H2   H  N N 27  
ARG HA   H  N N 28  
ARG HB2  H  N N 29  
ARG HB3  H  N N 30  
ARG HG2  H  N N 31  
ARG HG3  H  N N 32  
ARG HD2  H  N N 33  
ARG HD3  H  N N 34  
ARG HE   H  N N 35  
ARG HH11 H  N N 36  
ARG HH12 H  N N 37  
ARG HH21 H  N N 38  
ARG HH22 H  N N 39  
ARG HXT  H  N N 40  
ASN N    N  N N 41  
ASN CA   C  N S 42  
ASN C    C  N N 43  
ASN O    O  N N 44  
ASN CB   C  N N 45  
ASN CG   C  N N 46  
ASN OD1  O  N N 47  
ASN ND2  N  N N 48  
ASN OXT  O  N N 49  
ASN H    H  N N 50  
ASN H2   H  N N 51  
ASN HA   H  N N 52  
ASN HB2  H  N N 53  
ASN HB3  H  N N 54  
ASN HD21 H  N N 55  
ASN HD22 H  N N 56  
ASN HXT  H  N N 57  
ASP N    N  N N 58  
ASP CA   C  N S 59  
ASP C    C  N N 60  
ASP O    O  N N 61  
ASP CB   C  N N 62  
ASP CG   C  N N 63  
ASP OD1  O  N N 64  
ASP OD2  O  N N 65  
ASP OXT  O  N N 66  
ASP H    H  N N 67  
ASP H2   H  N N 68  
ASP HA   H  N N 69  
ASP HB2  H  N N 70  
ASP HB3  H  N N 71  
ASP HD2  H  N N 72  
ASP HXT  H  N N 73  
CS  CS   CS N N 74  
GLN N    N  N N 75  
GLN CA   C  N S 76  
GLN C    C  N N 77  
GLN O    O  N N 78  
GLN CB   C  N N 79  
GLN CG   C  N N 80  
GLN CD   C  N N 81  
GLN OE1  O  N N 82  
GLN NE2  N  N N 83  
GLN OXT  O  N N 84  
GLN H    H  N N 85  
GLN H2   H  N N 86  
GLN HA   H  N N 87  
GLN HB2  H  N N 88  
GLN HB3  H  N N 89  
GLN HG2  H  N N 90  
GLN HG3  H  N N 91  
GLN HE21 H  N N 92  
GLN HE22 H  N N 93  
GLN HXT  H  N N 94  
GLU N    N  N N 95  
GLU CA   C  N S 96  
GLU C    C  N N 97  
GLU O    O  N N 98  
GLU CB   C  N N 99  
GLU CG   C  N N 100 
GLU CD   C  N N 101 
GLU OE1  O  N N 102 
GLU OE2  O  N N 103 
GLU OXT  O  N N 104 
GLU H    H  N N 105 
GLU H2   H  N N 106 
GLU HA   H  N N 107 
GLU HB2  H  N N 108 
GLU HB3  H  N N 109 
GLU HG2  H  N N 110 
GLU HG3  H  N N 111 
GLU HE2  H  N N 112 
GLU HXT  H  N N 113 
GLY N    N  N N 114 
GLY CA   C  N N 115 
GLY C    C  N N 116 
GLY O    O  N N 117 
GLY OXT  O  N N 118 
GLY H    H  N N 119 
GLY H2   H  N N 120 
GLY HA2  H  N N 121 
GLY HA3  H  N N 122 
GLY HXT  H  N N 123 
HIS N    N  N N 124 
HIS CA   C  N S 125 
HIS C    C  N N 126 
HIS O    O  N N 127 
HIS CB   C  N N 128 
HIS CG   C  Y N 129 
HIS ND1  N  Y N 130 
HIS CD2  C  Y N 131 
HIS CE1  C  Y N 132 
HIS NE2  N  Y N 133 
HIS OXT  O  N N 134 
HIS H    H  N N 135 
HIS H2   H  N N 136 
HIS HA   H  N N 137 
HIS HB2  H  N N 138 
HIS HB3  H  N N 139 
HIS HD1  H  N N 140 
HIS HD2  H  N N 141 
HIS HE1  H  N N 142 
HIS HE2  H  N N 143 
HIS HXT  H  N N 144 
HOH O    O  N N 145 
HOH H1   H  N N 146 
HOH H2   H  N N 147 
ILE N    N  N N 148 
ILE CA   C  N S 149 
ILE C    C  N N 150 
ILE O    O  N N 151 
ILE CB   C  N S 152 
ILE CG1  C  N N 153 
ILE CG2  C  N N 154 
ILE CD1  C  N N 155 
ILE OXT  O  N N 156 
ILE H    H  N N 157 
ILE H2   H  N N 158 
ILE HA   H  N N 159 
ILE HB   H  N N 160 
ILE HG12 H  N N 161 
ILE HG13 H  N N 162 
ILE HG21 H  N N 163 
ILE HG22 H  N N 164 
ILE HG23 H  N N 165 
ILE HD11 H  N N 166 
ILE HD12 H  N N 167 
ILE HD13 H  N N 168 
ILE HXT  H  N N 169 
LEU N    N  N N 170 
LEU CA   C  N S 171 
LEU C    C  N N 172 
LEU O    O  N N 173 
LEU CB   C  N N 174 
LEU CG   C  N N 175 
LEU CD1  C  N N 176 
LEU CD2  C  N N 177 
LEU OXT  O  N N 178 
LEU H    H  N N 179 
LEU H2   H  N N 180 
LEU HA   H  N N 181 
LEU HB2  H  N N 182 
LEU HB3  H  N N 183 
LEU HG   H  N N 184 
LEU HD11 H  N N 185 
LEU HD12 H  N N 186 
LEU HD13 H  N N 187 
LEU HD21 H  N N 188 
LEU HD22 H  N N 189 
LEU HD23 H  N N 190 
LEU HXT  H  N N 191 
LYS N    N  N N 192 
LYS CA   C  N S 193 
LYS C    C  N N 194 
LYS O    O  N N 195 
LYS CB   C  N N 196 
LYS CG   C  N N 197 
LYS CD   C  N N 198 
LYS CE   C  N N 199 
LYS NZ   N  N N 200 
LYS OXT  O  N N 201 
LYS H    H  N N 202 
LYS H2   H  N N 203 
LYS HA   H  N N 204 
LYS HB2  H  N N 205 
LYS HB3  H  N N 206 
LYS HG2  H  N N 207 
LYS HG3  H  N N 208 
LYS HD2  H  N N 209 
LYS HD3  H  N N 210 
LYS HE2  H  N N 211 
LYS HE3  H  N N 212 
LYS HZ1  H  N N 213 
LYS HZ2  H  N N 214 
LYS HZ3  H  N N 215 
LYS HXT  H  N N 216 
MET N    N  N N 217 
MET CA   C  N S 218 
MET C    C  N N 219 
MET O    O  N N 220 
MET CB   C  N N 221 
MET CG   C  N N 222 
MET SD   S  N N 223 
MET CE   C  N N 224 
MET OXT  O  N N 225 
MET H    H  N N 226 
MET H2   H  N N 227 
MET HA   H  N N 228 
MET HB2  H  N N 229 
MET HB3  H  N N 230 
MET HG2  H  N N 231 
MET HG3  H  N N 232 
MET HE1  H  N N 233 
MET HE2  H  N N 234 
MET HE3  H  N N 235 
MET HXT  H  N N 236 
MSE N    N  N N 237 
MSE CA   C  N S 238 
MSE C    C  N N 239 
MSE O    O  N N 240 
MSE OXT  O  N N 241 
MSE CB   C  N N 242 
MSE CG   C  N N 243 
MSE SE   SE N N 244 
MSE CE   C  N N 245 
MSE H    H  N N 246 
MSE H2   H  N N 247 
MSE HA   H  N N 248 
MSE HXT  H  N N 249 
MSE HB2  H  N N 250 
MSE HB3  H  N N 251 
MSE HG2  H  N N 252 
MSE HG3  H  N N 253 
MSE HE1  H  N N 254 
MSE HE2  H  N N 255 
MSE HE3  H  N N 256 
PHE N    N  N N 257 
PHE CA   C  N S 258 
PHE C    C  N N 259 
PHE O    O  N N 260 
PHE CB   C  N N 261 
PHE CG   C  Y N 262 
PHE CD1  C  Y N 263 
PHE CD2  C  Y N 264 
PHE CE1  C  Y N 265 
PHE CE2  C  Y N 266 
PHE CZ   C  Y N 267 
PHE OXT  O  N N 268 
PHE H    H  N N 269 
PHE H2   H  N N 270 
PHE HA   H  N N 271 
PHE HB2  H  N N 272 
PHE HB3  H  N N 273 
PHE HD1  H  N N 274 
PHE HD2  H  N N 275 
PHE HE1  H  N N 276 
PHE HE2  H  N N 277 
PHE HZ   H  N N 278 
PHE HXT  H  N N 279 
PRO N    N  N N 280 
PRO CA   C  N S 281 
PRO C    C  N N 282 
PRO O    O  N N 283 
PRO CB   C  N N 284 
PRO CG   C  N N 285 
PRO CD   C  N N 286 
PRO OXT  O  N N 287 
PRO H    H  N N 288 
PRO HA   H  N N 289 
PRO HB2  H  N N 290 
PRO HB3  H  N N 291 
PRO HG2  H  N N 292 
PRO HG3  H  N N 293 
PRO HD2  H  N N 294 
PRO HD3  H  N N 295 
PRO HXT  H  N N 296 
SER N    N  N N 297 
SER CA   C  N S 298 
SER C    C  N N 299 
SER O    O  N N 300 
SER CB   C  N N 301 
SER OG   O  N N 302 
SER OXT  O  N N 303 
SER H    H  N N 304 
SER H2   H  N N 305 
SER HA   H  N N 306 
SER HB2  H  N N 307 
SER HB3  H  N N 308 
SER HG   H  N N 309 
SER HXT  H  N N 310 
THR N    N  N N 311 
THR CA   C  N S 312 
THR C    C  N N 313 
THR O    O  N N 314 
THR CB   C  N R 315 
THR OG1  O  N N 316 
THR CG2  C  N N 317 
THR OXT  O  N N 318 
THR H    H  N N 319 
THR H2   H  N N 320 
THR HA   H  N N 321 
THR HB   H  N N 322 
THR HG1  H  N N 323 
THR HG21 H  N N 324 
THR HG22 H  N N 325 
THR HG23 H  N N 326 
THR HXT  H  N N 327 
TRP N    N  N N 328 
TRP CA   C  N S 329 
TRP C    C  N N 330 
TRP O    O  N N 331 
TRP CB   C  N N 332 
TRP CG   C  Y N 333 
TRP CD1  C  Y N 334 
TRP CD2  C  Y N 335 
TRP NE1  N  Y N 336 
TRP CE2  C  Y N 337 
TRP CE3  C  Y N 338 
TRP CZ2  C  Y N 339 
TRP CZ3  C  Y N 340 
TRP CH2  C  Y N 341 
TRP OXT  O  N N 342 
TRP H    H  N N 343 
TRP H2   H  N N 344 
TRP HA   H  N N 345 
TRP HB2  H  N N 346 
TRP HB3  H  N N 347 
TRP HD1  H  N N 348 
TRP HE1  H  N N 349 
TRP HE3  H  N N 350 
TRP HZ2  H  N N 351 
TRP HZ3  H  N N 352 
TRP HH2  H  N N 353 
TRP HXT  H  N N 354 
TYR N    N  N N 355 
TYR CA   C  N S 356 
TYR C    C  N N 357 
TYR O    O  N N 358 
TYR CB   C  N N 359 
TYR CG   C  Y N 360 
TYR CD1  C  Y N 361 
TYR CD2  C  Y N 362 
TYR CE1  C  Y N 363 
TYR CE2  C  Y N 364 
TYR CZ   C  Y N 365 
TYR OH   O  N N 366 
TYR OXT  O  N N 367 
TYR H    H  N N 368 
TYR H2   H  N N 369 
TYR HA   H  N N 370 
TYR HB2  H  N N 371 
TYR HB3  H  N N 372 
TYR HD1  H  N N 373 
TYR HD2  H  N N 374 
TYR HE1  H  N N 375 
TYR HE2  H  N N 376 
TYR HH   H  N N 377 
TYR HXT  H  N N 378 
VAL N    N  N N 379 
VAL CA   C  N S 380 
VAL C    C  N N 381 
VAL O    O  N N 382 
VAL CB   C  N N 383 
VAL CG1  C  N N 384 
VAL CG2  C  N N 385 
VAL OXT  O  N N 386 
VAL H    H  N N 387 
VAL H2   H  N N 388 
VAL HA   H  N N 389 
VAL HB   H  N N 390 
VAL HG11 H  N N 391 
VAL HG12 H  N N 392 
VAL HG13 H  N N 393 
VAL HG21 H  N N 394 
VAL HG22 H  N N 395 
VAL HG23 H  N N 396 
VAL HXT  H  N N 397 
# 
loop_
_chem_comp_bond.comp_id 
_chem_comp_bond.atom_id_1 
_chem_comp_bond.atom_id_2 
_chem_comp_bond.value_order 
_chem_comp_bond.pdbx_aromatic_flag 
_chem_comp_bond.pdbx_stereo_config 
_chem_comp_bond.pdbx_ordinal 
ALA N   CA   sing N N 1   
ALA N   H    sing N N 2   
ALA N   H2   sing N N 3   
ALA CA  C    sing N N 4   
ALA CA  CB   sing N N 5   
ALA CA  HA   sing N N 6   
ALA C   O    doub N N 7   
ALA C   OXT  sing N N 8   
ALA CB  HB1  sing N N 9   
ALA CB  HB2  sing N N 10  
ALA CB  HB3  sing N N 11  
ALA OXT HXT  sing N N 12  
ARG N   CA   sing N N 13  
ARG N   H    sing N N 14  
ARG N   H2   sing N N 15  
ARG CA  C    sing N N 16  
ARG CA  CB   sing N N 17  
ARG CA  HA   sing N N 18  
ARG C   O    doub N N 19  
ARG C   OXT  sing N N 20  
ARG CB  CG   sing N N 21  
ARG CB  HB2  sing N N 22  
ARG CB  HB3  sing N N 23  
ARG CG  CD   sing N N 24  
ARG CG  HG2  sing N N 25  
ARG CG  HG3  sing N N 26  
ARG CD  NE   sing N N 27  
ARG CD  HD2  sing N N 28  
ARG CD  HD3  sing N N 29  
ARG NE  CZ   sing N N 30  
ARG NE  HE   sing N N 31  
ARG CZ  NH1  sing N N 32  
ARG CZ  NH2  doub N N 33  
ARG NH1 HH11 sing N N 34  
ARG NH1 HH12 sing N N 35  
ARG NH2 HH21 sing N N 36  
ARG NH2 HH22 sing N N 37  
ARG OXT HXT  sing N N 38  
ASN N   CA   sing N N 39  
ASN N   H    sing N N 40  
ASN N   H2   sing N N 41  
ASN CA  C    sing N N 42  
ASN CA  CB   sing N N 43  
ASN CA  HA   sing N N 44  
ASN C   O    doub N N 45  
ASN C   OXT  sing N N 46  
ASN CB  CG   sing N N 47  
ASN CB  HB2  sing N N 48  
ASN CB  HB3  sing N N 49  
ASN CG  OD1  doub N N 50  
ASN CG  ND2  sing N N 51  
ASN ND2 HD21 sing N N 52  
ASN ND2 HD22 sing N N 53  
ASN OXT HXT  sing N N 54  
ASP N   CA   sing N N 55  
ASP N   H    sing N N 56  
ASP N   H2   sing N N 57  
ASP CA  C    sing N N 58  
ASP CA  CB   sing N N 59  
ASP CA  HA   sing N N 60  
ASP C   O    doub N N 61  
ASP C   OXT  sing N N 62  
ASP CB  CG   sing N N 63  
ASP CB  HB2  sing N N 64  
ASP CB  HB3  sing N N 65  
ASP CG  OD1  doub N N 66  
ASP CG  OD2  sing N N 67  
ASP OD2 HD2  sing N N 68  
ASP OXT HXT  sing N N 69  
GLN N   CA   sing N N 70  
GLN N   H    sing N N 71  
GLN N   H2   sing N N 72  
GLN CA  C    sing N N 73  
GLN CA  CB   sing N N 74  
GLN CA  HA   sing N N 75  
GLN C   O    doub N N 76  
GLN C   OXT  sing N N 77  
GLN CB  CG   sing N N 78  
GLN CB  HB2  sing N N 79  
GLN CB  HB3  sing N N 80  
GLN CG  CD   sing N N 81  
GLN CG  HG2  sing N N 82  
GLN CG  HG3  sing N N 83  
GLN CD  OE1  doub N N 84  
GLN CD  NE2  sing N N 85  
GLN NE2 HE21 sing N N 86  
GLN NE2 HE22 sing N N 87  
GLN OXT HXT  sing N N 88  
GLU N   CA   sing N N 89  
GLU N   H    sing N N 90  
GLU N   H2   sing N N 91  
GLU CA  C    sing N N 92  
GLU CA  CB   sing N N 93  
GLU CA  HA   sing N N 94  
GLU C   O    doub N N 95  
GLU C   OXT  sing N N 96  
GLU CB  CG   sing N N 97  
GLU CB  HB2  sing N N 98  
GLU CB  HB3  sing N N 99  
GLU CG  CD   sing N N 100 
GLU CG  HG2  sing N N 101 
GLU CG  HG3  sing N N 102 
GLU CD  OE1  doub N N 103 
GLU CD  OE2  sing N N 104 
GLU OE2 HE2  sing N N 105 
GLU OXT HXT  sing N N 106 
GLY N   CA   sing N N 107 
GLY N   H    sing N N 108 
GLY N   H2   sing N N 109 
GLY CA  C    sing N N 110 
GLY CA  HA2  sing N N 111 
GLY CA  HA3  sing N N 112 
GLY C   O    doub N N 113 
GLY C   OXT  sing N N 114 
GLY OXT HXT  sing N N 115 
HIS N   CA   sing N N 116 
HIS N   H    sing N N 117 
HIS N   H2   sing N N 118 
HIS CA  C    sing N N 119 
HIS CA  CB   sing N N 120 
HIS CA  HA   sing N N 121 
HIS C   O    doub N N 122 
HIS C   OXT  sing N N 123 
HIS CB  CG   sing N N 124 
HIS CB  HB2  sing N N 125 
HIS CB  HB3  sing N N 126 
HIS CG  ND1  sing Y N 127 
HIS CG  CD2  doub Y N 128 
HIS ND1 CE1  doub Y N 129 
HIS ND1 HD1  sing N N 130 
HIS CD2 NE2  sing Y N 131 
HIS CD2 HD2  sing N N 132 
HIS CE1 NE2  sing Y N 133 
HIS CE1 HE1  sing N N 134 
HIS NE2 HE2  sing N N 135 
HIS OXT HXT  sing N N 136 
HOH O   H1   sing N N 137 
HOH O   H2   sing N N 138 
ILE N   CA   sing N N 139 
ILE N   H    sing N N 140 
ILE N   H2   sing N N 141 
ILE CA  C    sing N N 142 
ILE CA  CB   sing N N 143 
ILE CA  HA   sing N N 144 
ILE C   O    doub N N 145 
ILE C   OXT  sing N N 146 
ILE CB  CG1  sing N N 147 
ILE CB  CG2  sing N N 148 
ILE CB  HB   sing N N 149 
ILE CG1 CD1  sing N N 150 
ILE CG1 HG12 sing N N 151 
ILE CG1 HG13 sing N N 152 
ILE CG2 HG21 sing N N 153 
ILE CG2 HG22 sing N N 154 
ILE CG2 HG23 sing N N 155 
ILE CD1 HD11 sing N N 156 
ILE CD1 HD12 sing N N 157 
ILE CD1 HD13 sing N N 158 
ILE OXT HXT  sing N N 159 
LEU N   CA   sing N N 160 
LEU N   H    sing N N 161 
LEU N   H2   sing N N 162 
LEU CA  C    sing N N 163 
LEU CA  CB   sing N N 164 
LEU CA  HA   sing N N 165 
LEU C   O    doub N N 166 
LEU C   OXT  sing N N 167 
LEU CB  CG   sing N N 168 
LEU CB  HB2  sing N N 169 
LEU CB  HB3  sing N N 170 
LEU CG  CD1  sing N N 171 
LEU CG  CD2  sing N N 172 
LEU CG  HG   sing N N 173 
LEU CD1 HD11 sing N N 174 
LEU CD1 HD12 sing N N 175 
LEU CD1 HD13 sing N N 176 
LEU CD2 HD21 sing N N 177 
LEU CD2 HD22 sing N N 178 
LEU CD2 HD23 sing N N 179 
LEU OXT HXT  sing N N 180 
LYS N   CA   sing N N 181 
LYS N   H    sing N N 182 
LYS N   H2   sing N N 183 
LYS CA  C    sing N N 184 
LYS CA  CB   sing N N 185 
LYS CA  HA   sing N N 186 
LYS C   O    doub N N 187 
LYS C   OXT  sing N N 188 
LYS CB  CG   sing N N 189 
LYS CB  HB2  sing N N 190 
LYS CB  HB3  sing N N 191 
LYS CG  CD   sing N N 192 
LYS CG  HG2  sing N N 193 
LYS CG  HG3  sing N N 194 
LYS CD  CE   sing N N 195 
LYS CD  HD2  sing N N 196 
LYS CD  HD3  sing N N 197 
LYS CE  NZ   sing N N 198 
LYS CE  HE2  sing N N 199 
LYS CE  HE3  sing N N 200 
LYS NZ  HZ1  sing N N 201 
LYS NZ  HZ2  sing N N 202 
LYS NZ  HZ3  sing N N 203 
LYS OXT HXT  sing N N 204 
MET N   CA   sing N N 205 
MET N   H    sing N N 206 
MET N   H2   sing N N 207 
MET CA  C    sing N N 208 
MET CA  CB   sing N N 209 
MET CA  HA   sing N N 210 
MET C   O    doub N N 211 
MET C   OXT  sing N N 212 
MET CB  CG   sing N N 213 
MET CB  HB2  sing N N 214 
MET CB  HB3  sing N N 215 
MET CG  SD   sing N N 216 
MET CG  HG2  sing N N 217 
MET CG  HG3  sing N N 218 
MET SD  CE   sing N N 219 
MET CE  HE1  sing N N 220 
MET CE  HE2  sing N N 221 
MET CE  HE3  sing N N 222 
MET OXT HXT  sing N N 223 
MSE N   CA   sing N N 224 
MSE N   H    sing N N 225 
MSE N   H2   sing N N 226 
MSE CA  C    sing N N 227 
MSE CA  CB   sing N N 228 
MSE CA  HA   sing N N 229 
MSE C   O    doub N N 230 
MSE C   OXT  sing N N 231 
MSE OXT HXT  sing N N 232 
MSE CB  CG   sing N N 233 
MSE CB  HB2  sing N N 234 
MSE CB  HB3  sing N N 235 
MSE CG  SE   sing N N 236 
MSE CG  HG2  sing N N 237 
MSE CG  HG3  sing N N 238 
MSE SE  CE   sing N N 239 
MSE CE  HE1  sing N N 240 
MSE CE  HE2  sing N N 241 
MSE CE  HE3  sing N N 242 
PHE N   CA   sing N N 243 
PHE N   H    sing N N 244 
PHE N   H2   sing N N 245 
PHE CA  C    sing N N 246 
PHE CA  CB   sing N N 247 
PHE CA  HA   sing N N 248 
PHE C   O    doub N N 249 
PHE C   OXT  sing N N 250 
PHE CB  CG   sing N N 251 
PHE CB  HB2  sing N N 252 
PHE CB  HB3  sing N N 253 
PHE CG  CD1  doub Y N 254 
PHE CG  CD2  sing Y N 255 
PHE CD1 CE1  sing Y N 256 
PHE CD1 HD1  sing N N 257 
PHE CD2 CE2  doub Y N 258 
PHE CD2 HD2  sing N N 259 
PHE CE1 CZ   doub Y N 260 
PHE CE1 HE1  sing N N 261 
PHE CE2 CZ   sing Y N 262 
PHE CE2 HE2  sing N N 263 
PHE CZ  HZ   sing N N 264 
PHE OXT HXT  sing N N 265 
PRO N   CA   sing N N 266 
PRO N   CD   sing N N 267 
PRO N   H    sing N N 268 
PRO CA  C    sing N N 269 
PRO CA  CB   sing N N 270 
PRO CA  HA   sing N N 271 
PRO C   O    doub N N 272 
PRO C   OXT  sing N N 273 
PRO CB  CG   sing N N 274 
PRO CB  HB2  sing N N 275 
PRO CB  HB3  sing N N 276 
PRO CG  CD   sing N N 277 
PRO CG  HG2  sing N N 278 
PRO CG  HG3  sing N N 279 
PRO CD  HD2  sing N N 280 
PRO CD  HD3  sing N N 281 
PRO OXT HXT  sing N N 282 
SER N   CA   sing N N 283 
SER N   H    sing N N 284 
SER N   H2   sing N N 285 
SER CA  C    sing N N 286 
SER CA  CB   sing N N 287 
SER CA  HA   sing N N 288 
SER C   O    doub N N 289 
SER C   OXT  sing N N 290 
SER CB  OG   sing N N 291 
SER CB  HB2  sing N N 292 
SER CB  HB3  sing N N 293 
SER OG  HG   sing N N 294 
SER OXT HXT  sing N N 295 
THR N   CA   sing N N 296 
THR N   H    sing N N 297 
THR N   H2   sing N N 298 
THR CA  C    sing N N 299 
THR CA  CB   sing N N 300 
THR CA  HA   sing N N 301 
THR C   O    doub N N 302 
THR C   OXT  sing N N 303 
THR CB  OG1  sing N N 304 
THR CB  CG2  sing N N 305 
THR CB  HB   sing N N 306 
THR OG1 HG1  sing N N 307 
THR CG2 HG21 sing N N 308 
THR CG2 HG22 sing N N 309 
THR CG2 HG23 sing N N 310 
THR OXT HXT  sing N N 311 
TRP N   CA   sing N N 312 
TRP N   H    sing N N 313 
TRP N   H2   sing N N 314 
TRP CA  C    sing N N 315 
TRP CA  CB   sing N N 316 
TRP CA  HA   sing N N 317 
TRP C   O    doub N N 318 
TRP C   OXT  sing N N 319 
TRP CB  CG   sing N N 320 
TRP CB  HB2  sing N N 321 
TRP CB  HB3  sing N N 322 
TRP CG  CD1  doub Y N 323 
TRP CG  CD2  sing Y N 324 
TRP CD1 NE1  sing Y N 325 
TRP CD1 HD1  sing N N 326 
TRP CD2 CE2  doub Y N 327 
TRP CD2 CE3  sing Y N 328 
TRP NE1 CE2  sing Y N 329 
TRP NE1 HE1  sing N N 330 
TRP CE2 CZ2  sing Y N 331 
TRP CE3 CZ3  doub Y N 332 
TRP CE3 HE3  sing N N 333 
TRP CZ2 CH2  doub Y N 334 
TRP CZ2 HZ2  sing N N 335 
TRP CZ3 CH2  sing Y N 336 
TRP CZ3 HZ3  sing N N 337 
TRP CH2 HH2  sing N N 338 
TRP OXT HXT  sing N N 339 
TYR N   CA   sing N N 340 
TYR N   H    sing N N 341 
TYR N   H2   sing N N 342 
TYR CA  C    sing N N 343 
TYR CA  CB   sing N N 344 
TYR CA  HA   sing N N 345 
TYR C   O    doub N N 346 
TYR C   OXT  sing N N 347 
TYR CB  CG   sing N N 348 
TYR CB  HB2  sing N N 349 
TYR CB  HB3  sing N N 350 
TYR CG  CD1  doub Y N 351 
TYR CG  CD2  sing Y N 352 
TYR CD1 CE1  sing Y N 353 
TYR CD1 HD1  sing N N 354 
TYR CD2 CE2  doub Y N 355 
TYR CD2 HD2  sing N N 356 
TYR CE1 CZ   doub Y N 357 
TYR CE1 HE1  sing N N 358 
TYR CE2 CZ   sing Y N 359 
TYR CE2 HE2  sing N N 360 
TYR CZ  OH   sing N N 361 
TYR OH  HH   sing N N 362 
TYR OXT HXT  sing N N 363 
VAL N   CA   sing N N 364 
VAL N   H    sing N N 365 
VAL N   H2   sing N N 366 
VAL CA  C    sing N N 367 
VAL CA  CB   sing N N 368 
VAL CA  HA   sing N N 369 
VAL C   O    doub N N 370 
VAL C   OXT  sing N N 371 
VAL CB  CG1  sing N N 372 
VAL CB  CG2  sing N N 373 
VAL CB  HB   sing N N 374 
VAL CG1 HG11 sing N N 375 
VAL CG1 HG12 sing N N 376 
VAL CG1 HG13 sing N N 377 
VAL CG2 HG21 sing N N 378 
VAL CG2 HG22 sing N N 379 
VAL CG2 HG23 sing N N 380 
VAL OXT HXT  sing N N 381 
# 
_atom_sites.entry_id                    1S7Z 
_atom_sites.fract_transf_matrix[1][1]   -0.01136008 
_atom_sites.fract_transf_matrix[1][2]   0.00465752 
_atom_sites.fract_transf_matrix[1][3]   0.00373154 
_atom_sites.fract_transf_matrix[2][1]   -0.00857419 
_atom_sites.fract_transf_matrix[2][2]   -0.00079146 
_atom_sites.fract_transf_matrix[2][3]   -0.02511492 
_atom_sites.fract_transf_matrix[3][1]   -0.01312219 
_atom_sites.fract_transf_matrix[3][2]   -0.02472827 
_atom_sites.fract_transf_matrix[3][3]   0.00525917 
_atom_sites.fract_transf_vector[1]      0.219024 
_atom_sites.fract_transf_vector[2]      0.051119 
_atom_sites.fract_transf_vector[3]      0.280422 
# 
loop_
_atom_type.symbol 
C  
CS 
N  
O  
SE 
# 
loop_
_atom_site.group_PDB 
_atom_site.id 
_atom_site.type_symbol 
_atom_site.label_atom_id 
_atom_site.label_alt_id 
_atom_site.label_comp_id 
_atom_site.label_asym_id 
_atom_site.label_entity_id 
_atom_site.label_seq_id 
_atom_site.pdbx_PDB_ins_code 
_atom_site.Cartn_x 
_atom_site.Cartn_y 
_atom_site.Cartn_z 
_atom_site.occupancy 
_atom_site.B_iso_or_equiv 
_atom_site.pdbx_formal_charge 
_atom_site.auth_seq_id 
_atom_site.auth_comp_id 
_atom_site.auth_asym_id 
_atom_site.auth_atom_id 
_atom_site.pdbx_PDB_model_num 
HETATM 1   N  N   . MSE A 1 6   ? 10.326  -2.796  -13.077 1.00 16.29 ? 5   MSE A N   1 
HETATM 2   C  CA  . MSE A 1 6   ? 9.193   -2.796  -12.059 1.00 16.32 ? 5   MSE A CA  1 
HETATM 3   C  C   . MSE A 1 6   ? 9.128   -1.412  -11.453 1.00 14.00 ? 5   MSE A C   1 
HETATM 4   O  O   . MSE A 1 6   ? 10.171  -0.864  -11.076 1.00 13.88 ? 5   MSE A O   1 
HETATM 5   C  CB  . MSE A 1 6   ? 9.409   -3.805  -10.983 1.00 18.59 ? 5   MSE A CB  1 
HETATM 6   C  CG  . MSE A 1 6   ? 8.284   -3.943  -10.030 1.00 23.46 ? 5   MSE A CG  1 
HETATM 7   SE SE  . MSE A 1 6   ? 6.694   -4.634  -10.963 1.00 47.11 ? 5   MSE A SE  1 
HETATM 8   C  CE  . MSE A 1 6   ? 6.346   -3.251  -12.291 1.00 39.71 ? 5   MSE A CE  1 
ATOM   9   N  N   . THR A 1 7   ? 7.948   -0.793  -11.439 1.00 9.44  ? 6   THR A N   1 
ATOM   10  C  CA  . THR A 1 7   ? 7.815   0.536   -10.909 1.00 7.92  ? 6   THR A CA  1 
ATOM   11  C  C   . THR A 1 7   ? 6.889   0.647   -9.700  1.00 5.55  ? 6   THR A C   1 
ATOM   12  O  O   . THR A 1 7   ? 6.059   -0.251  -9.417  1.00 7.65  ? 6   THR A O   1 
ATOM   13  C  CB  . THR A 1 7   ? 7.253   1.478   -12.010 1.00 7.60  ? 6   THR A CB  1 
ATOM   14  O  OG1 . THR A 1 7   ? 5.903   1.078   -12.348 1.00 8.30  ? 6   THR A OG1 1 
ATOM   15  C  CG2 . THR A 1 7   ? 8.006   1.318   -13.282 1.00 12.07 ? 6   THR A CG2 1 
ATOM   16  N  N   . TYR A 1 8   ? 6.994   1.757   -9.014  1.00 5.21  ? 7   TYR A N   1 
ATOM   17  C  CA  . TYR A 1 8   ? 6.185   2.025   -7.853  1.00 4.64  ? 7   TYR A CA  1 
ATOM   18  C  C   . TYR A 1 8   ? 4.696   2.054   -8.337  1.00 6.20  ? 7   TYR A C   1 
ATOM   19  O  O   . TYR A 1 8   ? 3.767   1.506   -7.687  1.00 5.66  ? 7   TYR A O   1 
ATOM   20  C  CB  . TYR A 1 8   ? 6.578   3.323   -7.145  1.00 5.35  ? 7   TYR A CB  1 
ATOM   21  C  CG  . TYR A 1 8   ? 5.639   3.584   -5.958  1.00 5.32  ? 7   TYR A CG  1 
ATOM   22  C  CD1 . TYR A 1 8   ? 5.745   2.860   -4.741  1.00 4.00  ? 7   TYR A CD1 1 
ATOM   23  C  CD2 . TYR A 1 8   ? 4.536   4.452   -6.089  1.00 5.68  ? 7   TYR A CD2 1 
ATOM   24  C  CE1 . TYR A 1 8   ? 4.827   3.052   -3.680  1.00 4.37  ? 7   TYR A CE1 1 
ATOM   25  C  CE2 . TYR A 1 8   ? 3.603   4.660   -4.984  1.00 6.89  ? 7   TYR A CE2 1 
ATOM   26  C  CZ  . TYR A 1 8   ? 3.729   3.920   -3.812  1.00 9.06  ? 7   TYR A CZ  1 
ATOM   27  O  OH  . TYR A 1 8   ? 2.780   4.127   -2.770  1.00 8.57  ? 7   TYR A OH  1 
ATOM   28  N  N   . ASN A 1 9   ? 4.462   2.682   -9.500  1.00 6.22  ? 8   ASN A N   1 
ATOM   29  C  CA  . ASN A 1 9   ? 3.050   2.737   -10.014 1.00 8.49  ? 8   ASN A CA  1 
ATOM   30  C  C   . ASN A 1 9   ? 2.488   1.358   -10.272 1.00 9.13  ? 8   ASN A C   1 
ATOM   31  O  O   . ASN A 1 9   ? 1.313   1.148   -9.956  1.00 9.12  ? 8   ASN A O   1 
ATOM   32  C  CB  . ASN A 1 9   ? 2.915   3.635   -11.296 1.00 11.40 ? 8   ASN A CB  1 
ATOM   33  C  CG  . ASN A 1 9   ? 2.897   5.121   -11.000 1.00 14.78 ? 8   ASN A CG  1 
ATOM   34  O  OD1 . ASN A 1 9   ? 2.382   5.571   -9.994  1.00 26.04 ? 8   ASN A OD1 1 
ATOM   35  N  ND2 . ASN A 1 9   ? 3.349   5.905   -11.991 1.00 21.83 ? 8   ASN A ND2 1 
ATOM   36  N  N   . ASN A 1 10  ? 3.306   0.396   -10.756 1.00 8.28  ? 9   ASN A N   1 
ATOM   37  C  CA  . ASN A 1 10  ? 2.817   -0.970  -10.995 1.00 10.60 ? 9   ASN A CA  1 
ATOM   38  C  C   . ASN A 1 10  ? 2.527   -1.608  -9.621  1.00 8.85  ? 9   ASN A C   1 
ATOM   39  O  O   . ASN A 1 10  ? 1.489   -2.281  -9.457  1.00 8.68  ? 9   ASN A O   1 
ATOM   40  C  CB  . ASN A 1 10  ? 3.796   -1.937  -11.741 1.00 11.23 ? 9   ASN A CB  1 
ATOM   41  C  CG  . ASN A 1 10  ? 4.258   -1.472  -13.150 1.00 17.55 ? 9   ASN A CG  1 
ATOM   42  O  OD1 . ASN A 1 10  ? 5.431   -1.732  -13.527 1.00 27.23 ? 9   ASN A OD1 1 
ATOM   43  N  ND2 . ASN A 1 10  ? 3.372   -0.891  -13.925 1.00 19.95 ? 9   ASN A ND2 1 
ATOM   44  N  N   . VAL A 1 11  ? 3.419   -1.418  -8.618  1.00 6.73  ? 10  VAL A N   1 
ATOM   45  C  CA  . VAL A 1 11  ? 3.187   -1.971  -7.279  1.00 6.69  ? 10  VAL A CA  1 
ATOM   46  C  C   . VAL A 1 11  ? 1.932   -1.364  -6.625  1.00 7.45  ? 10  VAL A C   1 
ATOM   47  O  O   . VAL A 1 11  ? 1.154   -2.089  -6.023  1.00 5.28  ? 10  VAL A O   1 
ATOM   48  C  CB  . VAL A 1 11  ? 4.473   -1.852  -6.350  1.00 7.22  ? 10  VAL A CB  1 
ATOM   49  C  CG1 . VAL A 1 11  ? 4.240   -2.234  -4.860  1.00 8.59  ? 10  VAL A CG1 1 
ATOM   50  C  CG2 . VAL A 1 11  ? 5.659   -2.654  -7.052  1.00 8.10  ? 10  VAL A CG2 1 
ATOM   51  N  N   . PHE A 1 12  ? 1.750   -0.049  -6.767  1.00 5.86  ? 11  PHE A N   1 
ATOM   52  C  CA  . PHE A 1 12  ? 0.620   0.584   -6.192  1.00 6.93  ? 11  PHE A CA  1 
ATOM   53  C  C   . PHE A 1 12  ? -0.667  0.041   -6.871  1.00 6.52  ? 11  PHE A C   1 
ATOM   54  O  O   . PHE A 1 12  ? -1.655  -0.174  -6.160  1.00 5.79  ? 11  PHE A O   1 
ATOM   55  C  CB  . PHE A 1 12  ? 0.634   2.089   -6.345  1.00 5.42  ? 11  PHE A CB  1 
ATOM   56  C  CG  . PHE A 1 12  ? -0.568  2.746   -5.768  1.00 4.57  ? 11  PHE A CG  1 
ATOM   57  C  CD1 . PHE A 1 12  ? -0.713  2.898   -4.399  1.00 7.02  ? 11  PHE A CD1 1 
ATOM   58  C  CD2 . PHE A 1 12  ? -1.615  3.112   -6.612  1.00 7.65  ? 11  PHE A CD2 1 
ATOM   59  C  CE1 . PHE A 1 12  ? -1.889  3.387   -3.834  1.00 6.50  ? 11  PHE A CE1 1 
ATOM   60  C  CE2 . PHE A 1 12  ? -2.792  3.637   -6.078  1.00 8.80  ? 11  PHE A CE2 1 
ATOM   61  C  CZ  . PHE A 1 12  ? -2.928  3.819   -4.717  1.00 4.91  ? 11  PHE A CZ  1 
ATOM   62  N  N   . ASP A 1 13  ? -0.646  -0.185  -8.184  1.00 7.33  ? 12  ASP A N   1 
ATOM   63  C  CA  . ASP A 1 13  ? -1.870  -0.687  -8.856  1.00 7.72  ? 12  ASP A CA  1 
ATOM   64  C  C   . ASP A 1 13  ? -2.281  -2.047  -8.272  1.00 8.52  ? 12  ASP A C   1 
ATOM   65  O  O   . ASP A 1 13  ? -3.474  -2.341  -8.083  1.00 7.15  ? 12  ASP A O   1 
ATOM   66  C  CB  . ASP A 1 13  ? -1.795  -0.751  -10.396 1.00 10.96 ? 12  ASP A CB  1 
ATOM   67  C  CG  . ASP A 1 13  ? -1.651  0.611   -11.083 1.00 11.48 ? 12  ASP A CG  1 
ATOM   68  O  OD1 . ASP A 1 13  ? -1.975  1.690   -10.533 1.00 11.66 ? 12  ASP A OD1 1 
ATOM   69  O  OD2 . ASP A 1 13  ? -1.278  0.604   -12.271 1.00 15.96 ? 12  ASP A OD2 1 
ATOM   70  N  N   . HIS A 1 14  ? -1.278  -2.897  -7.979  1.00 7.64  ? 13  HIS A N   1 
ATOM   71  C  CA  . HIS A 1 14  ? -1.570  -4.250  -7.452  1.00 8.20  ? 13  HIS A CA  1 
ATOM   72  C  C   . HIS A 1 14  ? -2.167  -4.060  -6.034  1.00 6.52  ? 13  HIS A C   1 
ATOM   73  O  O   . HIS A 1 14  ? -3.201  -4.678  -5.655  1.00 6.51  ? 13  HIS A O   1 
ATOM   74  C  CB  . HIS A 1 14  ? -0.323  -5.113  -7.303  1.00 8.28  ? 13  HIS A CB  1 
ATOM   75  C  CG  . HIS A 1 14  ? 0.311   -5.624  -8.572  1.00 18.07 ? 13  HIS A CG  1 
ATOM   76  N  ND1 . HIS A 1 14  ? -0.409  -6.233  -9.585  1.00 24.31 ? 13  HIS A ND1 1 
ATOM   77  C  CD2 . HIS A 1 14  ? 1.627   -5.784  -8.908  1.00 20.66 ? 13  HIS A CD2 1 
ATOM   78  C  CE1 . HIS A 1 14  ? 0.421   -6.634  -10.541 1.00 25.88 ? 13  HIS A CE1 1 
ATOM   79  N  NE2 . HIS A 1 14  ? 1.658   -6.350  -10.168 1.00 24.85 ? 13  HIS A NE2 1 
ATOM   80  N  N   . ALA A 1 15  ? -1.594  -3.149  -5.236  1.00 6.50  ? 14  ALA A N   1 
ATOM   81  C  CA  . ALA A 1 15  ? -2.137  -2.924  -3.847  1.00 6.40  ? 14  ALA A CA  1 
ATOM   82  C  C   . ALA A 1 15  ? -3.562  -2.354  -3.861  1.00 5.59  ? 14  ALA A C   1 
ATOM   83  O  O   . ALA A 1 15  ? -4.392  -2.738  -3.017  1.00 5.12  ? 14  ALA A O   1 
ATOM   84  C  CB  . ALA A 1 15  ? -1.217  -1.934  -3.036  1.00 4.80  ? 14  ALA A CB  1 
ATOM   85  N  N   . TYR A 1 16  ? -3.811  -1.389  -4.752  1.00 5.82  ? 15  TYR A N   1 
ATOM   86  C  CA  . TYR A 1 16  ? -5.151  -0.762  -4.904  1.00 4.57  ? 15  TYR A CA  1 
ATOM   87  C  C   . TYR A 1 16  ? -6.192  -1.786  -5.263  1.00 5.13  ? 15  TYR A C   1 
ATOM   88  O  O   . TYR A 1 16  ? -7.278  -1.838  -4.694  1.00 4.68  ? 15  TYR A O   1 
ATOM   89  C  CB  . TYR A 1 16  ? -4.960  0.265   -5.975  1.00 6.08  ? 15  TYR A CB  1 
ATOM   90  C  CG  . TYR A 1 16  ? -6.138  1.038   -6.377  1.00 4.81  ? 15  TYR A CG  1 
ATOM   91  C  CD1 . TYR A 1 16  ? -7.032  0.541   -7.292  1.00 7.22  ? 15  TYR A CD1 1 
ATOM   92  C  CD2 . TYR A 1 16  ? -6.406  2.275   -5.835  1.00 5.41  ? 15  TYR A CD2 1 
ATOM   93  C  CE1 . TYR A 1 16  ? -8.115  1.260   -7.704  1.00 10.09 ? 15  TYR A CE1 1 
ATOM   94  C  CE2 . TYR A 1 16  ? -7.464  3.041   -6.317  1.00 7.70  ? 15  TYR A CE2 1 
ATOM   95  C  CZ  . TYR A 1 16  ? -8.362  2.511   -7.191  1.00 11.39 ? 15  TYR A CZ  1 
ATOM   96  O  OH  . TYR A 1 16  ? -9.496  3.244   -7.697  1.00 11.43 ? 15  TYR A OH  1 
ATOM   97  N  N   . GLU A 1 17  ? -5.820  -2.680  -6.165  1.00 5.63  ? 16  GLU A N   1 
ATOM   98  C  CA  . GLU A 1 17  ? -6.749  -3.773  -6.573  1.00 8.22  ? 16  GLU A CA  1 
ATOM   99  C  C   . GLU A 1 17  ? -7.008  -4.772  -5.448  1.00 9.39  ? 16  GLU A C   1 
ATOM   100 O  O   . GLU A 1 17  ? -8.094  -5.322  -5.307  1.00 8.50  ? 16  GLU A O   1 
ATOM   101 C  CB  . GLU A 1 17  ? -6.262  -4.439  -7.865  1.00 10.41 ? 16  GLU A CB  1 
ATOM   102 C  CG  . GLU A 1 17  ? -7.110  -5.605  -8.372  1.00 13.83 ? 16  GLU A CG  1 
ATOM   103 C  CD  . GLU A 1 17  ? -8.568  -5.252  -8.590  1.00 18.38 ? 16  GLU A CD  1 
ATOM   104 O  OE1 . GLU A 1 17  ? -8.839  -4.230  -9.268  1.00 15.47 ? 16  GLU A OE1 1 
ATOM   105 O  OE2 . GLU A 1 17  ? -9.461  -6.042  -8.198  1.00 20.91 ? 16  GLU A OE2 1 
HETATM 106 N  N   . MSE A 1 18  ? -6.032  -4.967  -4.581  1.00 8.36  ? 17  MSE A N   1 
HETATM 107 C  CA  . MSE A 1 18  ? -6.237  -5.908  -3.504  1.00 10.89 ? 17  MSE A CA  1 
HETATM 108 C  C   . MSE A 1 18  ? -7.203  -5.328  -2.472  1.00 9.62  ? 17  MSE A C   1 
HETATM 109 O  O   . MSE A 1 18  ? -7.967  -6.039  -1.801  1.00 10.58 ? 17  MSE A O   1 
HETATM 110 C  CB  . MSE A 1 18  ? -4.886  -6.254  -2.860  1.00 12.17 ? 17  MSE A CB  1 
HETATM 111 C  CG  . MSE A 1 18  ? -3.860  -6.760  -3.910  1.00 21.20 ? 17  MSE A CG  1 
HETATM 112 SE SE  . MSE A 1 18  ? -3.169  -8.472  -3.332  1.00 39.08 ? 17  MSE A SE  1 
HETATM 113 C  CE  . MSE A 1 18  ? -5.214  -9.167  -3.035  1.00 28.35 ? 17  MSE A CE  1 
ATOM   114 N  N   . LEU A 1 19  ? -7.046  -4.030  -2.223  1.00 7.82  ? 18  LEU A N   1 
ATOM   115 C  CA  . LEU A 1 19  ? -7.775  -3.331  -1.152  1.00 6.71  ? 18  LEU A CA  1 
ATOM   116 C  C   . LEU A 1 19  ? -9.237  -3.338  -1.668  1.00 6.04  ? 18  LEU A C   1 
ATOM   117 O  O   . LEU A 1 19  ? -10.172 -3.553  -0.906  1.00 5.96  ? 18  LEU A O   1 
ATOM   118 C  CB  . LEU A 1 19  ? -7.290  -1.893  -1.087  1.00 5.57  ? 18  LEU A CB  1 
ATOM   119 C  CG  . LEU A 1 19  ? -8.081  -1.044  -0.079  1.00 5.80  ? 18  LEU A CG  1 
ATOM   120 C  CD1 . LEU A 1 19  ? -8.192  -1.783  1.252   1.00 6.59  ? 18  LEU A CD1 1 
ATOM   121 C  CD2 . LEU A 1 19  ? -7.385  0.305   0.103   1.00 8.45  ? 18  LEU A CD2 1 
ATOM   122 N  N   . LYS A 1 20  ? -9.425  -3.102  -2.986  1.00 7.43  ? 19  LYS A N   1 
ATOM   123 C  CA  . LYS A 1 20  ? -10.753 -3.109  -3.638  1.00 9.13  ? 19  LYS A CA  1 
ATOM   124 C  C   . LYS A 1 20  ? -11.431 -4.447  -3.382  1.00 9.93  ? 19  LYS A C   1 
ATOM   125 O  O   . LYS A 1 20  ? -12.609 -4.535  -2.999  1.00 9.52  ? 19  LYS A O   1 
ATOM   126 C  CB  . LYS A 1 20  ? -10.606 -2.871  -5.131  1.00 9.86  ? 19  LYS A CB  1 
ATOM   127 C  CG  . LYS A 1 20  ? -10.660 -1.401  -5.552  1.00 15.93 ? 19  LYS A CG  1 
ATOM   128 C  CD  . LYS A 1 20  ? -10.913 -1.152  -7.083  1.00 12.89 ? 19  LYS A CD  1 
ATOM   129 C  CE  . LYS A 1 20  ? -12.256 -1.335  -7.451  1.00 17.78 ? 19  LYS A CE  1 
ATOM   130 N  NZ  . LYS A 1 20  ? -12.566 -0.810  -8.900  1.00 23.22 ? 19  LYS A NZ  1 
ATOM   131 N  N   . GLU A 1 21  ? -10.665 -5.520  -3.619  1.00 10.27 ? 20  GLU A N   1 
ATOM   132 C  CA  . GLU A 1 21  ? -11.165 -6.854  -3.330  1.00 9.30  ? 20  GLU A CA  1 
ATOM   133 C  C   . GLU A 1 21  ? -11.502 -7.032  -1.831  1.00 10.33 ? 20  GLU A C   1 
ATOM   134 O  O   . GLU A 1 21  ? -12.582 -7.510  -1.530  1.00 9.20  ? 20  GLU A O   1 
ATOM   135 C  CB  . GLU A 1 21  ? -10.176 -7.935  -3.786  1.00 10.03 ? 20  GLU A CB  1 
ATOM   136 C  CG  . GLU A 1 21  ? -9.855  -7.876  -5.267  1.00 13.83 ? 20  GLU A CG  1 
ATOM   137 C  CD  . GLU A 1 21  ? -8.628  -8.702  -5.700  1.00 18.38 ? 20  GLU A CD  1 
ATOM   138 O  OE1 . GLU A 1 21  ? -8.281  -9.707  -5.034  1.00 17.86 ? 20  GLU A OE1 1 
ATOM   139 O  OE2 . GLU A 1 21  ? -8.059  -8.330  -6.777  1.00 23.12 ? 20  GLU A OE2 1 
ATOM   140 N  N   . ASN A 1 22  ? -10.579 -6.667  -0.945  1.00 9.18  ? 21  ASN A N   1 
ATOM   141 C  CA  . ASN A 1 22  ? -10.748 -6.822  0.516   1.00 11.75 ? 21  ASN A CA  1 
ATOM   142 C  C   . ASN A 1 22  ? -12.046 -6.072  0.985   1.00 9.97  ? 21  ASN A C   1 
ATOM   143 O  O   . ASN A 1 22  ? -12.787 -6.533  1.927   1.00 9.65  ? 21  ASN A O   1 
ATOM   144 C  CB  . ASN A 1 22  ? -9.511  -6.321  1.332   1.00 12.39 ? 21  ASN A CB  1 
ATOM   145 C  CG  . ASN A 1 22  ? -8.166  -7.145  1.125   1.00 14.62 ? 21  ASN A CG  1 
ATOM   146 O  OD1 . ASN A 1 22  ? -8.233  -8.377  0.743   1.00 14.46 ? 21  ASN A OD1 1 
ATOM   147 N  ND2 . ASN A 1 22  ? -6.899  -6.482  1.477   1.00 13.07 ? 21  ASN A ND2 1 
ATOM   148 N  N   . ILE A 1 23  ? -12.325 -4.928  0.356   1.00 8.96  ? 22  ILE A N   1 
ATOM   149 C  CA  . ILE A 1 23  ? -13.521 -4.183  0.704   1.00 9.27  ? 22  ILE A CA  1 
ATOM   150 C  C   . ILE A 1 23  ? -14.764 -5.004  0.401   1.00 8.42  ? 22  ILE A C   1 
ATOM   151 O  O   . ILE A 1 23  ? -15.693 -5.122  1.237   1.00 5.68  ? 22  ILE A O   1 
ATOM   152 C  CB  . ILE A 1 23  ? -13.506 -2.786  0.069   1.00 9.83  ? 22  ILE A CB  1 
ATOM   153 C  CG1 . ILE A 1 23  ? -12.464 -1.925  0.809   1.00 7.92  ? 22  ILE A CG1 1 
ATOM   154 C  CG2 . ILE A 1 23  ? -14.861 -2.086  0.135   1.00 9.25  ? 22  ILE A CG2 1 
ATOM   155 C  CD1 . ILE A 1 23  ? -12.142 -0.607  0.142   1.00 8.03  ? 22  ILE A CD1 1 
ATOM   156 N  N   . ARG A 1 24  ? -14.793 -5.615  -0.784  1.00 8.16  ? 23  ARG A N   1 
ATOM   157 C  CA  . ARG A 1 24  ? -15.936 -6.468  -1.173  1.00 8.49  ? 23  ARG A CA  1 
ATOM   158 C  C   . ARG A 1 24  ? -16.041 -7.712  -0.337  1.00 10.10 ? 23  ARG A C   1 
ATOM   159 O  O   . ARG A 1 24  ? -17.147 -8.114  0.119   1.00 8.22  ? 23  ARG A O   1 
ATOM   160 C  CB  . ARG A 1 24  ? -15.871 -6.844  -2.696  1.00 8.03  ? 23  ARG A CB  1 
ATOM   161 C  CG  . ARG A 1 24  ? -17.032 -7.662  -3.243  1.00 11.68 ? 23  ARG A CG  1 
ATOM   162 C  CD  . ARG A 1 24  ? -16.847 -8.274  -4.565  1.00 11.68 ? 23  ARG A CD  1 
ATOM   163 N  NE  . ARG A 1 24  ? -16.691 -7.197  -5.547  1.00 13.12 ? 23  ARG A NE  1 
ATOM   164 C  CZ  . ARG A 1 24  ? -17.683 -6.565  -6.092  1.00 15.76 ? 23  ARG A CZ  1 
ATOM   165 N  NH1 . ARG A 1 24  ? -18.929 -6.867  -5.698  1.00 15.88 ? 23  ARG A NH1 1 
ATOM   166 N  NH2 . ARG A 1 24  ? -17.447 -5.554  -6.935  1.00 13.54 ? 23  ARG A NH2 1 
ATOM   167 N  N   . TYR A 1 25  ? -14.918 -8.376  -0.119  1.00 9.12  ? 24  TYR A N   1 
ATOM   168 C  CA  . TYR A 1 25  ? -14.997 -9.637  0.605   1.00 10.16 ? 24  TYR A CA  1 
ATOM   169 C  C   . TYR A 1 25  ? -15.539 -9.475  2.025   1.00 10.55 ? 24  TYR A C   1 
ATOM   170 O  O   . TYR A 1 25  ? -16.204 -10.439 2.563   1.00 12.81 ? 24  TYR A O   1 
ATOM   171 C  CB  . TYR A 1 25  ? -13.670 -10.432 0.577   1.00 8.56  ? 24  TYR A CB  1 
ATOM   172 C  CG  . TYR A 1 25  ? -13.169 -10.728 -0.813  1.00 8.10  ? 24  TYR A CG  1 
ATOM   173 C  CD1 . TYR A 1 25  ? -14.023 -10.864 -1.934  1.00 11.81 ? 24  TYR A CD1 1 
ATOM   174 C  CD2 . TYR A 1 25  ? -11.821 -10.851 -1.027  1.00 11.16 ? 24  TYR A CD2 1 
ATOM   175 C  CE1 . TYR A 1 25  ? -13.476 -11.104 -3.231  1.00 14.53 ? 24  TYR A CE1 1 
ATOM   176 C  CE2 . TYR A 1 25  ? -11.284 -11.094 -2.312  1.00 11.92 ? 24  TYR A CE2 1 
ATOM   177 C  CZ  . TYR A 1 25  ? -12.114 -11.223 -3.392  1.00 17.56 ? 24  TYR A CZ  1 
ATOM   178 O  OH  . TYR A 1 25  ? -11.546 -11.448 -4.662  1.00 14.16 ? 24  TYR A OH  1 
ATOM   179 N  N   . ASP A 1 26  ? -15.237 -8.371  2.686   1.00 11.59 ? 25  ASP A N   1 
ATOM   180 C  CA  . ASP A 1 26  ? -15.703 -8.194  4.082   1.00 11.87 ? 25  ASP A CA  1 
ATOM   181 C  C   . ASP A 1 26  ? -16.784 -7.130  4.281   1.00 12.75 ? 25  ASP A C   1 
ATOM   182 O  O   . ASP A 1 26  ? -17.006 -6.705  5.435   1.00 11.57 ? 25  ASP A O   1 
ATOM   183 C  CB  . ASP A 1 26  ? -14.549 -7.777  4.987   1.00 14.34 ? 25  ASP A CB  1 
ATOM   184 C  CG  . ASP A 1 26  ? -13.447 -8.826  5.049   1.00 20.14 ? 25  ASP A CG  1 
ATOM   185 O  OD1 . ASP A 1 26  ? -13.657 -9.955  4.537   1.00 24.19 ? 25  ASP A OD1 1 
ATOM   186 O  OD2 . ASP A 1 26  ? -12.400 -8.626  5.681   1.00 27.58 ? 25  ASP A OD2 1 
ATOM   187 N  N   . ASP A 1 27  ? -17.359 -6.654  3.176   1.00 10.80 ? 26  ASP A N   1 
ATOM   188 C  CA  . ASP A 1 27  ? -18.372 -5.557  3.214   1.00 11.07 ? 26  ASP A CA  1 
ATOM   189 C  C   . ASP A 1 27  ? -17.910 -4.416  4.128   1.00 10.34 ? 26  ASP A C   1 
ATOM   190 O  O   . ASP A 1 27  ? -18.634 -4.005  5.059   1.00 11.56 ? 26  ASP A O   1 
ATOM   191 C  CB  . ASP A 1 27  ? -19.689 -6.172  3.674   1.00 10.87 ? 26  ASP A CB  1 
ATOM   192 C  CG  . ASP A 1 27  ? -20.839 -5.212  3.764   1.00 13.68 ? 26  ASP A CG  1 
ATOM   193 O  OD1 . ASP A 1 27  ? -21.024 -4.369  2.893   1.00 10.51 ? 26  ASP A OD1 1 
ATOM   194 O  OD2 . ASP A 1 27  ? -21.655 -5.289  4.721   1.00 13.91 ? 26  ASP A OD2 1 
ATOM   195 N  N   . ILE A 1 28  ? -16.751 -3.828  3.826   1.00 10.16 ? 27  ILE A N   1 
ATOM   196 C  CA  . ILE A 1 28  ? -16.212 -2.745  4.683   1.00 9.98  ? 27  ILE A CA  1 
ATOM   197 C  C   . ILE A 1 28  ? -16.874 -1.430  4.255   1.00 12.83 ? 27  ILE A C   1 
ATOM   198 O  O   . ILE A 1 28  ? -16.987 -1.133  3.037   1.00 11.02 ? 27  ILE A O   1 
ATOM   199 C  CB  . ILE A 1 28  ? -14.717 -2.645  4.576   1.00 11.06 ? 27  ILE A CB  1 
ATOM   200 C  CG1 . ILE A 1 28  ? -14.100 -3.992  4.924   1.00 12.14 ? 27  ILE A CG1 1 
ATOM   201 C  CG2 . ILE A 1 28  ? -14.211 -1.571  5.500   1.00 9.42  ? 27  ILE A CG2 1 
ATOM   202 C  CD1 . ILE A 1 28  ? -12.538 -4.095  4.801   1.00 15.31 ? 27  ILE A CD1 1 
ATOM   203 N  N   . ARG A 1 29  ? -17.360 -0.681  5.237   1.00 13.31 ? 28  ARG A N   1 
ATOM   204 C  CA  . ARG A 1 29  ? -18.116 0.528   4.942   1.00 15.42 ? 28  ARG A CA  1 
ATOM   205 C  C   . ARG A 1 29  ? -17.594 1.798   5.580   1.00 16.67 ? 28  ARG A C   1 
ATOM   206 O  O   . ARG A 1 29  ? -18.034 2.897   5.225   1.00 17.10 ? 28  ARG A O   1 
ATOM   207 C  CB  . ARG A 1 29  ? -19.540 0.387   5.409   1.00 16.60 ? 28  ARG A CB  1 
ATOM   208 C  CG  . ARG A 1 29  ? -20.227 -0.792  4.854   1.00 16.27 ? 28  ARG A CG  1 
ATOM   209 C  CD  . ARG A 1 29  ? -21.732 -0.750  4.952   1.00 17.86 ? 28  ARG A CD  1 
ATOM   210 N  NE  . ARG A 1 29  ? -22.169 -1.799  4.041   1.00 20.62 ? 28  ARG A NE  1 
ATOM   211 C  CZ  . ARG A 1 29  ? -23.375 -1.901  3.535   1.00 21.28 ? 28  ARG A CZ  1 
ATOM   212 N  NH1 . ARG A 1 29  ? -24.338 -1.012  3.828   1.00 22.22 ? 28  ARG A NH1 1 
ATOM   213 N  NH2 . ARG A 1 29  ? -23.624 -2.908  2.738   1.00 22.38 ? 28  ARG A NH2 1 
ATOM   214 N  N   . ASP A 1 30  ? -16.645 1.638   6.474   1.00 15.71 ? 29  ASP A N   1 
ATOM   215 C  CA  . ASP A 1 30  ? -16.122 2.763   7.276   1.00 18.09 ? 29  ASP A CA  1 
ATOM   216 C  C   . ASP A 1 30  ? -14.605 2.776   7.358   1.00 16.46 ? 29  ASP A C   1 
ATOM   217 O  O   . ASP A 1 30  ? -13.977 1.727   7.485   1.00 14.02 ? 29  ASP A O   1 
ATOM   218 C  CB  . ASP A 1 30  ? -16.768 2.737   8.630   1.00 18.81 ? 29  ASP A CB  1 
ATOM   219 C  CG  . ASP A 1 30  ? -16.524 4.012   9.413   1.00 25.79 ? 29  ASP A CG  1 
ATOM   220 O  OD1 . ASP A 1 30  ? -17.272 4.982   9.162   1.00 30.51 ? 29  ASP A OD1 1 
ATOM   221 O  OD2 . ASP A 1 30  ? -15.615 4.146   10.254  1.00 26.99 ? 29  ASP A OD2 1 
ATOM   222 N  N   . THR A 1 31  ? -14.013 3.963   7.269   1.00 17.54 ? 30  THR A N   1 
ATOM   223 C  CA  . THR A 1 31  ? -12.537 4.059   7.376   1.00 18.84 ? 30  THR A CA  1 
ATOM   224 C  C   . THR A 1 31  ? -11.985 3.546   8.699   1.00 18.70 ? 30  THR A C   1 
ATOM   225 O  O   . THR A 1 31  ? -10.813 3.146   8.793   1.00 18.90 ? 30  THR A O   1 
ATOM   226 C  CB  . THR A 1 31  ? -11.974 5.503   7.198   1.00 19.70 ? 30  THR A CB  1 
ATOM   227 O  OG1 . THR A 1 31  ? -12.621 6.430   8.084   1.00 21.45 ? 30  THR A OG1 1 
ATOM   228 C  CG2 . THR A 1 31  ? -12.213 6.067   5.870   1.00 23.12 ? 30  THR A CG2 1 
ATOM   229 N  N   . ASP A 1 32  ? -12.824 3.509   9.727   1.00 19.01 ? 31  ASP A N   1 
ATOM   230 C  CA  . ASP A 1 32  ? -12.321 3.105   11.010  1.00 20.07 ? 31  ASP A CA  1 
ATOM   231 C  C   . ASP A 1 32  ? -12.178 1.596   11.119  1.00 18.60 ? 31  ASP A C   1 
ATOM   232 O  O   . ASP A 1 32  ? -11.760 1.070   12.147  1.00 17.97 ? 31  ASP A O   1 
ATOM   233 C  CB  . ASP A 1 32  ? -13.250 3.617   12.115  1.00 22.08 ? 31  ASP A CB  1 
ATOM   234 C  CG  . ASP A 1 32  ? -12.495 4.360   13.194  1.00 29.83 ? 31  ASP A CG  1 
ATOM   235 O  OD1 . ASP A 1 32  ? -12.053 5.507   12.958  1.00 38.95 ? 31  ASP A OD1 1 
ATOM   236 O  OD2 . ASP A 1 32  ? -12.265 3.843   14.317  1.00 41.98 ? 31  ASP A OD2 1 
ATOM   237 N  N   . ASP A 1 33  ? -12.532 0.911   10.037  1.00 15.64 ? 32  ASP A N   1 
ATOM   238 C  CA  . ASP A 1 33  ? -12.474 -0.531  9.958   1.00 13.86 ? 32  ASP A CA  1 
ATOM   239 C  C   . ASP A 1 33  ? -11.566 -0.938  8.770   1.00 12.46 ? 32  ASP A C   1 
ATOM   240 O  O   . ASP A 1 33  ? -11.608 -2.086  8.312   1.00 10.61 ? 32  ASP A O   1 
ATOM   241 C  CB  . ASP A 1 33  ? -13.900 -1.049  9.667   1.00 15.42 ? 32  ASP A CB  1 
ATOM   242 C  CG  . ASP A 1 33  ? -14.848 -0.919  10.838  1.00 20.15 ? 32  ASP A CG  1 
ATOM   243 O  OD1 . ASP A 1 33  ? -14.427 -1.030  12.010  1.00 25.03 ? 32  ASP A OD1 1 
ATOM   244 O  OD2 . ASP A 1 33  ? -16.048 -0.780  10.629  1.00 24.49 ? 32  ASP A OD2 1 
ATOM   245 N  N   . LEU A 1 34  ? -10.767 0.006   8.276   1.00 11.26 ? 33  LEU A N   1 
ATOM   246 C  CA  . LEU A 1 34  ? -9.935  -0.225  7.084   1.00 12.60 ? 33  LEU A CA  1 
ATOM   247 C  C   . LEU A 1 34  ? -8.476  -0.547  7.368   1.00 11.67 ? 33  LEU A C   1 
ATOM   248 O  O   . LEU A 1 34  ? -7.756  -1.035  6.503   1.00 8.76  ? 33  LEU A O   1 
ATOM   249 C  CB  . LEU A 1 34  ? -9.973  1.002   6.156   1.00 13.15 ? 33  LEU A CB  1 
ATOM   250 C  CG  . LEU A 1 34  ? -10.816 0.873   4.901   1.00 16.01 ? 33  LEU A CG  1 
ATOM   251 C  CD1 . LEU A 1 34  ? -10.501 2.205   4.050   1.00 18.28 ? 33  LEU A CD1 1 
ATOM   252 C  CD2 . LEU A 1 34  ? -10.904 -0.375  3.923   1.00 11.55 ? 33  LEU A CD2 1 
ATOM   253 N  N   . HIS A 1 35  ? -8.037  -0.272  8.576   1.00 10.62 ? 34  HIS A N   1 
ATOM   254 C  CA  . HIS A 1 35  ? -6.629  -0.442  8.910   1.00 12.43 ? 34  HIS A CA  1 
ATOM   255 C  C   . HIS A 1 35  ? -6.010  -1.768  8.452   1.00 12.22 ? 34  HIS A C   1 
ATOM   256 O  O   . HIS A 1 35  ? -4.973  -1.773  7.766   1.00 12.52 ? 34  HIS A O   1 
ATOM   257 C  CB  . HIS A 1 35  ? -6.388  -0.301  10.406  1.00 13.91 ? 34  HIS A CB  1 
ATOM   258 C  CG  . HIS A 1 35  ? -4.954  -0.523  10.792  1.00 15.95 ? 34  HIS A CG  1 
ATOM   259 N  ND1 . HIS A 1 35  ? -4.462  -1.780  11.071  1.00 19.80 ? 34  HIS A ND1 1 
ATOM   260 C  CD2 . HIS A 1 35  ? -3.935  0.335   10.988  1.00 16.29 ? 34  HIS A CD2 1 
ATOM   261 C  CE1 . HIS A 1 35  ? -3.183  -1.690  11.371  1.00 16.47 ? 34  HIS A CE1 1 
ATOM   262 N  NE2 . HIS A 1 35  ? -2.840  -0.415  11.342  1.00 19.81 ? 34  HIS A NE2 1 
ATOM   263 N  N   . ASP A 1 36  ? -6.605  -2.888  8.863   1.00 10.27 ? 35  ASP A N   1 
ATOM   264 C  CA  . ASP A 1 36  ? -6.030  -4.162  8.512   1.00 10.80 ? 35  ASP A CA  1 
ATOM   265 C  C   . ASP A 1 36  ? -6.118  -4.443  7.034   1.00 10.45 ? 35  ASP A C   1 
ATOM   266 O  O   . ASP A 1 36  ? -5.202  -5.077  6.428   1.00 12.12 ? 35  ASP A O   1 
ATOM   267 C  CB  . ASP A 1 36  ? -6.685  -5.271  9.312   1.00 9.57  ? 35  ASP A CB  1 
ATOM   268 C  CG  . ASP A 1 36  ? -6.324  -5.286  10.815  1.00 13.60 ? 35  ASP A CG  1 
ATOM   269 O  OD1 . ASP A 1 36  ? -5.451  -4.542  11.353  1.00 17.66 ? 35  ASP A OD1 1 
ATOM   270 O  OD2 . ASP A 1 36  ? -6.890  -6.148  11.516  1.00 17.85 ? 35  ASP A OD2 1 
ATOM   271 N  N   . ALA A 1 37  ? -7.189  -4.028  6.374   1.00 9.93  ? 36  ALA A N   1 
ATOM   272 C  CA  . ALA A 1 37  ? -7.241  -4.310  4.932   1.00 10.74 ? 36  ALA A CA  1 
ATOM   273 C  C   . ALA A 1 37  ? -6.121  -3.597  4.150   1.00 9.24  ? 36  ALA A C   1 
ATOM   274 O  O   . ALA A 1 37  ? -5.602  -4.147  3.171   1.00 10.12 ? 36  ALA A O   1 
ATOM   275 C  CB  . ALA A 1 37  ? -8.594  -3.933  4.346   1.00 8.75  ? 36  ALA A CB  1 
ATOM   276 N  N   . ILE A 1 38  ? -5.826  -2.355  4.532   1.00 7.83  ? 37  ILE A N   1 
ATOM   277 C  CA  . ILE A 1 38  ? -4.800  -1.474  3.899   1.00 6.83  ? 37  ILE A CA  1 
ATOM   278 C  C   . ILE A 1 38  ? -3.406  -2.086  4.099   1.00 6.91  ? 37  ILE A C   1 
ATOM   279 O  O   . ILE A 1 38  ? -2.625  -2.283  3.150   1.00 7.11  ? 37  ILE A O   1 
ATOM   280 C  CB  . ILE A 1 38  ? -4.858  -0.042  4.448   1.00 6.78  ? 37  ILE A CB  1 
ATOM   281 C  CG1 . ILE A 1 38  ? -5.987  0.710   3.776   1.00 4.71  ? 37  ILE A CG1 1 
ATOM   282 C  CG2 . ILE A 1 38  ? -3.527  0.645   4.279   1.00 7.21  ? 37  ILE A CG2 1 
ATOM   283 C  CD1 . ILE A 1 38  ? -6.332  1.974   4.255   1.00 9.34  ? 37  ILE A CD1 1 
ATOM   284 N  N   . HIS A 1 39  ? -3.130  -2.488  5.330   1.00 7.82  ? 38  HIS A N   1 
ATOM   285 C  CA  . HIS A 1 39  ? -1.807  -3.119  5.683   1.00 8.48  ? 38  HIS A CA  1 
ATOM   286 C  C   . HIS A 1 39  ? -1.584  -4.465  5.055   1.00 9.57  ? 38  HIS A C   1 
ATOM   287 O  O   . HIS A 1 39  ? -0.437  -4.741  4.633   1.00 10.32 ? 38  HIS A O   1 
ATOM   288 C  CB  . HIS A 1 39  ? -1.626  -3.124  7.225   1.00 9.05  ? 38  HIS A CB  1 
ATOM   289 C  CG  . HIS A 1 39  ? -1.270  -1.810  7.778   1.00 9.05  ? 38  HIS A CG  1 
ATOM   290 N  ND1 . HIS A 1 39  ? 0.039   -1.448  8.074   1.00 11.59 ? 38  HIS A ND1 1 
ATOM   291 C  CD2 . HIS A 1 39  ? -2.044  -0.736  8.100   1.00 8.70  ? 38  HIS A CD2 1 
ATOM   292 C  CE1 . HIS A 1 39  ? 0.048   -0.196  8.510   1.00 11.76 ? 38  HIS A CE1 1 
ATOM   293 N  NE2 . HIS A 1 39  ? -1.203  0.250   8.545   1.00 11.68 ? 38  HIS A NE2 1 
HETATM 294 N  N   . MSE A 1 40  ? -2.609  -5.319  4.918   1.00 8.84  ? 39  MSE A N   1 
HETATM 295 C  CA  . MSE A 1 40  ? -2.485  -6.619  4.173   1.00 10.04 ? 39  MSE A CA  1 
HETATM 296 C  C   . MSE A 1 40  ? -2.191  -6.389  2.711   1.00 8.39  ? 39  MSE A C   1 
HETATM 297 O  O   . MSE A 1 40  ? -1.481  -7.159  2.036   1.00 6.70  ? 39  MSE A O   1 
HETATM 298 C  CB  . MSE A 1 40  ? -3.757  -7.516  4.315   1.00 11.41 ? 39  MSE A CB  1 
HETATM 299 C  CG  . MSE A 1 40  ? -3.891  -7.873  5.763   1.00 14.86 ? 39  MSE A CG  1 
HETATM 300 SE SE  . MSE A 1 40  ? -5.389  -9.026  6.164   1.00 26.35 ? 39  MSE A SE  1 
HETATM 301 C  CE  . MSE A 1 40  ? -5.182  -10.105 5.110   1.00 12.53 ? 39  MSE A CE  1 
ATOM   302 N  N   . ALA A 1 41  ? -2.875  -5.407  2.123   1.00 8.92  ? 40  ALA A N   1 
ATOM   303 C  CA  . ALA A 1 41  ? -2.737  -5.073  0.707   1.00 9.30  ? 40  ALA A CA  1 
ATOM   304 C  C   . ALA A 1 41  ? -1.300  -4.591  0.446   1.00 9.62  ? 40  ALA A C   1 
ATOM   305 O  O   . ALA A 1 41  ? -0.651  -4.990  -0.520  1.00 8.52  ? 40  ALA A O   1 
ATOM   306 C  CB  . ALA A 1 41  ? -3.725  -3.932  0.362   1.00 8.72  ? 40  ALA A CB  1 
ATOM   307 N  N   . ALA A 1 42  ? -0.854  -3.677  1.304   1.00 8.95  ? 41  ALA A N   1 
ATOM   308 C  CA  . ALA A 1 42  ? 0.536   -3.240  1.213   1.00 9.59  ? 41  ALA A CA  1 
ATOM   309 C  C   . ALA A 1 42  ? 1.563   -4.468  1.303   1.00 9.50  ? 41  ALA A C   1 
ATOM   310 O  O   . ALA A 1 42  ? 2.546   -4.604  0.559   1.00 7.21  ? 41  ALA A O   1 
ATOM   311 C  CB  . ALA A 1 42  ? 0.803   -2.152  2.188   1.00 10.60 ? 41  ALA A CB  1 
ATOM   312 N  N   . ASP A 1 43  ? 1.305   -5.347  2.265   1.00 9.69  ? 42  ASP A N   1 
ATOM   313 C  CA  . ASP A 1 43  ? 2.186   -6.473  2.513   1.00 11.84 ? 42  ASP A CA  1 
ATOM   314 C  C   . ASP A 1 43  ? 2.201   -7.388  1.332   1.00 12.02 ? 42  ASP A C   1 
ATOM   315 O  O   . ASP A 1 43  ? 3.243   -7.968  0.955   1.00 13.82 ? 42  ASP A O   1 
ATOM   316 C  CB  . ASP A 1 43  ? 1.690   -7.223  3.712   1.00 12.70 ? 42  ASP A CB  1 
ATOM   317 C  CG  . ASP A 1 43  ? 2.766   -8.011  4.342   1.00 19.49 ? 42  ASP A CG  1 
ATOM   318 O  OD1 . ASP A 1 43  ? 3.799   -7.431  4.713   1.00 25.61 ? 42  ASP A OD1 1 
ATOM   319 O  OD2 . ASP A 1 43  ? 2.684   -9.231  4.411   1.00 26.79 ? 42  ASP A OD2 1 
ATOM   320 N  N   . ASN A 1 44  ? 1.034   -7.600  0.798   1.00 11.11 ? 43  ASN A N   1 
ATOM   321 C  CA  . ASN A 1 44  ? 0.953   -8.452  -0.358  1.00 12.10 ? 43  ASN A CA  1 
ATOM   322 C  C   . ASN A 1 44  ? 1.537   -7.841  -1.663  1.00 12.53 ? 43  ASN A C   1 
ATOM   323 O  O   . ASN A 1 44  ? 1.870   -8.589  -2.576  1.00 12.85 ? 43  ASN A O   1 
ATOM   324 C  CB  . ASN A 1 44  ? -0.496  -8.921  -0.558  1.00 14.82 ? 43  ASN A CB  1 
ATOM   325 C  CG  . ASN A 1 44  ? -0.992  -9.764  0.657   1.00 19.58 ? 43  ASN A CG  1 
ATOM   326 O  OD1 . ASN A 1 44  ? -0.198  -10.142 1.538   1.00 29.57 ? 43  ASN A OD1 1 
ATOM   327 N  ND2 . ASN A 1 44  ? -2.287  -10.057 0.691   1.00 23.39 ? 43  ASN A ND2 1 
ATOM   328 N  N   . ALA A 1 45  ? 1.708   -6.530  -1.731  1.00 8.10  ? 44  ALA A N   1 
ATOM   329 C  CA  . ALA A 1 45  ? 2.184   -5.874  -2.920  1.00 8.57  ? 44  ALA A CA  1 
ATOM   330 C  C   . ALA A 1 45  ? 3.700   -5.563  -2.887  1.00 8.81  ? 44  ALA A C   1 
ATOM   331 O  O   . ALA A 1 45  ? 4.262   -5.391  -3.945  1.00 10.82 ? 44  ALA A O   1 
ATOM   332 C  CB  . ALA A 1 45  ? 1.403   -4.586  -3.145  1.00 8.62  ? 44  ALA A CB  1 
ATOM   333 N  N   . VAL A 1 46  ? 4.351   -5.523  -1.743  1.00 7.51  ? 45  VAL A N   1 
ATOM   334 C  CA  . VAL A 1 46  ? 5.795   -5.195  -1.727  1.00 8.15  ? 45  VAL A CA  1 
ATOM   335 C  C   . VAL A 1 46  ? 6.536   -6.246  -2.509  1.00 7.32  ? 45  VAL A C   1 
ATOM   336 O  O   . VAL A 1 46  ? 6.270   -7.448  -2.375  1.00 10.68 ? 45  VAL A O   1 
ATOM   337 C  CB  . VAL A 1 46  ? 6.403   -5.079  -0.295  1.00 8.14  ? 45  VAL A CB  1 
ATOM   338 C  CG1 . VAL A 1 46  ? 5.774   -3.856  0.412   1.00 12.53 ? 45  VAL A CG1 1 
ATOM   339 C  CG2 . VAL A 1 46  ? 6.231   -6.364  0.567   1.00 10.71 ? 45  VAL A CG2 1 
ATOM   340 N  N   . PRO A 1 47  ? 7.508   -5.842  -3.297  1.00 7.22  ? 46  PRO A N   1 
ATOM   341 C  CA  . PRO A 1 47  ? 8.217   -6.796  -4.118  1.00 8.13  ? 46  PRO A CA  1 
ATOM   342 C  C   . PRO A 1 47  ? 9.093   -7.691  -3.256  1.00 10.65 ? 46  PRO A C   1 
ATOM   343 O  O   . PRO A 1 47  ? 9.559   -7.301  -2.191  1.00 12.88 ? 46  PRO A O   1 
ATOM   344 C  CB  . PRO A 1 47  ? 9.051   -5.917  -5.092  1.00 9.40  ? 46  PRO A CB  1 
ATOM   345 C  CG  . PRO A 1 47  ? 8.999   -4.567  -4.612  1.00 10.75 ? 46  PRO A CG  1 
ATOM   346 C  CD  . PRO A 1 47  ? 7.918   -4.454  -3.514  1.00 7.81  ? 46  PRO A CD  1 
ATOM   347 N  N   . HIS A 1 48  ? 9.397   -8.864  -3.756  1.00 12.18 ? 47  HIS A N   1 
ATOM   348 C  CA  . HIS A 1 48  ? 10.287  -9.704  -3.053  1.00 13.01 ? 47  HIS A CA  1 
ATOM   349 C  C   . HIS A 1 48  ? 11.789  -9.728  -3.554  1.00 13.14 ? 47  HIS A C   1 
ATOM   350 O  O   . HIS A 1 48  ? 12.758  -9.803  -2.726  1.00 13.33 ? 47  HIS A O   1 
ATOM   351 C  CB  . HIS A 1 48  ? 9.791   -11.135 -3.175  1.00 15.71 ? 47  HIS A CB  1 
ATOM   352 C  CG  . HIS A 1 48  ? 8.454   -11.371 -2.559  1.00 25.77 ? 47  HIS A CG  1 
ATOM   353 N  ND1 . HIS A 1 48  ? 8.241   -11.481 -1.180  1.00 34.44 ? 47  HIS A ND1 1 
ATOM   354 C  CD2 . HIS A 1 48  ? 7.260   -11.618 -3.164  1.00 31.81 ? 47  HIS A CD2 1 
ATOM   355 C  CE1 . HIS A 1 48  ? 6.957   -11.744 -0.973  1.00 36.31 ? 47  HIS A CE1 1 
ATOM   356 N  NE2 . HIS A 1 48  ? 6.342   -11.832 -2.166  1.00 33.33 ? 47  HIS A NE2 1 
ATOM   357 N  N   . TYR A 1 49  ? 11.994  -9.669  -4.855  1.00 10.56 ? 48  TYR A N   1 
ATOM   358 C  CA  . TYR A 1 49  ? 13.367  -9.740  -5.316  1.00 10.46 ? 48  TYR A CA  1 
ATOM   359 C  C   . TYR A 1 49  ? 14.105  -8.438  -5.064  1.00 7.62  ? 48  TYR A C   1 
ATOM   360 O  O   . TYR A 1 49  ? 13.539  -7.382  -5.300  1.00 6.61  ? 48  TYR A O   1 
ATOM   361 C  CB  . TYR A 1 49  ? 13.368  -9.994  -6.794  1.00 11.10 ? 48  TYR A CB  1 
ATOM   362 C  CG  . TYR A 1 49  ? 12.897  -11.422 -7.122  1.00 17.78 ? 48  TYR A CG  1 
ATOM   363 C  CD1 . TYR A 1 49  ? 13.555  -12.531 -6.597  1.00 23.48 ? 48  TYR A CD1 1 
ATOM   364 C  CD2 . TYR A 1 49  ? 11.820  -11.647 -7.956  1.00 24.81 ? 48  TYR A CD2 1 
ATOM   365 C  CE1 . TYR A 1 49  ? 13.151  -13.822 -6.900  1.00 26.55 ? 48  TYR A CE1 1 
ATOM   366 C  CE2 . TYR A 1 49  ? 11.442  -12.958 -8.280  1.00 27.85 ? 48  TYR A CE2 1 
ATOM   367 C  CZ  . TYR A 1 49  ? 12.097  -14.020 -7.710  1.00 25.97 ? 48  TYR A CZ  1 
ATOM   368 O  OH  . TYR A 1 49  ? 11.696  -15.290 -8.035  1.00 30.22 ? 48  TYR A OH  1 
ATOM   369 N  N   . TYR A 1 50  ? 15.350  -8.491  -4.651  1.00 6.12  ? 49  TYR A N   1 
ATOM   370 C  CA  . TYR A 1 50  ? 16.136  -7.239  -4.440  1.00 5.48  ? 49  TYR A CA  1 
ATOM   371 C  C   . TYR A 1 50  ? 16.060  -6.350  -5.666  1.00 6.76  ? 49  TYR A C   1 
ATOM   372 O  O   . TYR A 1 50  ? 15.869  -5.104  -5.565  1.00 7.50  ? 49  TYR A O   1 
ATOM   373 C  CB  . TYR A 1 50  ? 17.613  -7.494  -4.088  1.00 5.70  ? 49  TYR A CB  1 
ATOM   374 C  CG  . TYR A 1 50  ? 18.000  -8.115  -2.762  1.00 3.83  ? 49  TYR A CG  1 
ATOM   375 C  CD1 . TYR A 1 50  ? 17.182  -8.933  -1.994  1.00 6.83  ? 49  TYR A CD1 1 
ATOM   376 C  CD2 . TYR A 1 50  ? 19.348  -7.936  -2.284  1.00 8.56  ? 49  TYR A CD2 1 
ATOM   377 C  CE1 . TYR A 1 50  ? 17.641  -9.450  -0.780  1.00 5.83  ? 49  TYR A CE1 1 
ATOM   378 C  CE2 . TYR A 1 50  ? 19.772  -8.437  -1.078  1.00 8.12  ? 49  TYR A CE2 1 
ATOM   379 C  CZ  . TYR A 1 50  ? 18.958  -9.210  -0.339  1.00 8.13  ? 49  TYR A CZ  1 
ATOM   380 O  OH  . TYR A 1 50  ? 19.454  -9.789  0.855   1.00 11.24 ? 49  TYR A OH  1 
ATOM   381 N  N   . ALA A 1 51  ? 16.171  -6.936  -6.872  1.00 7.51  ? 50  ALA A N   1 
ATOM   382 C  CA  . ALA A 1 51  ? 16.234  -6.115  -8.062  1.00 6.16  ? 50  ALA A CA  1 
ATOM   383 C  C   . ALA A 1 51  ? 14.969  -5.294  -8.280  1.00 8.34  ? 50  ALA A C   1 
ATOM   384 O  O   . ALA A 1 51  ? 15.064  -4.152  -8.768  1.00 6.55  ? 50  ALA A O   1 
ATOM   385 C  CB  . ALA A 1 51  ? 16.544  -6.936  -9.261  1.00 7.62  ? 50  ALA A CB  1 
ATOM   386 N  N   . ASP A 1 52  ? 13.816  -5.884  -7.927  1.00 6.72  ? 51  ASP A N   1 
ATOM   387 C  CA  . ASP A 1 52  ? 12.535  -5.193  -8.100  1.00 9.83  ? 51  ASP A CA  1 
ATOM   388 C  C   . ASP A 1 52  ? 12.419  -4.118  -7.013  1.00 6.85  ? 51  ASP A C   1 
ATOM   389 O  O   . ASP A 1 52  ? 11.822  -3.072  -7.241  1.00 6.60  ? 51  ASP A O   1 
ATOM   390 C  CB  . ASP A 1 52  ? 11.349  -6.172  -8.037  1.00 9.21  ? 51  ASP A CB  1 
ATOM   391 C  CG  . ASP A 1 52  ? 11.313  -7.174  -9.211  1.00 16.46 ? 51  ASP A CG  1 
ATOM   392 O  OD1 . ASP A 1 52  ? 11.681  -6.803  -10.364 1.00 20.12 ? 51  ASP A OD1 1 
ATOM   393 O  OD2 . ASP A 1 52  ? 10.858  -8.318  -9.037  1.00 16.56 ? 51  ASP A OD2 1 
ATOM   394 N  N   . ILE A 1 53  ? 12.938  -4.398  -5.815  1.00 6.98  ? 52  ILE A N   1 
ATOM   395 C  CA  . ILE A 1 53  ? 12.907  -3.414  -4.759  1.00 6.17  ? 52  ILE A CA  1 
ATOM   396 C  C   . ILE A 1 53  ? 13.759  -2.134  -5.187  1.00 6.61  ? 52  ILE A C   1 
ATOM   397 O  O   . ILE A 1 53  ? 13.307  -0.973  -5.064  1.00 7.00  ? 52  ILE A O   1 
ATOM   398 C  CB  . ILE A 1 53  ? 13.453  -3.993  -3.386  1.00 5.71  ? 52  ILE A CB  1 
ATOM   399 C  CG1 . ILE A 1 53  ? 12.539  -4.979  -2.750  1.00 3.78  ? 52  ILE A CG1 1 
ATOM   400 C  CG2 . ILE A 1 53  ? 13.698  -2.910  -2.446  1.00 6.08  ? 52  ILE A CG2 1 
ATOM   401 C  CD1 . ILE A 1 53  ? 13.188  -5.930  -1.689  1.00 5.42  ? 52  ILE A CD1 1 
ATOM   402 N  N   . PHE A 1 54  ? 14.973  -2.359  -5.707  1.00 4.36  ? 53  PHE A N   1 
ATOM   403 C  CA  . PHE A 1 54  ? 15.786  -1.267  -6.204  1.00 4.47  ? 53  PHE A CA  1 
ATOM   404 C  C   . PHE A 1 54  ? 15.073  -0.544  -7.407  1.00 5.91  ? 53  PHE A C   1 
ATOM   405 O  O   . PHE A 1 54  ? 15.129  0.679   -7.526  1.00 6.06  ? 53  PHE A O   1 
ATOM   406 C  CB  . PHE A 1 54  ? 17.189  -1.731  -6.655  1.00 4.29  ? 53  PHE A CB  1 
ATOM   407 C  CG  . PHE A 1 54  ? 18.091  -2.205  -5.521  1.00 5.16  ? 53  PHE A CG  1 
ATOM   408 C  CD1 . PHE A 1 54  ? 18.415  -1.382  -4.473  1.00 3.63  ? 53  PHE A CD1 1 
ATOM   409 C  CD2 . PHE A 1 54  ? 18.662  -3.409  -5.589  1.00 5.47  ? 53  PHE A CD2 1 
ATOM   410 C  CE1 . PHE A 1 54  ? 19.293  -1.758  -3.473  1.00 5.77  ? 53  PHE A CE1 1 
ATOM   411 C  CE2 . PHE A 1 54  ? 19.538  -3.860  -4.544  1.00 4.43  ? 53  PHE A CE2 1 
ATOM   412 C  CZ  . PHE A 1 54  ? 19.823  -3.033  -3.473  1.00 6.30  ? 53  PHE A CZ  1 
ATOM   413 N  N   . SER A 1 55  ? 14.410  -1.293  -8.297  1.00 4.79  ? 54  SER A N   1 
ATOM   414 C  CA  . SER A 1 55  ? 13.786  -0.640  -9.482  1.00 5.34  ? 54  SER A CA  1 
ATOM   415 C  C   . SER A 1 55  ? 12.639  0.270   -9.053  1.00 5.20  ? 54  SER A C   1 
ATOM   416 O  O   . SER A 1 55  ? 12.366  1.298   -9.679  1.00 5.19  ? 54  SER A O   1 
ATOM   417 C  CB  . SER A 1 55  ? 13.323  -1.698  -10.517 1.00 6.14  ? 54  SER A CB  1 
ATOM   418 O  OG  . SER A 1 55  ? 12.751  -1.067  -11.682 1.00 11.51 ? 54  SER A OG  1 
ATOM   419 N  N   . VAL A 1 56  ? 11.929  -0.182  -8.014  1.00 5.93  ? 55  VAL A N   1 
ATOM   420 C  CA  . VAL A 1 56  ? 10.780  0.554   -7.466  1.00 4.91  ? 55  VAL A CA  1 
ATOM   421 C  C   . VAL A 1 56  ? 11.311  1.822   -6.862  1.00 4.27  ? 55  VAL A C   1 
ATOM   422 O  O   . VAL A 1 56  ? 10.743  2.887   -7.132  1.00 5.03  ? 55  VAL A O   1 
ATOM   423 C  CB  . VAL A 1 56  ? 9.997   -0.264  -6.439  1.00 4.96  ? 55  VAL A CB  1 
ATOM   424 C  CG1 . VAL A 1 56  ? 9.118   0.668   -5.590  1.00 8.38  ? 55  VAL A CG1 1 
ATOM   425 C  CG2 . VAL A 1 56  ? 9.088   -1.343  -7.189  1.00 6.34  ? 55  VAL A CG2 1 
HETATM 426 N  N   . MSE A 1 57  ? 12.414  1.765   -6.095  1.00 3.09  ? 56  MSE A N   1 
HETATM 427 C  CA  . MSE A 1 57  ? 13.037  2.964   -5.491  1.00 4.44  ? 56  MSE A CA  1 
HETATM 428 C  C   . MSE A 1 57  ? 13.556  3.969   -6.548  1.00 5.57  ? 56  MSE A C   1 
HETATM 429 O  O   . MSE A 1 57  ? 13.557  5.198   -6.301  1.00 5.68  ? 56  MSE A O   1 
HETATM 430 C  CB  . MSE A 1 57  ? 14.156  2.581   -4.440  1.00 5.93  ? 56  MSE A CB  1 
HETATM 431 C  CG  . MSE A 1 57  ? 13.715  1.764   -3.264  1.00 6.09  ? 56  MSE A CG  1 
HETATM 432 SE SE  . MSE A 1 57  ? 12.372  2.632   -2.183  1.00 9.10  ? 56  MSE A SE  1 
HETATM 433 C  CE  . MSE A 1 57  ? 13.251  4.380   -1.729  1.00 9.58  ? 56  MSE A CE  1 
ATOM   434 N  N   . ALA A 1 58  ? 13.903  3.474   -7.736  1.00 5.69  ? 57  ALA A N   1 
ATOM   435 C  CA  . ALA A 1 58  ? 14.361  4.300   -8.865  1.00 8.45  ? 57  ALA A CA  1 
ATOM   436 C  C   . ALA A 1 58  ? 13.217  5.013   -9.603  1.00 11.42 ? 57  ALA A C   1 
ATOM   437 O  O   . ALA A 1 58  ? 13.472  5.923   -10.435 1.00 14.45 ? 57  ALA A O   1 
ATOM   438 C  CB  . ALA A 1 58  ? 15.128  3.420   -9.931  1.00 8.60  ? 57  ALA A CB  1 
ATOM   439 N  N   . SER A 1 59  ? 11.958  4.602   -9.380  1.00 10.84 ? 58  SER A N   1 
ATOM   440 C  CA  . SER A 1 59  ? 10.881  5.149   -10.197 1.00 9.25  ? 58  SER A CA  1 
ATOM   441 C  C   . SER A 1 59  ? 10.090  6.268   -9.542  1.00 9.51  ? 58  SER A C   1 
ATOM   442 O  O   . SER A 1 59  ? 10.331  6.684   -8.423  1.00 7.43  ? 58  SER A O   1 
ATOM   443 C  CB  . SER A 1 59  ? 9.974   4.000   -10.621 1.00 9.49  ? 58  SER A CB  1 
ATOM   444 O  OG  . SER A 1 59  ? 9.596   3.309   -9.411  1.00 13.36 ? 58  SER A OG  1 
ATOM   445 N  N   . GLU A 1 60  ? 9.154   6.805   -10.332 1.00 10.80 ? 59  GLU A N   1 
ATOM   446 C  CA  . GLU A 1 60  ? 8.333   7.907   -9.968  1.00 12.46 ? 59  GLU A CA  1 
ATOM   447 C  C   . GLU A 1 60  ? 7.359   7.629   -8.818  1.00 11.28 ? 59  GLU A C   1 
ATOM   448 O  O   . GLU A 1 60  ? 6.694   6.631   -8.813  1.00 10.43 ? 59  GLU A O   1 
ATOM   449 C  CB  . GLU A 1 60  ? 7.551   8.245   -11.282 1.00 14.10 ? 59  GLU A CB  1 
ATOM   450 C  CG  . GLU A 1 60  ? 6.804   6.986   -11.841 1.00 21.39 ? 59  GLU A CG  1 
ATOM   451 C  CD  . GLU A 1 60  ? 7.377   6.147   -13.060 1.00 24.73 ? 59  GLU A CD  1 
ATOM   452 O  OE1 . GLU A 1 60  ? 8.594   5.768   -13.200 1.00 22.32 ? 59  GLU A OE1 1 
ATOM   453 O  OE2 . GLU A 1 60  ? 6.504   5.733   -13.877 1.00 31.76 ? 59  GLU A OE2 1 
ATOM   454 N  N   . GLY A 1 61  ? 7.277   8.515   -7.833  1.00 10.74 ? 60  GLY A N   1 
ATOM   455 C  CA  . GLY A 1 61  ? 6.308   8.395   -6.775  1.00 10.46 ? 60  GLY A CA  1 
ATOM   456 C  C   . GLY A 1 61  ? 6.765   8.068   -5.362  1.00 10.63 ? 60  GLY A C   1 
ATOM   457 O  O   . GLY A 1 61  ? 5.927   8.011   -4.453  1.00 9.92  ? 60  GLY A O   1 
ATOM   458 N  N   . ILE A 1 62  ? 8.064   7.808   -5.154  1.00 8.27  ? 61  ILE A N   1 
ATOM   459 C  CA  . ILE A 1 62  ? 8.493   7.452   -3.841  1.00 7.14  ? 61  ILE A CA  1 
ATOM   460 C  C   . ILE A 1 62  ? 9.905   7.976   -3.606  1.00 9.34  ? 61  ILE A C   1 
ATOM   461 O  O   . ILE A 1 62  ? 10.795  7.885   -4.531  1.00 11.59 ? 61  ILE A O   1 
ATOM   462 C  CB  . ILE A 1 62  ? 8.424   5.872   -3.692  1.00 7.38  ? 61  ILE A CB  1 
ATOM   463 C  CG1 . ILE A 1 62  ? 8.658   5.423   -2.302  1.00 7.95  ? 61  ILE A CG1 1 
ATOM   464 C  CG2 . ILE A 1 62  ? 9.366   5.190   -4.707  1.00 5.00  ? 61  ILE A CG2 1 
ATOM   465 C  CD1 . ILE A 1 62  ? 8.590   3.893   -1.943  1.00 7.17  ? 61  ILE A CD1 1 
ATOM   466 N  N   . ASP A 1 63  ? 10.037  8.641   -2.466  1.00 7.91  ? 62  ASP A N   1 
ATOM   467 C  CA  . ASP A 1 63  ? 11.399  9.020   -1.982  1.00 8.86  ? 62  ASP A CA  1 
ATOM   468 C  C   . ASP A 1 63  ? 11.996  8.143   -0.852  1.00 7.62  ? 62  ASP A C   1 
ATOM   469 O  O   . ASP A 1 63  ? 11.305  7.276   -0.278  1.00 6.17  ? 62  ASP A O   1 
ATOM   470 C  CB  . ASP A 1 63  ? 11.341  10.420  -1.425  1.00 9.08  ? 62  ASP A CB  1 
ATOM   471 C  CG  . ASP A 1 63  ? 10.857  11.434  -2.506  1.00 16.40 ? 62  ASP A CG  1 
ATOM   472 O  OD1 . ASP A 1 63  ? 11.255  11.281  -3.658  1.00 18.34 ? 62  ASP A OD1 1 
ATOM   473 O  OD2 . ASP A 1 63  ? 10.044  12.367  -2.181  1.00 23.53 ? 62  ASP A OD2 1 
ATOM   474 N  N   . LEU A 1 64  ? 13.269  8.361   -0.533  1.00 6.60  ? 63  LEU A N   1 
ATOM   475 C  CA  . LEU A 1 64  ? 13.953  7.556   0.474   1.00 6.40  ? 63  LEU A CA  1 
ATOM   476 C  C   . LEU A 1 64  ? 13.615  7.895   1.947   1.00 7.47  ? 63  LEU A C   1 
ATOM   477 O  O   . LEU A 1 64  ? 13.818  7.093   2.861   1.00 7.91  ? 63  LEU A O   1 
ATOM   478 C  CB  . LEU A 1 64  ? 15.501  7.694   0.311   1.00 6.93  ? 63  LEU A CB  1 
ATOM   479 C  CG  . LEU A 1 64  ? 16.389  6.872   1.235   1.00 9.75  ? 63  LEU A CG  1 
ATOM   480 C  CD1 . LEU A 1 64  ? 16.079  5.375   1.238   1.00 14.16 ? 63  LEU A CD1 1 
ATOM   481 C  CD2 . LEU A 1 64  ? 17.845  7.029   0.742   1.00 9.26  ? 63  LEU A CD2 1 
ATOM   482 N  N   . GLU A 1 65  ? 13.135  9.096   2.212   1.00 8.79  ? 64  GLU A N   1 
ATOM   483 C  CA  . GLU A 1 65  ? 12.858  9.491   3.592   1.00 8.72  ? 64  GLU A CA  1 
ATOM   484 C  C   . GLU A 1 65  ? 11.552  8.916   4.117   1.00 8.13  ? 64  GLU A C   1 
ATOM   485 O  O   . GLU A 1 65  ? 10.585  8.893   3.390   1.00 8.45  ? 64  GLU A O   1 
ATOM   486 C  CB  . GLU A 1 65  ? 12.662  11.022  3.636   1.00 10.37 ? 64  GLU A CB  1 
ATOM   487 C  CG  . GLU A 1 65  ? 13.855  11.817  3.195   1.00 9.94  ? 64  GLU A CG  1 
ATOM   488 C  CD  . GLU A 1 65  ? 14.119  11.799  1.721   1.00 14.26 ? 64  GLU A CD  1 
ATOM   489 O  OE1 . GLU A 1 65  ? 13.245  11.986  0.943   1.00 15.04 ? 64  GLU A OE1 1 
ATOM   490 O  OE2 . GLU A 1 65  ? 15.255  11.653  1.364   1.00 18.38 ? 64  GLU A OE2 1 
ATOM   491 N  N   . PHE A 1 66  ? 11.523  8.504   5.381   1.00 7.68  ? 65  PHE A N   1 
ATOM   492 C  CA  . PHE A 1 66  ? 10.316  8.066   6.064   1.00 7.34  ? 65  PHE A CA  1 
ATOM   493 C  C   . PHE A 1 66  ? 9.507   9.216   6.588   1.00 8.62  ? 65  PHE A C   1 
ATOM   494 O  O   . PHE A 1 66  ? 10.093  10.200  7.103   1.00 8.82  ? 65  PHE A O   1 
ATOM   495 C  CB  . PHE A 1 66  ? 10.660  7.138   7.223   1.00 7.14  ? 65  PHE A CB  1 
ATOM   496 C  CG  . PHE A 1 66  ? 11.116  5.762   6.745   1.00 2.39  ? 65  PHE A CG  1 
ATOM   497 C  CD1 . PHE A 1 66  ? 12.433  5.563   6.341   1.00 4.41  ? 65  PHE A CD1 1 
ATOM   498 C  CD2 . PHE A 1 66  ? 10.284  4.659   6.855   1.00 6.60  ? 65  PHE A CD2 1 
ATOM   499 C  CE1 . PHE A 1 66  ? 12.820  4.324   5.928   1.00 6.84  ? 65  PHE A CE1 1 
ATOM   500 C  CE2 . PHE A 1 66  ? 10.712  3.391   6.472   1.00 6.23  ? 65  PHE A CE2 1 
ATOM   501 C  CZ  . PHE A 1 66  ? 11.939  3.257   6.012   1.00 5.07  ? 65  PHE A CZ  1 
ATOM   502 N  N   . GLU A 1 67  ? 8.188   9.055   6.549   1.00 8.54  ? 66  GLU A N   1 
ATOM   503 C  CA  . GLU A 1 67  ? 7.286   10.023  7.128   1.00 12.87 ? 66  GLU A CA  1 
ATOM   504 C  C   . GLU A 1 67  ? 7.212   9.875   8.651   1.00 14.29 ? 66  GLU A C   1 
ATOM   505 O  O   . GLU A 1 67  ? 7.293   10.871  9.393   1.00 15.67 ? 66  GLU A O   1 
ATOM   506 C  CB  . GLU A 1 67  ? 5.941   9.847   6.479   1.00 12.70 ? 66  GLU A CB  1 
ATOM   507 C  CG  . GLU A 1 67  ? 4.936   10.857  6.898   1.00 19.95 ? 66  GLU A CG  1 
ATOM   508 C  CD  . GLU A 1 67  ? 5.270   12.268  6.440   1.00 26.04 ? 66  GLU A CD  1 
ATOM   509 O  OE1 . GLU A 1 67  ? 6.093   12.450  5.496   1.00 32.23 ? 66  GLU A OE1 1 
ATOM   510 O  OE2 . GLU A 1 67  ? 4.645   13.199  7.033   1.00 35.10 ? 66  GLU A OE2 1 
ATOM   511 N  N   . ASP A 1 68  ? 7.079   8.621   9.120   1.00 13.98 ? 67  ASP A N   1 
ATOM   512 C  CA  . ASP A 1 68  ? 7.069   8.272   10.579  1.00 15.66 ? 67  ASP A CA  1 
ATOM   513 C  C   . ASP A 1 68  ? 8.239   7.297   10.803  1.00 17.35 ? 67  ASP A C   1 
ATOM   514 O  O   . ASP A 1 68  ? 8.227   6.172   10.275  1.00 15.72 ? 67  ASP A O   1 
ATOM   515 C  CB  . ASP A 1 68  ? 5.704   7.632   10.924  1.00 15.55 ? 67  ASP A CB  1 
ATOM   516 C  CG  . ASP A 1 68  ? 5.651   7.122   12.352  1.00 15.17 ? 67  ASP A CG  1 
ATOM   517 O  OD1 . ASP A 1 68  ? 6.674   7.243   13.074  1.00 19.09 ? 67  ASP A OD1 1 
ATOM   518 O  OD2 . ASP A 1 68  ? 4.655   6.582   12.804  1.00 22.20 ? 67  ASP A OD2 1 
ATOM   519 N  N   . SER A 1 69  ? 9.238   7.740   11.576  1.00 16.24 ? 68  SER A N   1 
ATOM   520 C  CA  . SER A 1 69  ? 10.481  7.003   11.793  1.00 18.19 ? 68  SER A CA  1 
ATOM   521 C  C   . SER A 1 69  ? 10.216  5.729   12.620  1.00 18.11 ? 68  SER A C   1 
ATOM   522 O  O   . SER A 1 69  ? 11.013  4.777   12.678  1.00 18.16 ? 68  SER A O   1 
ATOM   523 C  CB  . SER A 1 69  ? 11.513  7.937   12.442  1.00 18.08 ? 68  SER A CB  1 
ATOM   524 O  OG  . SER A 1 69  ? 12.180  8.795   11.505  1.00 23.25 ? 68  SER A OG  1 
ATOM   525 N  N   . GLY A 1 70  ? 9.068   5.681   13.273  1.00 18.85 ? 69  GLY A N   1 
ATOM   526 C  CA  . GLY A 1 70  ? 8.656   4.476   13.941  1.00 18.59 ? 69  GLY A CA  1 
ATOM   527 C  C   . GLY A 1 70  ? 8.405   3.287   13.029  1.00 18.91 ? 69  GLY A C   1 
ATOM   528 O  O   . GLY A 1 70  ? 8.323   2.142   13.517  1.00 18.80 ? 69  GLY A O   1 
ATOM   529 N  N   . LEU A 1 71  ? 8.210   3.544   11.717  1.00 16.70 ? 70  LEU A N   1 
ATOM   530 C  CA  . LEU A 1 71  ? 7.965   2.456   10.793  1.00 15.77 ? 70  LEU A CA  1 
ATOM   531 C  C   . LEU A 1 71  ? 9.317   2.068   10.141  1.00 14.38 ? 70  LEU A C   1 
ATOM   532 O  O   . LEU A 1 71  ? 9.307   1.211   9.280   1.00 12.24 ? 70  LEU A O   1 
ATOM   533 C  CB  . LEU A 1 71  ? 6.903   2.754   9.707   1.00 14.74 ? 70  LEU A CB  1 
ATOM   534 C  CG  . LEU A 1 71  ? 5.532   3.149   10.287  1.00 23.55 ? 70  LEU A CG  1 
ATOM   535 C  CD1 . LEU A 1 71  ? 5.830   4.244   11.220  1.00 28.18 ? 70  LEU A CD1 1 
ATOM   536 C  CD2 . LEU A 1 71  ? 4.468   3.648   9.373   1.00 24.19 ? 70  LEU A CD2 1 
HETATM 537 N  N   . MSE A 1 72  ? 10.424  2.697   10.570  1.00 13.46 ? 71  MSE A N   1 
HETATM 538 C  CA  . MSE A 1 72  ? 11.757  2.410   10.066  1.00 13.92 ? 71  MSE A CA  1 
HETATM 539 C  C   . MSE A 1 72  ? 12.545  1.482   10.998  1.00 12.81 ? 71  MSE A C   1 
HETATM 540 O  O   . MSE A 1 72  ? 12.737  1.819   12.172  1.00 13.42 ? 71  MSE A O   1 
HETATM 541 C  CB  . MSE A 1 72  ? 12.539  3.740   9.932   1.00 16.69 ? 71  MSE A CB  1 
HETATM 542 C  CG  . MSE A 1 72  ? 13.799  3.554   9.160   1.00 21.14 ? 71  MSE A CG  1 
HETATM 543 SE SE  . MSE A 1 72  ? 14.924  5.090   9.217   1.00 44.63 ? 71  MSE A SE  1 
HETATM 544 C  CE  . MSE A 1 72  ? 14.077  6.177   10.605  1.00 40.80 ? 71  MSE A CE  1 
ATOM   545 N  N   . PRO A 1 73  ? 12.957  0.307   10.547  1.00 13.70 ? 72  PRO A N   1 
ATOM   546 C  CA  . PRO A 1 73  ? 13.685  -0.572  11.444  1.00 13.45 ? 72  PRO A CA  1 
ATOM   547 C  C   . PRO A 1 73  ? 15.087  -0.096  11.698  1.00 14.44 ? 72  PRO A C   1 
ATOM   548 O  O   . PRO A 1 73  ? 15.746  0.292   10.779  1.00 12.26 ? 72  PRO A O   1 
ATOM   549 C  CB  . PRO A 1 73  ? 13.824  -1.875  10.643  1.00 13.16 ? 72  PRO A CB  1 
ATOM   550 C  CG  . PRO A 1 73  ? 13.623  -1.426  9.224   1.00 14.60 ? 72  PRO A CG  1 
ATOM   551 C  CD  . PRO A 1 73  ? 12.768  -0.284  9.214   1.00 12.41 ? 72  PRO A CD  1 
ATOM   552 N  N   . ASP A 1 74  ? 15.526  -0.185  12.955  1.00 16.47 ? 73  ASP A N   1 
ATOM   553 C  CA  . ASP A 1 74  ? 16.910  0.088   13.338  1.00 18.68 ? 73  ASP A CA  1 
ATOM   554 C  C   . ASP A 1 74  ? 17.707  -1.191  13.016  1.00 18.21 ? 73  ASP A C   1 
ATOM   555 O  O   . ASP A 1 74  ? 17.730  -2.189  13.784  1.00 17.93 ? 73  ASP A O   1 
ATOM   556 C  CB  . ASP A 1 74  ? 16.863  0.421   14.837  1.00 21.03 ? 73  ASP A CB  1 
ATOM   557 C  CG  . ASP A 1 74  ? 18.112  1.031   15.381  1.00 28.64 ? 73  ASP A CG  1 
ATOM   558 O  OD1 . ASP A 1 74  ? 19.245  0.775   14.867  1.00 26.97 ? 73  ASP A OD1 1 
ATOM   559 O  OD2 . ASP A 1 74  ? 18.025  1.766   16.424  1.00 33.47 ? 73  ASP A OD2 1 
ATOM   560 N  N   . THR A 1 75  ? 18.313  -1.214  11.844  1.00 17.32 ? 74  THR A N   1 
ATOM   561 C  CA  . THR A 1 75  ? 18.975  -2.423  11.380  1.00 17.48 ? 74  THR A CA  1 
ATOM   562 C  C   . THR A 1 75  ? 20.075  -2.073  10.394  1.00 18.24 ? 74  THR A C   1 
ATOM   563 O  O   . THR A 1 75  ? 20.028  -1.013  9.772   1.00 17.43 ? 74  THR A O   1 
ATOM   564 C  CB  . THR A 1 75  ? 17.955  -3.348  10.702  1.00 17.46 ? 74  THR A CB  1 
ATOM   565 O  OG1 . THR A 1 75  ? 18.590  -4.536  10.235  1.00 15.52 ? 74  THR A OG1 1 
ATOM   566 C  CG2 . THR A 1 75  ? 17.318  -2.688  9.424   1.00 17.32 ? 74  THR A CG2 1 
ATOM   567 N  N   . LYS A 1 76  ? 21.054  -2.958  10.293  1.00 18.67 ? 75  LYS A N   1 
ATOM   568 C  CA  . LYS A 1 76  ? 22.166  -2.824  9.362   1.00 19.10 ? 75  LYS A CA  1 
ATOM   569 C  C   . LYS A 1 76  ? 21.788  -3.382  7.958   1.00 17.40 ? 75  LYS A C   1 
ATOM   570 O  O   . LYS A 1 76  ? 22.483  -3.174  6.977   1.00 19.27 ? 75  LYS A O   1 
ATOM   571 C  CB  . LYS A 1 76  ? 23.365  -3.602  9.953   1.00 20.10 ? 75  LYS A CB  1 
ATOM   572 C  CG  . LYS A 1 76  ? 23.869  -3.019  11.296  1.00 24.64 ? 75  LYS A CG  1 
ATOM   573 C  CD  . LYS A 1 76  ? 24.878  -3.953  12.009  1.00 29.38 ? 75  LYS A CD  1 
ATOM   574 C  CE  . LYS A 1 76  ? 25.996  -4.348  11.039  1.00 33.09 ? 75  LYS A CE  1 
ATOM   575 N  NZ  . LYS A 1 76  ? 26.189  -3.282  9.986   1.00 36.00 ? 75  LYS A NZ  1 
ATOM   576 N  N   . ASP A 1 77  ? 20.710  -4.131  7.882   1.00 16.10 ? 76  ASP A N   1 
ATOM   577 C  CA  . ASP A 1 77  ? 20.258  -4.695  6.612   1.00 14.81 ? 76  ASP A CA  1 
ATOM   578 C  C   . ASP A 1 77  ? 19.605  -3.642  5.698   1.00 12.89 ? 76  ASP A C   1 
ATOM   579 O  O   . ASP A 1 77  ? 18.396  -3.371  5.847   1.00 13.39 ? 76  ASP A O   1 
ATOM   580 C  CB  . ASP A 1 77  ? 19.222  -5.768  6.879   1.00 16.48 ? 76  ASP A CB  1 
ATOM   581 C  CG  . ASP A 1 77  ? 19.780  -7.035  7.321   1.00 21.66 ? 76  ASP A CG  1 
ATOM   582 O  OD1 . ASP A 1 77  ? 20.953  -7.085  7.849   1.00 30.79 ? 76  ASP A OD1 1 
ATOM   583 O  OD2 . ASP A 1 77  ? 19.082  -8.061  7.197   1.00 26.94 ? 76  ASP A OD2 1 
ATOM   584 N  N   . VAL A 1 78  ? 20.369  -3.090  4.747   1.00 10.90 ? 77  VAL A N   1 
ATOM   585 C  CA  . VAL A 1 78  ? 19.865  -2.068  3.825   1.00 11.48 ? 77  VAL A CA  1 
ATOM   586 C  C   . VAL A 1 78  ? 18.527  -2.460  3.066   1.00 8.01  ? 77  VAL A C   1 
ATOM   587 O  O   . VAL A 1 78  ? 17.610  -1.641  2.918   1.00 8.60  ? 77  VAL A O   1 
ATOM   588 C  CB  . VAL A 1 78  ? 20.988  -1.652  2.822   1.00 11.67 ? 77  VAL A CB  1 
ATOM   589 C  CG1 . VAL A 1 78  ? 20.428  -0.797  1.685   1.00 16.33 ? 77  VAL A CG1 1 
ATOM   590 C  CG2 . VAL A 1 78  ? 22.127  -0.925  3.614   1.00 15.26 ? 77  VAL A CG2 1 
ATOM   591 N  N   . ILE A 1 79  ? 18.436  -3.686  2.590   1.00 5.82  ? 78  ILE A N   1 
ATOM   592 C  CA  . ILE A 1 79  ? 17.281  -4.132  1.795   1.00 7.01  ? 78  ILE A CA  1 
ATOM   593 C  C   . ILE A 1 79  ? 16.001  -4.094  2.645   1.00 6.77  ? 78  ILE A C   1 
ATOM   594 O  O   . ILE A 1 79  ? 14.961  -3.793  2.152   1.00 10.00 ? 78  ILE A O   1 
ATOM   595 C  CB  . ILE A 1 79  ? 17.529  -5.503  1.083   1.00 7.78  ? 78  ILE A CB  1 
ATOM   596 C  CG1 . ILE A 1 79  ? 16.754  -5.596  -0.210  1.00 10.05 ? 78  ILE A CG1 1 
ATOM   597 C  CG2 . ILE A 1 79  ? 17.157  -6.638  1.973   1.00 11.23 ? 78  ILE A CG2 1 
ATOM   598 C  CD1 . ILE A 1 79  ? 17.183  -4.753  -1.324  1.00 7.39  ? 78  ILE A CD1 1 
ATOM   599 N  N   . ARG A 1 80  ? 16.110  -4.317  3.944   1.00 6.95  ? 79  ARG A N   1 
ATOM   600 C  CA  . ARG A 1 80  ? 14.913  -4.267  4.794   1.00 6.61  ? 79  ARG A CA  1 
ATOM   601 C  C   . ARG A 1 80  ? 14.426  -2.845  5.004   1.00 5.35  ? 79  ARG A C   1 
ATOM   602 O  O   . ARG A 1 80  ? 13.224  -2.569  5.112   1.00 3.22  ? 79  ARG A O   1 
ATOM   603 C  CB  . ARG A 1 80  ? 15.243  -4.862  6.150   1.00 7.47  ? 79  ARG A CB  1 
ATOM   604 C  CG  . ARG A 1 80  ? 15.610  -6.386  6.170   1.00 8.63  ? 79  ARG A CG  1 
ATOM   605 C  CD  . ARG A 1 80  ? 14.536  -7.294  5.684   1.00 11.39 ? 79  ARG A CD  1 
ATOM   606 N  NE  . ARG A 1 80  ? 14.983  -8.713  5.682   1.00 14.87 ? 79  ARG A NE  1 
ATOM   607 C  CZ  . ARG A 1 80  ? 14.187  -9.783  5.590   1.00 13.46 ? 79  ARG A CZ  1 
ATOM   608 N  NH1 . ARG A 1 80  ? 12.866  -9.619  5.492   1.00 10.73 ? 79  ARG A NH1 1 
ATOM   609 N  NH2 . ARG A 1 80  ? 14.765  -11.047 5.611   1.00 12.81 ? 79  ARG A NH2 1 
ATOM   610 N  N   . ILE A 1 81  ? 15.369  -1.922  5.082   1.00 4.34  ? 80  ILE A N   1 
ATOM   611 C  CA  . ILE A 1 81  ? 15.047  -0.518  5.211   1.00 5.40  ? 80  ILE A CA  1 
ATOM   612 C  C   . ILE A 1 81  ? 14.267  -0.050  3.960   1.00 5.30  ? 80  ILE A C   1 
ATOM   613 O  O   . ILE A 1 81  ? 13.210  0.628   4.050   1.00 6.56  ? 80  ILE A O   1 
ATOM   614 C  CB  . ILE A 1 81  ? 16.344  0.191   5.409   1.00 5.70  ? 80  ILE A CB  1 
ATOM   615 C  CG1 . ILE A 1 81  ? 16.861  0.036   6.835   1.00 7.63  ? 80  ILE A CG1 1 
ATOM   616 C  CG2 . ILE A 1 81  ? 16.159  1.690   5.198   1.00 8.85  ? 80  ILE A CG2 1 
ATOM   617 C  CD1 . ILE A 1 81  ? 18.189  0.635   7.084   1.00 9.15  ? 80  ILE A CD1 1 
ATOM   618 N  N   . LEU A 1 82  ? 14.761  -0.405  2.764   1.00 5.32  ? 81  LEU A N   1 
ATOM   619 C  CA  . LEU A 1 82  ? 14.069  -0.100  1.476   1.00 5.55  ? 81  LEU A CA  1 
ATOM   620 C  C   . LEU A 1 82  ? 12.703  -0.756  1.368   1.00 5.74  ? 81  LEU A C   1 
ATOM   621 O  O   . LEU A 1 82  ? 11.724  -0.140  0.924   1.00 7.04  ? 81  LEU A O   1 
ATOM   622 C  CB  . LEU A 1 82  ? 14.960  -0.466  0.274   1.00 4.28  ? 81  LEU A CB  1 
ATOM   623 C  CG  . LEU A 1 82  ? 16.337  0.349   0.279   1.00 4.48  ? 81  LEU A CG  1 
ATOM   624 C  CD1 . LEU A 1 82  ? 17.120  -0.073  -0.963  1.00 10.33 ? 81  LEU A CD1 1 
ATOM   625 C  CD2 . LEU A 1 82  ? 16.182  1.876   0.288   1.00 5.17  ? 81  LEU A CD2 1 
ATOM   626 N  N   . GLN A 1 83  ? 12.590  -1.992  1.772   1.00 5.37  ? 82  GLN A N   1 
ATOM   627 C  CA  . GLN A 1 83  ? 11.295  -2.641  1.731   1.00 6.51  ? 82  GLN A CA  1 
ATOM   628 C  C   . GLN A 1 83  ? 10.297  -1.924  2.675   1.00 6.76  ? 82  GLN A C   1 
ATOM   629 O  O   . GLN A 1 83  ? 9.127   -1.710  2.351   1.00 6.53  ? 82  GLN A O   1 
ATOM   630 C  CB  . GLN A 1 83  ? 11.411  -4.135  2.131   1.00 7.01  ? 82  GLN A CB  1 
ATOM   631 C  CG  . GLN A 1 83  ? 9.991   -4.783  1.960   1.00 13.94 ? 82  GLN A CG  1 
ATOM   632 C  CD  . GLN A 1 83  ? 9.829   -6.306  1.974   1.00 21.49 ? 82  GLN A CD  1 
ATOM   633 O  OE1 . GLN A 1 83  ? 9.609   -6.903  3.049   1.00 21.23 ? 82  GLN A OE1 1 
ATOM   634 N  NE2 . GLN A 1 83  ? 9.822   -6.950  0.737   1.00 20.24 ? 82  GLN A NE2 1 
ATOM   635 N  N   . ALA A 1 84  ? 10.771  -1.545  3.843   1.00 6.40  ? 83  ALA A N   1 
ATOM   636 C  CA  . ALA A 1 84  ? 9.955   -0.873  4.833   1.00 6.65  ? 83  ALA A CA  1 
ATOM   637 C  C   . ALA A 1 84  ? 9.487   0.469   4.340   1.00 6.75  ? 83  ALA A C   1 
ATOM   638 O  O   . ALA A 1 84  ? 8.361   0.918   4.678   1.00 5.59  ? 83  ALA A O   1 
ATOM   639 C  CB  . ALA A 1 84  ? 10.738  -0.732  6.185   1.00 6.12  ? 83  ALA A CB  1 
ATOM   640 N  N   . ARG A 1 85  ? 10.290  1.120   3.504   1.00 5.38  ? 84  ARG A N   1 
ATOM   641 C  CA  . ARG A 1 85  ? 9.918   2.431   2.907   1.00 6.28  ? 84  ARG A CA  1 
ATOM   642 C  C   . ARG A 1 85  ? 8.808   2.286   1.814   1.00 6.46  ? 84  ARG A C   1 
ATOM   643 O  O   . ARG A 1 85  ? 7.829   3.069   1.810   1.00 5.40  ? 84  ARG A O   1 
ATOM   644 C  CB  . ARG A 1 85  ? 11.199  3.081   2.342   1.00 5.60  ? 84  ARG A CB  1 
ATOM   645 C  CG  . ARG A 1 85  ? 11.065  4.427   1.667   1.00 5.29  ? 84  ARG A CG  1 
ATOM   646 C  CD  . ARG A 1 85  ? 10.881  5.597   2.602   1.00 7.29  ? 84  ARG A CD  1 
ATOM   647 N  NE  . ARG A 1 85  ? 9.525   5.623   3.087   1.00 9.28  ? 84  ARG A NE  1 
ATOM   648 C  CZ  . ARG A 1 85  ? 8.575   6.242   2.435   1.00 8.32  ? 84  ARG A CZ  1 
ATOM   649 N  NH1 . ARG A 1 85  ? 7.299   6.191   2.792   1.00 16.99 ? 84  ARG A NH1 1 
ATOM   650 N  NH2 . ARG A 1 85  ? 8.858   6.828   1.236   1.00 10.14 ? 84  ARG A NH2 1 
ATOM   651 N  N   . ILE A 1 86  ? 8.880   1.197   1.024   1.00 5.62  ? 85  ILE A N   1 
ATOM   652 C  CA  . ILE A 1 86  ? 7.856   0.894   0.026   1.00 5.03  ? 85  ILE A CA  1 
ATOM   653 C  C   . ILE A 1 86  ? 6.542   0.636   0.776   1.00 4.25  ? 85  ILE A C   1 
ATOM   654 O  O   . ILE A 1 86  ? 5.468   1.157   0.445   1.00 3.48  ? 85  ILE A O   1 
ATOM   655 C  CB  . ILE A 1 86  ? 8.253   -0.302  -0.834  1.00 4.00  ? 85  ILE A CB  1 
ATOM   656 C  CG1 . ILE A 1 86  ? 9.566   0.020   -1.676  1.00 4.19  ? 85  ILE A CG1 1 
ATOM   657 C  CG2 . ILE A 1 86  ? 7.137   -0.676  -1.771  1.00 4.22  ? 85  ILE A CG2 1 
ATOM   658 C  CD1 . ILE A 1 86  ? 10.132  -1.166  -2.468  1.00 5.93  ? 85  ILE A CD1 1 
ATOM   659 N  N   . TYR A 1 87  ? 6.640   -0.205  1.802   1.00 3.80  ? 86  TYR A N   1 
ATOM   660 C  CA  . TYR A 1 87  ? 5.508   -0.585  2.631   1.00 5.18  ? 86  TYR A CA  1 
ATOM   661 C  C   . TYR A 1 87  ? 4.843   0.652   3.220   1.00 5.48  ? 86  TYR A C   1 
ATOM   662 O  O   . TYR A 1 87  ? 3.589   0.844   3.090   1.00 6.31  ? 86  TYR A O   1 
ATOM   663 C  CB  . TYR A 1 87  ? 5.970   -1.521  3.721   1.00 5.76  ? 86  TYR A CB  1 
ATOM   664 C  CG  . TYR A 1 87  ? 4.875   -1.953  4.639   1.00 4.44  ? 86  TYR A CG  1 
ATOM   665 C  CD1 . TYR A 1 87  ? 4.608   -1.283  5.800   1.00 8.96  ? 86  TYR A CD1 1 
ATOM   666 C  CD2 . TYR A 1 87  ? 4.157   -3.103  4.351   1.00 12.48 ? 86  TYR A CD2 1 
ATOM   667 C  CE1 . TYR A 1 87  ? 3.558   -1.742  6.661   1.00 8.54  ? 86  TYR A CE1 1 
ATOM   668 C  CE2 . TYR A 1 87  ? 3.136   -3.538  5.146   1.00 8.92  ? 86  TYR A CE2 1 
ATOM   669 C  CZ  . TYR A 1 87  ? 2.858   -2.872  6.326   1.00 8.69  ? 86  TYR A CZ  1 
ATOM   670 O  OH  . TYR A 1 87  ? 1.846   -3.362  7.155   1.00 10.52 ? 86  TYR A OH  1 
ATOM   671 N  N   . GLU A 1 88  ? 5.659   1.554   3.753   1.00 4.54  ? 87  GLU A N   1 
ATOM   672 C  CA  . GLU A 1 88  ? 5.102   2.776   4.301   1.00 4.68  ? 87  GLU A CA  1 
ATOM   673 C  C   . GLU A 1 88  ? 4.387   3.655   3.220   1.00 4.85  ? 87  GLU A C   1 
ATOM   674 O  O   . GLU A 1 88  ? 3.246   4.117   3.449   1.00 5.71  ? 87  GLU A O   1 
ATOM   675 C  CB  . GLU A 1 88  ? 6.189   3.625   5.070   1.00 5.13  ? 87  GLU A CB  1 
ATOM   676 C  CG  . GLU A 1 88  ? 5.492   4.798   5.824   1.00 6.64  ? 87  GLU A CG  1 
ATOM   677 C  CD  . GLU A 1 88  ? 6.419   5.941   6.291   1.00 8.49  ? 87  GLU A CD  1 
ATOM   678 O  OE1 . GLU A 1 88  ? 7.457   6.214   5.654   1.00 8.90  ? 87  GLU A OE1 1 
ATOM   679 O  OE2 . GLU A 1 88  ? 6.027   6.546   7.349   1.00 11.02 ? 87  GLU A OE2 1 
ATOM   680 N  N   . GLN A 1 89  ? 5.033   3.869   2.064   1.00 3.79  ? 88  GLN A N   1 
ATOM   681 C  CA  . GLN A 1 89  ? 4.429   4.709   1.002   1.00 5.69  ? 88  GLN A CA  1 
ATOM   682 C  C   . GLN A 1 89  ? 3.129   4.117   0.500   1.00 5.99  ? 88  GLN A C   1 
ATOM   683 O  O   . GLN A 1 89  ? 2.116   4.841   0.293   1.00 6.32  ? 88  GLN A O   1 
ATOM   684 C  CB  . GLN A 1 89  ? 5.353   4.958   -0.201  1.00 5.60  ? 88  GLN A CB  1 
ATOM   685 C  CG  . GLN A 1 89  ? 4.932   6.165   -1.130  1.00 8.57  ? 88  GLN A CG  1 
ATOM   686 C  CD  . GLN A 1 89  ? 4.879   7.490   -0.446  1.00 11.11 ? 88  GLN A CD  1 
ATOM   687 O  OE1 . GLN A 1 89  ? 5.832   7.868   0.266   1.00 12.98 ? 88  GLN A OE1 1 
ATOM   688 N  NE2 . GLN A 1 89  ? 3.756   8.182   -0.571  1.00 7.38  ? 88  GLN A NE2 1 
ATOM   689 N  N   . LEU A 1 90  ? 3.079   2.784   0.404   1.00 5.18  ? 89  LEU A N   1 
ATOM   690 C  CA  . LEU A 1 90  ? 1.850   2.128   0.003   1.00 4.87  ? 89  LEU A CA  1 
ATOM   691 C  C   . LEU A 1 90  ? 0.748   2.453   0.960   1.00 6.42  ? 89  LEU A C   1 
ATOM   692 O  O   . LEU A 1 90  ? -0.398  2.728   0.519   1.00 7.41  ? 89  LEU A O   1 
ATOM   693 C  CB  . LEU A 1 90  ? 2.004   0.581   -0.177  1.00 3.58  ? 89  LEU A CB  1 
ATOM   694 C  CG  . LEU A 1 90  ? 2.842   0.165   -1.399  1.00 3.27  ? 89  LEU A CG  1 
ATOM   695 C  CD1 . LEU A 1 90  ? 3.163   -1.261  -1.296  1.00 3.28  ? 89  LEU A CD1 1 
ATOM   696 C  CD2 . LEU A 1 90  ? 2.299   0.519   -2.799  1.00 7.00  ? 89  LEU A CD2 1 
ATOM   697 N  N   . THR A 1 91  ? 1.028   2.346   2.246   1.00 5.58  ? 90  THR A N   1 
ATOM   698 C  CA  . THR A 1 91  ? -0.026  2.530   3.255   1.00 7.35  ? 90  THR A CA  1 
ATOM   699 C  C   . THR A 1 91  ? -0.496  4.001   3.225   1.00 6.31  ? 90  THR A C   1 
ATOM   700 O  O   . THR A 1 91  ? -1.698  4.277   3.273   1.00 7.44  ? 90  THR A O   1 
ATOM   701 C  CB  . THR A 1 91  ? 0.427   2.161   4.711   1.00 7.63  ? 90  THR A CB  1 
ATOM   702 O  OG1 . THR A 1 91  ? 1.532   2.967   5.122   1.00 10.79 ? 90  THR A OG1 1 
ATOM   703 C  CG2 . THR A 1 91  ? 0.859   0.665   4.877   1.00 6.28  ? 90  THR A CG2 1 
ATOM   704 N  N   . ILE A 1 92  ? 0.445   4.926   3.056   1.00 6.70  ? 91  ILE A N   1 
ATOM   705 C  CA  . ILE A 1 92  ? 0.056   6.311   2.977   1.00 7.12  ? 91  ILE A CA  1 
ATOM   706 C  C   . ILE A 1 92  ? -0.865  6.566   1.763   1.00 8.15  ? 91  ILE A C   1 
ATOM   707 O  O   . ILE A 1 92  ? -1.903  7.284   1.884   1.00 6.13  ? 91  ILE A O   1 
ATOM   708 C  CB  . ILE A 1 92  ? 1.289   7.244   2.958   1.00 7.38  ? 91  ILE A CB  1 
ATOM   709 C  CG1 . ILE A 1 92  ? 2.106   7.140   4.272   1.00 7.78  ? 91  ILE A CG1 1 
ATOM   710 C  CG2 . ILE A 1 92  ? 0.907   8.659   2.530   1.00 7.97  ? 91  ILE A CG2 1 
ATOM   711 C  CD1 . ILE A 1 92  ? 3.327   7.905   4.253   1.00 11.79 ? 91  ILE A CD1 1 
ATOM   712 N  N   . ASP A 1 93  ? -0.451  6.078   0.571   1.00 7.03  ? 92  ASP A N   1 
ATOM   713 C  CA  . ASP A 1 93  ? -1.212  6.342   -0.654  1.00 6.82  ? 92  ASP A CA  1 
ATOM   714 C  C   . ASP A 1 93  ? -2.590  5.655   -0.682  1.00 6.86  ? 92  ASP A C   1 
ATOM   715 O  O   . ASP A 1 93  ? -3.572  6.198   -1.200  1.00 6.32  ? 92  ASP A O   1 
ATOM   716 C  CB  . ASP A 1 93  ? -0.419  5.906   -1.886  1.00 6.86  ? 92  ASP A CB  1 
ATOM   717 C  CG  . ASP A 1 93  ? 0.756   6.807   -2.199  1.00 10.64 ? 92  ASP A CG  1 
ATOM   718 O  OD1 . ASP A 1 93  ? 0.857   7.931   -1.661  1.00 10.28 ? 92  ASP A OD1 1 
ATOM   719 O  OD2 . ASP A 1 93  ? 1.696   6.482   -2.929  1.00 9.12  ? 92  ASP A OD2 1 
ATOM   720 N  N   . LEU A 1 94  ? -2.661  4.463   -0.098  1.00 7.03  ? 93  LEU A N   1 
ATOM   721 C  CA  . LEU A 1 94  ? -3.934  3.738   -0.002  1.00 6.58  ? 93  LEU A CA  1 
ATOM   722 C  C   . LEU A 1 94  ? -4.837  4.526   0.954   1.00 8.00  ? 93  LEU A C   1 
ATOM   723 O  O   . LEU A 1 94  ? -5.993  4.645   0.595   1.00 7.21  ? 93  LEU A O   1 
ATOM   724 C  CB  . LEU A 1 94  ? -3.753  2.304   0.505   1.00 7.34  ? 93  LEU A CB  1 
ATOM   725 C  CG  . LEU A 1 94  ? -3.035  1.379   -0.492  1.00 6.10  ? 93  LEU A CG  1 
ATOM   726 C  CD1 . LEU A 1 94  ? -2.711  0.137   0.206   1.00 7.62  ? 93  LEU A CD1 1 
ATOM   727 C  CD2 . LEU A 1 94  ? -3.902  1.035   -1.700  1.00 12.03 ? 93  LEU A CD2 1 
ATOM   728 N  N   . TRP A 1 95  ? -4.329  5.073   2.092   1.00 7.43  ? 94  TRP A N   1 
ATOM   729 C  CA  . TRP A 1 95  ? -5.168  5.877   2.953   1.00 9.12  ? 94  TRP A CA  1 
ATOM   730 C  C   . TRP A 1 95  ? -5.736  7.132   2.208   1.00 8.54  ? 94  TRP A C   1 
ATOM   731 O  O   . TRP A 1 95  ? -6.951  7.546   2.412   1.00 8.93  ? 94  TRP A O   1 
ATOM   732 C  CB  . TRP A 1 95  ? -4.455  6.230   4.283   1.00 11.12 ? 94  TRP A CB  1 
ATOM   733 C  CG  . TRP A 1 95  ? -4.494  5.249   5.415   1.00 9.62  ? 94  TRP A CG  1 
ATOM   734 C  CD1 . TRP A 1 95  ? -3.416  4.611   6.011   1.00 11.50 ? 94  TRP A CD1 1 
ATOM   735 C  CD2 . TRP A 1 95  ? -5.655  4.809   6.157   1.00 13.34 ? 94  TRP A CD2 1 
ATOM   736 N  NE1 . TRP A 1 95  ? -3.843  3.814   7.043   1.00 12.33 ? 94  TRP A NE1 1 
ATOM   737 C  CE2 . TRP A 1 95  ? -5.203  3.910   7.159   1.00 15.18 ? 94  TRP A CE2 1 
ATOM   738 C  CE3 . TRP A 1 95  ? -7.025  5.111   6.084   1.00 14.05 ? 94  TRP A CE3 1 
ATOM   739 C  CZ2 . TRP A 1 95  ? -6.062  3.322   8.085   1.00 13.54 ? 94  TRP A CZ2 1 
ATOM   740 C  CZ3 . TRP A 1 95  ? -7.882  4.496   6.967   1.00 14.56 ? 94  TRP A CZ3 1 
ATOM   741 C  CH2 . TRP A 1 95  ? -7.398  3.602   7.955   1.00 14.66 ? 94  TRP A CH2 1 
ATOM   742 N  N   . GLU A 1 96  ? -4.996  7.724   1.312   1.00 8.14  ? 95  GLU A N   1 
ATOM   743 C  CA  . GLU A 1 96  ? -5.547  8.863   0.560   1.00 8.07  ? 95  GLU A CA  1 
ATOM   744 C  C   . GLU A 1 96  ? -6.692  8.441   -0.369  1.00 9.63  ? 95  GLU A C   1 
ATOM   745 O  O   . GLU A 1 96  ? -7.457  9.304   -0.847  1.00 9.43  ? 95  GLU A O   1 
ATOM   746 C  CB  . GLU A 1 96  ? -4.446  9.594   -0.256  1.00 9.14  ? 95  GLU A CB  1 
ATOM   747 C  CG  . GLU A 1 96  ? -3.453  10.277  0.679   1.00 12.05 ? 95  GLU A CG  1 
ATOM   748 C  CD  . GLU A 1 96  ? -2.199  10.858  0.047   1.00 22.92 ? 95  GLU A CD  1 
ATOM   749 O  OE1 . GLU A 1 96  ? -2.095  10.944  -1.199  1.00 23.57 ? 95  GLU A OE1 1 
ATOM   750 O  OE2 . GLU A 1 96  ? -1.304  11.223  0.926   1.00 30.27 ? 95  GLU A OE2 1 
ATOM   751 N  N   . ASP A 1 97  ? -6.745  7.162   -0.772  1.00 6.90  ? 96  ASP A N   1 
ATOM   752 C  CA  . ASP A 1 97  ? -7.848  6.690   -1.607  1.00 8.75  ? 96  ASP A CA  1 
ATOM   753 C  C   . ASP A 1 97  ? -8.998  5.981   -0.863  1.00 8.65  ? 96  ASP A C   1 
ATOM   754 O  O   . ASP A 1 97  ? -9.963  5.525   -1.532  1.00 8.53  ? 96  ASP A O   1 
ATOM   755 C  CB  . ASP A 1 97  ? -7.301  5.683   -2.645  1.00 7.16  ? 96  ASP A CB  1 
ATOM   756 C  CG  . ASP A 1 97  ? -6.542  6.326   -3.802  1.00 6.88  ? 96  ASP A CG  1 
ATOM   757 O  OD1 . ASP A 1 97  ? -6.557  7.620   -3.967  1.00 9.70  ? 96  ASP A OD1 1 
ATOM   758 O  OD2 . ASP A 1 97  ? -5.845  5.571   -4.572  1.00 9.56  ? 96  ASP A OD2 1 
ATOM   759 N  N   . ALA A 1 98  ? -8.900  5.935   0.474   1.00 9.23  ? 97  ALA A N   1 
ATOM   760 C  CA  . ALA A 1 98  ? -9.846  5.202   1.305   1.00 10.01 ? 97  ALA A CA  1 
ATOM   761 C  C   . ALA A 1 98  ? -11.284 5.648   1.133   1.00 8.71  ? 97  ALA A C   1 
ATOM   762 O  O   . ALA A 1 98  ? -12.132 4.860   0.841   1.00 8.46  ? 97  ALA A O   1 
ATOM   763 C  CB  . ALA A 1 98  ? -9.425  5.253   2.764   1.00 9.84  ? 97  ALA A CB  1 
ATOM   764 N  N   . GLU A 1 99  ? -11.547 6.928   1.280   1.00 8.66  ? 98  GLU A N   1 
ATOM   765 C  CA  . GLU A 1 99  ? -12.936 7.363   1.114   1.00 9.90  ? 98  GLU A CA  1 
ATOM   766 C  C   . GLU A 1 99  ? -13.474 7.063   -0.283  1.00 9.60  ? 98  GLU A C   1 
ATOM   767 O  O   . GLU A 1 99  ? -14.628 6.698   -0.432  1.00 9.44  ? 98  GLU A O   1 
ATOM   768 C  CB  . GLU A 1 99  ? -12.971 8.851   1.453   1.00 13.11 ? 98  GLU A CB  1 
ATOM   769 C  CG  . GLU A 1 99  ? -12.556 9.091   2.915   1.00 19.62 ? 98  GLU A CG  1 
ATOM   770 C  CD  . GLU A 1 99  ? -13.643 9.666   3.797   1.00 28.06 ? 98  GLU A CD  1 
ATOM   771 O  OE1 . GLU A 1 99  ? -14.804 9.176   3.690   1.00 36.44 ? 98  GLU A OE1 1 
ATOM   772 O  OE2 . GLU A 1 99  ? -13.322 10.602  4.606   1.00 35.26 ? 98  GLU A OE2 1 
ATOM   773 N  N   . ASP A 1 100 ? -12.667 7.331   -1.328  1.00 8.45  ? 99  ASP A N   1 
ATOM   774 C  CA  . ASP A 1 100 ? -13.081 7.145   -2.718  1.00 9.21  ? 99  ASP A CA  1 
ATOM   775 C  C   . ASP A 1 100 ? -13.458 5.706   -2.974  1.00 8.23  ? 99  ASP A C   1 
ATOM   776 O  O   . ASP A 1 100 ? -14.430 5.409   -3.693  1.00 6.40  ? 99  ASP A O   1 
ATOM   777 C  CB  . ASP A 1 100 ? -11.927 7.488   -3.663  1.00 9.41  ? 99  ASP A CB  1 
ATOM   778 C  CG  . ASP A 1 100 ? -11.656 8.976   -3.776  1.00 10.86 ? 99  ASP A CG  1 
ATOM   779 O  OD1 . ASP A 1 100 ? -12.543 9.822   -3.474  1.00 11.95 ? 99  ASP A OD1 1 
ATOM   780 O  OD2 . ASP A 1 100 ? -10.563 9.355   -4.185  1.00 12.34 ? 99  ASP A OD2 1 
ATOM   781 N  N   . LEU A 1 101 ? -12.621 4.794   -2.478  1.00 8.39  ? 100 LEU A N   1 
ATOM   782 C  CA  . LEU A 1 101 ? -12.866 3.365   -2.624  1.00 9.12  ? 100 LEU A CA  1 
ATOM   783 C  C   . LEU A 1 101 ? -14.073 2.869   -1.871  1.00 9.09  ? 100 LEU A C   1 
ATOM   784 O  O   . LEU A 1 101 ? -14.881 2.103   -2.410  1.00 7.39  ? 100 LEU A O   1 
ATOM   785 C  CB  . LEU A 1 101 ? -11.641 2.536   -2.287  1.00 8.21  ? 100 LEU A CB  1 
ATOM   786 C  CG  . LEU A 1 101 ? -10.526 2.593   -3.315  1.00 11.64 ? 100 LEU A CG  1 
ATOM   787 C  CD1 . LEU A 1 101 ? -9.281  1.713   -2.749  1.00 12.84 ? 100 LEU A CD1 1 
ATOM   788 C  CD2 . LEU A 1 101 ? -10.912 2.121   -4.670  1.00 16.35 ? 100 LEU A CD2 1 
ATOM   789 N  N   . LEU A 1 102 ? -14.254 3.361   -0.645  1.00 8.99  ? 101 LEU A N   1 
ATOM   790 C  CA  . LEU A 1 102 ? -15.469 2.977   0.104   1.00 8.82  ? 101 LEU A CA  1 
ATOM   791 C  C   . LEU A 1 102 ? -16.753 3.515   -0.572  1.00 8.90  ? 101 LEU A C   1 
ATOM   792 O  O   . LEU A 1 102 ? -17.764 2.815   -0.685  1.00 7.31  ? 101 LEU A O   1 
ATOM   793 C  CB  . LEU A 1 102 ? -15.346 3.459   1.539   1.00 8.73  ? 101 LEU A CB  1 
ATOM   794 C  CG  . LEU A 1 102 ? -14.353 2.748   2.455   1.00 11.13 ? 101 LEU A CG  1 
ATOM   795 C  CD1 . LEU A 1 102 ? -14.194 3.403   3.819   1.00 9.72  ? 101 LEU A CD1 1 
ATOM   796 C  CD2 . LEU A 1 102 ? -14.749 1.291   2.688   1.00 9.09  ? 101 LEU A CD2 1 
ATOM   797 N  N   . ASN A 1 103 ? -16.690 4.721   -1.129  1.00 8.11  ? 102 ASN A N   1 
ATOM   798 C  CA  . ASN A 1 103 ? -17.874 5.262   -1.913  1.00 8.83  ? 102 ASN A CA  1 
ATOM   799 C  C   . ASN A 1 103 ? -18.154 4.428   -3.178  1.00 8.51  ? 102 ASN A C   1 
ATOM   800 O  O   . ASN A 1 103 ? -19.358 4.100   -3.502  1.00 9.02  ? 102 ASN A O   1 
ATOM   801 C  CB  . ASN A 1 103 ? -17.671 6.727   -2.249  1.00 8.80  ? 102 ASN A CB  1 
ATOM   802 C  CG  . ASN A 1 103 ? -17.902 7.619   -1.063  1.00 13.87 ? 102 ASN A CG  1 
ATOM   803 O  OD1 . ASN A 1 103 ? -18.649 7.257   -0.179  1.00 20.30 ? 102 ASN A OD1 1 
ATOM   804 N  ND2 . ASN A 1 103 ? -17.288 8.782   -1.040  1.00 18.67 ? 102 ASN A ND2 1 
ATOM   805 N  N   . GLU A 1 104 ? -17.106 4.086   -3.955  1.00 9.64  ? 103 GLU A N   1 
ATOM   806 C  CA  . GLU A 1 104 ? -17.310 3.276   -5.180  1.00 10.04 ? 103 GLU A CA  1 
ATOM   807 C  C   . GLU A 1 104 ? -17.977 1.903   -4.807  1.00 9.92  ? 103 GLU A C   1 
ATOM   808 O  O   . GLU A 1 104 ? -18.844 1.424   -5.519  1.00 10.66 ? 103 GLU A O   1 
ATOM   809 C  CB  . GLU A 1 104 ? -15.984 3.042   -5.969  1.00 10.48 ? 103 GLU A CB  1 
ATOM   810 C  CG  . GLU A 1 104 ? -16.035 2.254   -7.291  1.00 15.57 ? 103 GLU A CG  1 
ATOM   811 C  CD  . GLU A 1 104 ? -14.641 2.103   -7.892  1.00 24.85 ? 103 GLU A CD  1 
ATOM   812 O  OE1 . GLU A 1 104 ? -14.037 1.032   -7.706  1.00 35.13 ? 103 GLU A OE1 1 
ATOM   813 O  OE2 . GLU A 1 104 ? -14.099 3.061   -8.501  1.00 29.82 ? 103 GLU A OE2 1 
ATOM   814 N  N   . TYR A 1 105 ? -17.572 1.297   -3.693  1.00 9.64  ? 104 TYR A N   1 
ATOM   815 C  CA  . TYR A 1 105 ? -18.155 0.015   -3.314  1.00 10.07 ? 104 TYR A CA  1 
ATOM   816 C  C   . TYR A 1 105 ? -19.673 0.164   -2.992  1.00 10.29 ? 104 TYR A C   1 
ATOM   817 O  O   . TYR A 1 105 ? -20.530 -0.601  -3.498  1.00 7.92  ? 104 TYR A O   1 
ATOM   818 C  CB  . TYR A 1 105 ? -17.354 -0.590  -2.125  1.00 9.22  ? 104 TYR A CB  1 
ATOM   819 C  CG  . TYR A 1 105 ? -18.095 -1.710  -1.448  1.00 9.11  ? 104 TYR A CG  1 
ATOM   820 C  CD1 . TYR A 1 105 ? -18.386 -2.874  -2.130  1.00 10.06 ? 104 TYR A CD1 1 
ATOM   821 C  CD2 . TYR A 1 105 ? -18.566 -1.570  -0.188  1.00 9.04  ? 104 TYR A CD2 1 
ATOM   822 C  CE1 . TYR A 1 105 ? -19.118 -3.911  -1.545  1.00 12.06 ? 104 TYR A CE1 1 
ATOM   823 C  CE2 . TYR A 1 105 ? -19.294 -2.604  0.425   1.00 11.08 ? 104 TYR A CE2 1 
ATOM   824 C  CZ  . TYR A 1 105 ? -19.553 -3.767  -0.254  1.00 12.74 ? 104 TYR A CZ  1 
ATOM   825 O  OH  . TYR A 1 105 ? -20.309 -4.830  0.323   1.00 7.78  ? 104 TYR A OH  1 
ATOM   826 N  N   . LEU A 1 106 ? -19.968 1.133   -2.127  1.00 10.19 ? 105 LEU A N   1 
ATOM   827 C  CA  . LEU A 1 106 ? -21.333 1.391   -1.673  1.00 12.03 ? 105 LEU A CA  1 
ATOM   828 C  C   . LEU A 1 106 ? -22.233 1.688   -2.894  1.00 10.43 ? 105 LEU A C   1 
ATOM   829 O  O   . LEU A 1 106 ? -23.375 1.244   -2.953  1.00 12.04 ? 105 LEU A O   1 
ATOM   830 C  CB  . LEU A 1 106 ? -21.369 2.534   -0.630  1.00 10.35 ? 105 LEU A CB  1 
ATOM   831 C  CG  . LEU A 1 106 ? -20.698 2.299   0.797   1.00 16.93 ? 105 LEU A CG  1 
ATOM   832 C  CD1 . LEU A 1 106 ? -20.663 3.504   1.806   1.00 23.48 ? 105 LEU A CD1 1 
ATOM   833 C  CD2 . LEU A 1 106 ? -21.254 1.028   1.567   1.00 18.30 ? 105 LEU A CD2 1 
ATOM   834 N  N   . GLU A 1 107 ? -21.713 2.482   -3.818  1.00 10.38 ? 106 GLU A N   1 
ATOM   835 C  CA  . GLU A 1 107 ? -22.472 2.940   -5.036  1.00 12.16 ? 106 GLU A CA  1 
ATOM   836 C  C   . GLU A 1 107 ? -22.595 1.927   -6.198  1.00 13.07 ? 106 GLU A C   1 
ATOM   837 O  O   . GLU A 1 107 ? -23.223 2.210   -7.227  1.00 14.04 ? 106 GLU A O   1 
ATOM   838 C  CB  . GLU A 1 107 ? -21.904 4.319   -5.476  1.00 11.74 ? 106 GLU A CB  1 
ATOM   839 C  CG  . GLU A 1 107 ? -22.010 5.337   -4.320  1.00 12.44 ? 106 GLU A CG  1 
ATOM   840 C  CD  . GLU A 1 107 ? -21.222 6.644   -4.513  1.00 15.59 ? 106 GLU A CD  1 
ATOM   841 O  OE1 . GLU A 1 107 ? -20.694 6.812   -5.592  1.00 13.15 ? 106 GLU A OE1 1 
ATOM   842 O  OE2 . GLU A 1 107 ? -21.151 7.494   -3.562  1.00 11.46 ? 106 GLU A OE2 1 
ATOM   843 N  N   . GLU A 1 108 ? -22.061 0.733   -6.053  1.00 13.28 ? 107 GLU A N   1 
ATOM   844 C  CA  . GLU A 1 108 ? -22.122 -0.207  -7.179  1.00 15.79 ? 107 GLU A CA  1 
ATOM   845 C  C   . GLU A 1 108 ? -23.370 -1.027  -7.374  1.00 15.16 ? 107 GLU A C   1 
ATOM   846 O  O   . GLU A 1 108 ? -23.372 -1.958  -8.237  1.00 16.34 ? 107 GLU A O   1 
ATOM   847 C  CB  . GLU A 1 108 ? -21.014 -1.241  -7.050  1.00 16.31 ? 107 GLU A CB  1 
ATOM   848 C  CG  . GLU A 1 108 ? -20.539 -1.803  -8.404  1.00 22.77 ? 107 GLU A CG  1 
ATOM   849 C  CD  . GLU A 1 108 ? -19.514 -2.963  -8.138  1.00 24.17 ? 107 GLU A CD  1 
ATOM   850 O  OE1 . GLU A 1 108 ? -19.014 -2.991  -7.015  1.00 22.66 ? 107 GLU A OE1 1 
ATOM   851 O  OE2 . GLU A 1 108 ? -19.177 -3.820  -9.014  1.00 34.13 ? 107 GLU A OE2 1 
ATOM   852 N  N   . VAL A 1 109 ? -24.409 -0.735  -6.619  1.00 12.57 ? 108 VAL A N   1 
ATOM   853 C  CA  . VAL A 1 109 ? -25.692 -1.434  -6.798  1.00 11.35 ? 108 VAL A CA  1 
ATOM   854 C  C   . VAL A 1 109 ? -26.779 -0.416  -6.617  1.00 10.99 ? 108 VAL A C   1 
ATOM   855 O  O   . VAL A 1 109 ? -26.531 0.649   -5.998  1.00 10.62 ? 108 VAL A O   1 
ATOM   856 C  CB  . VAL A 1 109 ? -25.920 -2.594  -5.857  1.00 10.74 ? 108 VAL A CB  1 
ATOM   857 C  CG1 . VAL A 1 109 ? -24.869 -3.628  -6.050  1.00 15.31 ? 108 VAL A CG1 1 
ATOM   858 C  CG2 . VAL A 1 109 ? -26.027 -2.192  -4.358  1.00 11.01 ? 108 VAL A CG2 1 
ATOM   859 N  N   . GLU A 1 110 ? -27.954 -0.652  -7.231  1.00 9.41  ? 109 GLU A N   1 
ATOM   860 C  CA  . GLU A 1 110 ? -29.106 0.259   -7.019  1.00 9.88  ? 109 GLU A CA  1 
ATOM   861 C  C   . GLU A 1 110 ? -30.411 -0.435  -7.301  1.00 8.62  ? 109 GLU A C   1 
ATOM   862 O  O   . GLU A 1 110 ? -30.494 -1.221  -8.261  1.00 6.48  ? 109 GLU A O   1 
ATOM   863 C  CB  . GLU A 1 110 ? -29.005 1.560   -7.840  1.00 11.41 ? 109 GLU A CB  1 
ATOM   864 C  CG  . GLU A 1 110 ? -30.238 2.422   -7.893  1.00 17.81 ? 109 GLU A CG  1 
ATOM   865 C  CD  . GLU A 1 110 ? -30.115 3.669   -8.791  1.00 22.48 ? 109 GLU A CD  1 
ATOM   866 O  OE1 . GLU A 1 110 ? -29.446 3.677   -9.863  1.00 23.99 ? 109 GLU A OE1 1 
ATOM   867 O  OE2 . GLU A 1 110 ? -30.786 4.654   -8.423  1.00 31.12 ? 109 GLU A OE2 1 
ATOM   868 N  N   . GLU A 1 111 ? -31.436 -0.199  -6.473  1.00 8.89  ? 110 GLU A N   1 
ATOM   869 C  CA  . GLU A 1 111 ? -32.716 -0.826  -6.786  1.00 10.90 ? 110 GLU A CA  1 
ATOM   870 C  C   . GLU A 1 111 ? -33.517 0.151   -7.721  1.00 13.62 ? 110 GLU A C   1 
ATOM   871 O  O   . GLU A 1 111 ? -34.089 1.118   -7.147  1.00 15.96 ? 110 GLU A O   1 
ATOM   872 C  CB  . GLU A 1 111 ? -33.442 -1.259  -5.464  1.00 12.46 ? 110 GLU A CB  1 
ATOM   873 C  CG  . GLU A 1 111 ? -34.687 -2.052  -5.598  1.00 12.52 ? 110 GLU A CG  1 
ATOM   874 C  CD  . GLU A 1 111 ? -35.269 -2.545  -4.237  1.00 16.00 ? 110 GLU A CD  1 
ATOM   875 O  OE1 . GLU A 1 111 ? -35.282 -1.766  -3.254  1.00 16.65 ? 110 GLU A OE1 1 
ATOM   876 O  OE2 . GLU A 1 111 ? -35.732 -3.727  -4.254  1.00 12.89 ? 110 GLU A OE2 1 
HETATM 877 CS CS  . CS  B 2 .   ? 11.224  1.163   14.797  1.00 21.17 ? 201 CS  A CS  1 
HETATM 878 CS CS  . CS  C 2 .   ? 12.369  8.038   -7.257  1.00 28.51 ? 202 CS  A CS  1 
HETATM 879 CS CS  . CS  D 2 .   ? -7.221  10.307  -3.949  1.00 35.16 ? 203 CS  A CS  1 
HETATM 880 O  O   . HOH E 3 .   ? -33.972 1.130   -10.469 1.00 37.09 ? 204 HOH A O   1 
HETATM 881 O  O   . HOH E 3 .   ? 7.338   -2.340  -15.851 1.00 23.58 ? 205 HOH A O   1 
HETATM 882 O  O   . HOH E 3 .   ? 7.939   9.358   -0.760  1.00 11.70 ? 206 HOH A O   1 
HETATM 883 O  O   . HOH E 3 .   ? -35.447 -5.543  -6.159  1.00 12.01 ? 207 HOH A O   1 
HETATM 884 O  O   . HOH E 3 .   ? 11.489  -7.229  4.755   1.00 11.66 ? 208 HOH A O   1 
HETATM 885 O  O   . HOH E 3 .   ? 11.190  -4.520  5.793   1.00 10.08 ? 209 HOH A O   1 
HETATM 886 O  O   . HOH E 3 .   ? 13.907  -0.887  15.354  1.00 19.23 ? 210 HOH A O   1 
HETATM 887 O  O   . HOH E 3 .   ? -19.838 -7.371  -0.586  1.00 8.77  ? 211 HOH A O   1 
HETATM 888 O  O   . HOH E 3 .   ? 17.231  -9.711  -7.292  1.00 5.75  ? 212 HOH A O   1 
HETATM 889 O  O   . HOH E 3 .   ? 6.294   4.387   -10.732 1.00 8.43  ? 213 HOH A O   1 
HETATM 890 O  O   . HOH E 3 .   ? 12.897  2.021   -12.829 1.00 8.08  ? 214 HOH A O   1 
HETATM 891 O  O   . HOH E 3 .   ? 13.337  6.578   -4.112  1.00 11.87 ? 215 HOH A O   1 
HETATM 892 O  O   . HOH E 3 .   ? -4.731  -8.336  0.735   1.00 12.37 ? 216 HOH A O   1 
HETATM 893 O  O   . HOH E 3 .   ? 1.644   -5.999  7.486   1.00 12.47 ? 217 HOH A O   1 
HETATM 894 O  O   . HOH E 3 .   ? -11.254 11.849  -1.394  1.00 21.14 ? 218 HOH A O   1 
HETATM 895 O  O   . HOH E 3 .   ? -0.531  6.690   -6.039  1.00 8.92  ? 219 HOH A O   1 
HETATM 896 O  O   . HOH E 3 .   ? 8.823   10.677  1.965   1.00 12.53 ? 220 HOH A O   1 
HETATM 897 O  O   . HOH E 3 .   ? -8.853  -7.886  10.346  1.00 19.23 ? 221 HOH A O   1 
HETATM 898 O  O   . HOH E 3 .   ? -8.028  12.199  -0.003  1.00 14.09 ? 222 HOH A O   1 
HETATM 899 O  O   . HOH E 3 .   ? 2.438   6.419   10.820  1.00 19.95 ? 223 HOH A O   1 
HETATM 900 O  O   . HOH E 3 .   ? -9.803  11.955  -4.737  1.00 10.44 ? 224 HOH A O   1 
HETATM 901 O  O   . HOH E 3 .   ? 7.469   0.153   7.342   1.00 11.27 ? 225 HOH A O   1 
HETATM 902 O  O   . HOH E 3 .   ? 20.301  -5.771  3.180   1.00 10.28 ? 226 HOH A O   1 
HETATM 903 O  O   . HOH E 3 .   ? 22.980  -4.820  4.010   1.00 16.66 ? 227 HOH A O   1 
HETATM 904 O  O   . HOH E 3 .   ? -2.376  9.200   3.961   1.00 11.48 ? 228 HOH A O   1 
HETATM 905 O  O   . HOH E 3 .   ? 3.303   6.760   8.161   1.00 9.87  ? 229 HOH A O   1 
HETATM 906 O  O   . HOH E 3 .   ? -3.069  7.930   -3.600  1.00 13.95 ? 230 HOH A O   1 
HETATM 907 O  O   . HOH E 3 .   ? 17.830  -9.165  5.426   1.00 23.10 ? 231 HOH A O   1 
HETATM 908 O  O   . HOH E 3 .   ? -4.892  6.663   -6.600  1.00 19.08 ? 232 HOH A O   1 
HETATM 909 O  O   . HOH E 3 .   ? 15.353  6.940   5.117   1.00 11.89 ? 233 HOH A O   1 
HETATM 910 O  O   . HOH E 3 .   ? -13.999 -0.130  -4.167  1.00 18.68 ? 234 HOH A O   1 
HETATM 911 O  O   . HOH E 3 .   ? -2.063  2.732   9.362   1.00 22.07 ? 235 HOH A O   1 
HETATM 912 O  O   . HOH E 3 .   ? 3.263   8.197   -4.481  1.00 10.50 ? 236 HOH A O   1 
HETATM 913 O  O   . HOH E 3 .   ? -8.850  -3.090  10.761  1.00 15.98 ? 237 HOH A O   1 
HETATM 914 O  O   . HOH E 3 .   ? 5.007   -9.595  -0.972  1.00 11.29 ? 238 HOH A O   1 
HETATM 915 O  O   . HOH E 3 .   ? 9.578   -9.310  -6.714  1.00 18.47 ? 239 HOH A O   1 
HETATM 916 O  O   . HOH E 3 .   ? -11.676 2.069   -8.957  1.00 19.69 ? 240 HOH A O   1 
HETATM 917 O  O   . HOH E 3 .   ? -24.859 1.040   6.051   1.00 22.00 ? 241 HOH A O   1 
HETATM 918 O  O   . HOH E 3 .   ? 4.530   -9.205  -4.384  1.00 19.37 ? 242 HOH A O   1 
HETATM 919 O  O   . HOH E 3 .   ? -25.451 3.501   -7.743  1.00 26.43 ? 243 HOH A O   1 
HETATM 920 O  O   . HOH E 3 .   ? -9.180  7.533   -5.434  1.00 11.85 ? 244 HOH A O   1 
HETATM 921 O  O   . HOH E 3 .   ? -9.322  8.818   2.105   1.00 14.58 ? 245 HOH A O   1 
HETATM 922 O  O   . HOH E 3 .   ? -9.553  -3.878  7.726   1.00 13.61 ? 246 HOH A O   1 
HETATM 923 O  O   . HOH E 3 .   ? -13.865 11.930  -4.814  1.00 22.37 ? 247 HOH A O   1 
HETATM 924 O  O   . HOH E 3 .   ? -20.549 -6.208  7.313   1.00 18.62 ? 248 HOH A O   1 
HETATM 925 O  O   . HOH E 3 .   ? -11.525 -3.949  -9.862  1.00 15.16 ? 249 HOH A O   1 
HETATM 926 O  O   . HOH E 3 .   ? -18.419 -5.345  7.927   1.00 24.27 ? 250 HOH A O   1 
HETATM 927 O  O   . HOH E 3 .   ? -5.277  -1.209  -10.125 1.00 26.10 ? 251 HOH A O   1 
HETATM 928 O  O   . HOH E 3 .   ? -7.932  -1.960  -10.008 1.00 13.72 ? 252 HOH A O   1 
HETATM 929 O  O   . HOH E 3 .   ? 10.392  10.408  -7.038  1.00 26.08 ? 253 HOH A O   1 
HETATM 930 O  O   . HOH E 3 .   ? -16.480 7.351   2.058   1.00 22.80 ? 254 HOH A O   1 
HETATM 931 O  O   . HOH E 3 .   ? 19.901  -8.318  -7.742  1.00 22.20 ? 255 HOH A O   1 
HETATM 932 O  O   . HOH E 3 .   ? -10.322 5.424   -6.854  1.00 17.80 ? 256 HOH A O   1 
HETATM 933 O  O   . HOH E 3 .   ? -8.713  1.476   10.534  1.00 18.33 ? 257 HOH A O   1 
HETATM 934 O  O   . HOH E 3 .   ? 4.961   2.295   -14.552 1.00 15.73 ? 258 HOH A O   1 
HETATM 935 O  O   . HOH E 3 .   ? -14.808 -2.869  -3.842  1.00 18.62 ? 259 HOH A O   1 
HETATM 936 O  O   . HOH E 3 .   ? -13.186 5.496   -6.796  1.00 19.14 ? 260 HOH A O   1 
HETATM 937 O  O   . HOH E 3 .   ? -32.935 0.182   -2.057  1.00 14.66 ? 261 HOH A O   1 
HETATM 938 O  O   . HOH E 3 .   ? -10.231 9.062   -0.890  1.00 11.61 ? 262 HOH A O   1 
HETATM 939 O  O   . HOH E 3 .   ? 14.673  -3.152  -13.886 1.00 29.76 ? 263 HOH A O   1 
HETATM 940 O  O   . HOH E 3 .   ? 10.047  12.944  6.533   1.00 15.55 ? 264 HOH A O   1 
HETATM 941 O  O   . HOH E 3 .   ? -15.639 7.066   -5.628  1.00 18.61 ? 265 HOH A O   1 
HETATM 942 O  O   . HOH E 3 .   ? -17.483 -1.279  8.058   1.00 16.84 ? 266 HOH A O   1 
HETATM 943 O  O   . HOH E 3 .   ? -11.045 -7.779  3.676   1.00 26.64 ? 267 HOH A O   1 
HETATM 944 O  O   . HOH E 3 .   ? 0.708   5.542   -8.204  1.00 26.74 ? 268 HOH A O   1 
HETATM 945 O  O   . HOH E 3 .   ? 16.257  -3.687  16.210  1.00 22.84 ? 269 HOH A O   1 
HETATM 946 O  O   . HOH E 3 .   ? -19.803 2.768   -8.134  1.00 19.49 ? 270 HOH A O   1 
HETATM 947 O  O   . HOH E 3 .   ? 12.856  8.273   -12.161 1.00 23.67 ? 271 HOH A O   1 
HETATM 948 O  O   . HOH E 3 .   ? 25.716  -6.397  7.770   1.00 39.08 ? 272 HOH A O   1 
HETATM 949 O  O   . HOH E 3 .   ? -36.928 0.905   -2.863  1.00 27.12 ? 273 HOH A O   1 
HETATM 950 O  O   . HOH E 3 .   ? 0.004   10.451  -3.935  1.00 29.17 ? 274 HOH A O   1 
HETATM 951 O  O   . HOH E 3 .   ? -12.556 -4.535  11.156  1.00 36.74 ? 275 HOH A O   1 
HETATM 952 O  O   . HOH E 3 .   ? -4.894  3.421   11.362  1.00 28.95 ? 276 HOH A O   1 
HETATM 953 O  O   . HOH E 3 .   ? -10.124 -6.657  7.879   1.00 29.32 ? 277 HOH A O   1 
HETATM 954 O  O   . HOH E 3 .   ? 1.676   10.823  -1.058  1.00 32.96 ? 278 HOH A O   1 
HETATM 955 O  O   . HOH E 3 .   ? 13.695  4.344   14.068  1.00 27.37 ? 279 HOH A O   1 
HETATM 956 O  O   . HOH E 3 .   ? -14.360 -5.832  -5.800  1.00 24.24 ? 280 HOH A O   1 
HETATM 957 O  O   . HOH E 3 .   ? 0.412   -3.702  -11.679 1.00 19.28 ? 281 HOH A O   1 
HETATM 958 O  O   . HOH E 3 .   ? -7.242  -10.013 8.819   1.00 35.01 ? 282 HOH A O   1 
HETATM 959 O  O   . HOH E 3 .   ? -4.441  1.660   -10.447 1.00 28.12 ? 283 HOH A O   1 
HETATM 960 O  O   . HOH E 3 .   ? 21.208  -5.407  11.912  1.00 25.30 ? 284 HOH A O   1 
HETATM 961 O  O   . HOH E 3 .   ? -5.015  10.070  -4.442  1.00 2.76  ? 285 HOH A O   1 
HETATM 962 O  O   . HOH E 3 .   ? 7.226   -6.485  -8.004  1.00 23.75 ? 286 HOH A O   1 
HETATM 963 O  O   . HOH E 3 .   ? -16.239 -4.529  8.271   1.00 44.17 ? 287 HOH A O   1 
HETATM 964 O  O   . HOH E 3 .   ? -23.690 -4.272  5.836   1.00 33.71 ? 288 HOH A O   1 
HETATM 965 O  O   . HOH E 3 .   ? -13.280 -0.787  14.725  1.00 30.61 ? 289 HOH A O   1 
HETATM 966 O  O   . HOH E 3 .   ? 20.358  -8.358  3.225   1.00 29.38 ? 290 HOH A O   1 
HETATM 967 O  O   . HOH E 3 .   ? 11.464  11.439  -9.647  1.00 38.73 ? 291 HOH A O   1 
HETATM 968 O  O   . HOH E 3 .   ? -31.148 1.200   -4.033  1.00 13.45 ? 292 HOH A O   1 
HETATM 969 O  O   . HOH E 3 .   ? -5.246  4.574   -9.405  1.00 42.55 ? 293 HOH A O   1 
HETATM 970 O  O   . HOH E 3 .   ? -10.040 2.114   15.525  1.00 52.14 ? 294 HOH A O   1 
HETATM 971 O  O   . HOH E 3 .   ? -6.268  2.362   -12.081 1.00 41.10 ? 295 HOH A O   1 
HETATM 972 O  O   . HOH E 3 .   ? 1.391   4.792   7.266   1.00 21.32 ? 296 HOH A O   1 
HETATM 973 O  O   . HOH E 3 .   ? 12.482  -4.931  -11.787 1.00 30.74 ? 297 HOH A O   1 
HETATM 974 O  O   . HOH E 3 .   ? 3.562   -11.625 -3.262  1.00 44.09 ? 298 HOH A O   1 
HETATM 975 O  O   . HOH E 3 .   ? 25.251  -2.609  6.278   1.00 29.79 ? 299 HOH A O   1 
HETATM 976 O  O   . HOH E 3 .   ? -10.588 -10.839 3.026   1.00 31.07 ? 300 HOH A O   1 
HETATM 977 O  O   . HOH E 3 .   ? 18.590  2.815   18.653  1.00 44.21 ? 301 HOH A O   1 
HETATM 978 O  O   . HOH E 3 .   ? -9.754  3.912   -10.991 1.00 56.71 ? 302 HOH A O   1 
HETATM 979 O  O   . HOH E 3 .   ? -15.394 7.918   9.465   1.00 39.00 ? 303 HOH A O   1 
HETATM 980 O  O   . HOH E 3 .   ? -12.211 -2.422  13.141  1.00 41.33 ? 304 HOH A O   1 
HETATM 981 O  O   . HOH E 3 .   ? 3.495   -14.142 -1.779  1.00 35.65 ? 305 HOH A O   1 
HETATM 982 O  O   . HOH E 3 .   ? 13.197  -17.476 -7.226  1.00 42.91 ? 306 HOH A O   1 
HETATM 983 O  O   . HOH E 3 .   ? 1.059   -0.236  -13.622 1.00 39.34 ? 307 HOH A O   1 
HETATM 984 O  O   . HOH E 3 .   ? -6.131  -9.695  3.162   1.00 71.10 ? 308 HOH A O   1 
HETATM 985 O  O   . HOH E 3 .   ? 11.985  9.306   -10.009 1.00 26.59 ? 309 HOH A O   1 
HETATM 986 O  O   . HOH E 3 .   ? -34.257 3.467   -5.177  1.00 38.58 ? 310 HOH A O   1 
HETATM 987 O  O   . HOH E 3 .   ? -12.540 3.403   -10.673 1.00 34.48 ? 311 HOH A O   1 
HETATM 988 O  O   . HOH E 3 .   ? -15.763 -2.214  -5.974  1.00 47.95 ? 312 HOH A O   1 
HETATM 989 O  O   . HOH E 3 .   ? 10.988  -5.752  -14.593 1.00 24.09 ? 313 HOH A O   1 
HETATM 990 O  O   . HOH E 3 .   ? 15.496  -0.248  -13.228 1.00 33.80 ? 314 HOH A O   1 
HETATM 991 O  O   . HOH E 3 .   ? 5.396   -15.019 -4.408  1.00 46.58 ? 315 HOH A O   1 
HETATM 992 O  O   . HOH E 3 .   ? 15.362  3.355   11.032  1.00 7.29  ? 316 HOH A O   1 
HETATM 993 O  O   . HOH E 3 .   ? 23.593  -6.390  6.448   1.00 26.22 ? 317 HOH A O   1 
HETATM 994 O  O   . HOH E 3 .   ? -18.657 -2.385  -10.498 1.00 14.84 ? 318 HOH A O   1 
HETATM 995 O  O   . HOH E 3 .   ? 6.965   13.549  10.131  1.00 17.40 ? 319 HOH A O   1 
HETATM 996 O  O   . HOH E 3 .   ? 10.174  7.763   -15.778 1.00 16.86 ? 320 HOH A O   1 
HETATM 997 O  O   . HOH E 3 .   ? 9.992   -4.660  -0.213  1.00 24.73 ? 321 HOH A O   1 
# 
